data_6VFW
#
_entry.id   6VFW
#
_cell.length_a   346.550
_cell.length_b   73.193
_cell.length_c   246.328
_cell.angle_alpha   90.000
_cell.angle_beta   132.057
_cell.angle_gamma   90.000
#
_symmetry.space_group_name_H-M   'C 1 2 1'
#
loop_
_entity.id
_entity.type
_entity.pdbx_description
1 polymer Protocadherin-10
2 branched alpha-D-mannopyranose-(1-3)-[alpha-D-mannopyranose-(1-6)]beta-D-mannopyranose-(1-4)-2-acetamido-2-deoxy-beta-D-glucopyranose-(1-4)-[alpha-L-fucopyranose-(1-6)]2-acetamido-2-deoxy-beta-D-glucopyranose
3 non-polymer 'CALCIUM ION'
4 non-polymer alpha-D-mannopyranose
5 water water
#
_entity_poly.entity_id   1
_entity_poly.type   'polypeptide(L)'
_entity_poly.pdbx_seq_one_letter_code
;SQLHYTVQEEQEHGTFVGNIAEDLGLDITKLSARGFQTVPNSRTPYLDLNLETGVLYVNEKIDREQICKQSPSCVLHLEV
FLENPLELFQVEIEVLDINDNPPSFPEPDLTVEISESATPGTRFPLESAFDPDVGTNSLRDYEITPNSYFSLDVQTQGDG
NRFAELVLEKPLDREQQAVHRYVLTAVDGGGGGGVGEGGGGGGGAGLPPQQQRTGTALLTIRVLDSNDNVPAFDQPVYTV
SLPENSPPGTLVIQLNATDPDEGQNGEVVYSFSSHISPRARELFGLSPRTGRLEVSGELDYEESPVYQVYVQAKDLGPNA
VPAHCKVLVRVLDANDNAPEISFSTVKEAVSEGAAPGTVVALFSVTDRDSEENGQVQCELLGDVPFRLKSSFKNYYTIVT
EAPLDREAGDSYTLTVVARDRGEPALSTSKSIQVQVSDHHHHHH
;
_entity_poly.pdbx_strand_id   A,B,C,D,E
#
loop_
_chem_comp.id
_chem_comp.type
_chem_comp.name
_chem_comp.formula
BMA D-saccharide, beta linking beta-D-mannopyranose 'C6 H12 O6'
CA non-polymer 'CALCIUM ION' 'Ca 2'
FUC L-saccharide, alpha linking alpha-L-fucopyranose 'C6 H12 O5'
MAN D-saccharide, alpha linking alpha-D-mannopyranose 'C6 H12 O6'
NAG D-saccharide, beta linking 2-acetamido-2-deoxy-beta-D-glucopyranose 'C8 H15 N O6'
#
# COMPACT_ATOMS: atom_id res chain seq x y z
N GLN A 2 -90.20 59.80 30.89
CA GLN A 2 -90.04 59.38 29.50
C GLN A 2 -90.35 57.89 29.43
N LEU A 3 -91.10 57.48 28.41
CA LEU A 3 -91.65 56.14 28.32
C LEU A 3 -90.71 55.24 27.51
N HIS A 4 -90.71 53.96 27.88
CA HIS A 4 -89.86 52.96 27.22
C HIS A 4 -90.74 51.81 26.75
N TYR A 5 -90.64 51.49 25.45
CA TYR A 5 -91.28 50.33 24.87
C TYR A 5 -90.26 49.54 24.05
N THR A 6 -90.60 48.31 23.72
CA THR A 6 -89.78 47.48 22.84
C THR A 6 -90.66 46.83 21.78
N VAL A 7 -90.05 46.57 20.63
CA VAL A 7 -90.73 45.93 19.51
C VAL A 7 -89.70 45.17 18.68
N GLN A 8 -90.05 43.94 18.30
CA GLN A 8 -89.22 43.16 17.40
C GLN A 8 -89.28 43.74 15.98
N GLU A 9 -88.16 43.65 15.27
CA GLU A 9 -88.19 43.94 13.85
C GLU A 9 -89.01 42.89 13.11
N GLU A 10 -89.54 43.28 11.95
CA GLU A 10 -90.31 42.40 11.09
C GLU A 10 -91.66 42.03 11.71
N GLN A 11 -92.22 42.89 12.55
CA GLN A 11 -93.59 42.74 13.02
C GLN A 11 -94.55 43.31 11.99
N GLU A 12 -95.66 42.61 11.77
CA GLU A 12 -96.61 43.01 10.75
C GLU A 12 -97.42 44.23 11.21
N HIS A 13 -98.03 44.90 10.24
CA HIS A 13 -98.86 46.07 10.52
C HIS A 13 -99.87 45.79 11.63
N GLY A 14 -100.07 46.79 12.49
CA GLY A 14 -101.07 46.71 13.53
C GLY A 14 -100.61 46.07 14.83
N THR A 15 -99.33 45.75 14.97
CA THR A 15 -98.84 45.14 16.19
C THR A 15 -98.77 46.15 17.32
N PHE A 16 -99.13 45.70 18.52
CA PHE A 16 -99.12 46.54 19.71
C PHE A 16 -97.67 46.87 20.09
N VAL A 17 -97.40 48.14 20.32
CA VAL A 17 -96.10 48.61 20.78
C VAL A 17 -96.18 49.06 22.24
N GLY A 18 -97.20 49.84 22.58
CA GLY A 18 -97.32 50.29 23.96
C GLY A 18 -98.53 51.16 24.19
N ASN A 19 -99.07 51.19 25.40
CA ASN A 19 -100.26 52.00 25.69
C ASN A 19 -99.82 53.29 26.39
N ILE A 20 -99.70 54.36 25.60
CA ILE A 20 -99.22 55.63 26.14
C ILE A 20 -100.24 56.25 27.08
N ALA A 21 -101.53 56.22 26.71
CA ALA A 21 -102.57 56.79 27.56
C ALA A 21 -102.52 56.20 28.97
N GLU A 22 -102.54 54.87 29.06
CA GLU A 22 -102.51 54.22 30.37
C GLU A 22 -101.23 54.60 31.12
N ASP A 23 -100.07 54.42 30.49
CA ASP A 23 -98.79 54.64 31.14
C ASP A 23 -98.54 56.09 31.55
N LEU A 24 -99.31 57.05 31.03
CA LEU A 24 -99.12 58.45 31.40
C LEU A 24 -100.16 58.97 32.37
N GLY A 25 -101.15 58.16 32.75
CA GLY A 25 -102.17 58.60 33.67
C GLY A 25 -103.23 59.49 33.07
N LEU A 26 -103.37 59.47 31.75
CA LEU A 26 -104.39 60.24 31.04
C LEU A 26 -105.60 59.35 30.80
N ASP A 27 -106.77 59.80 31.22
CA ASP A 27 -108.00 59.08 30.91
C ASP A 27 -108.37 59.33 29.45
N ILE A 28 -108.85 58.28 28.78
CA ILE A 28 -109.09 58.36 27.34
C ILE A 28 -110.23 59.32 27.01
N THR A 29 -111.11 59.61 27.97
CA THR A 29 -112.24 60.50 27.68
C THR A 29 -111.79 61.93 27.49
N LYS A 30 -110.66 62.32 28.07
CA LYS A 30 -110.15 63.68 27.97
C LYS A 30 -109.12 63.87 26.87
N LEU A 31 -108.71 62.80 26.19
CA LEU A 31 -107.64 62.92 25.21
C LEU A 31 -108.02 63.84 24.06
N SER A 32 -109.24 63.69 23.53
CA SER A 32 -109.66 64.54 22.42
C SER A 32 -109.69 66.00 22.84
N ALA A 33 -110.22 66.30 24.02
CA ALA A 33 -110.25 67.67 24.51
C ALA A 33 -108.83 68.20 24.71
N ARG A 34 -107.95 67.39 25.31
CA ARG A 34 -106.61 67.82 25.66
C ARG A 34 -105.68 67.94 24.45
N GLY A 35 -106.16 67.60 23.25
CA GLY A 35 -105.34 67.71 22.05
C GLY A 35 -104.22 66.71 21.93
N PHE A 36 -104.39 65.51 22.47
CA PHE A 36 -103.39 64.44 22.34
C PHE A 36 -102.97 64.27 20.89
N GLN A 37 -101.71 64.56 20.59
CA GLN A 37 -101.22 64.51 19.22
C GLN A 37 -99.72 64.22 19.25
N THR A 38 -99.20 63.76 18.11
CA THR A 38 -97.77 63.53 17.95
C THR A 38 -97.05 64.82 17.58
N VAL A 39 -95.89 65.04 18.16
CA VAL A 39 -95.09 66.24 17.85
C VAL A 39 -94.67 66.19 16.39
N PRO A 40 -94.80 67.30 15.63
CA PRO A 40 -94.44 67.25 14.20
C PRO A 40 -93.05 66.70 13.92
N ASN A 41 -92.06 67.02 14.75
CA ASN A 41 -90.68 66.64 14.44
C ASN A 41 -90.44 65.14 14.53
N SER A 42 -91.16 64.45 15.41
CA SER A 42 -90.85 63.06 15.73
C SER A 42 -91.71 62.06 14.98
N ARG A 43 -92.51 62.50 14.01
CA ARG A 43 -93.23 61.55 13.17
C ARG A 43 -92.24 60.58 12.54
N THR A 44 -92.63 59.31 12.52
CA THR A 44 -91.83 58.24 11.95
C THR A 44 -92.78 57.29 11.25
N PRO A 45 -92.47 56.85 10.02
CA PRO A 45 -93.37 55.93 9.32
C PRO A 45 -93.47 54.56 9.95
N TYR A 46 -92.77 54.32 11.06
CA TYR A 46 -92.73 53.02 11.72
C TYR A 46 -93.72 52.89 12.87
N LEU A 47 -94.34 53.99 13.31
CA LEU A 47 -95.19 53.96 14.50
C LEU A 47 -96.46 54.78 14.26
N ASP A 48 -97.61 54.20 14.60
CA ASP A 48 -98.90 54.88 14.57
C ASP A 48 -99.41 55.09 15.99
N LEU A 49 -99.86 56.32 16.28
CA LEU A 49 -100.40 56.69 17.58
C LEU A 49 -101.90 56.92 17.45
N ASN A 50 -102.69 56.00 18.00
CA ASN A 50 -104.15 56.16 18.05
C ASN A 50 -104.50 57.22 19.08
N LEU A 51 -105.02 58.37 18.61
CA LEU A 51 -105.17 59.53 19.49
C LEU A 51 -106.34 59.38 20.45
N GLU A 52 -107.38 58.62 20.09
CA GLU A 52 -108.53 58.48 20.99
C GLU A 52 -108.34 57.39 22.03
N THR A 53 -107.38 56.48 21.85
CA THR A 53 -107.05 55.49 22.85
C THR A 53 -105.66 55.67 23.45
N GLY A 54 -104.76 56.36 22.75
CA GLY A 54 -103.41 56.54 23.23
C GLY A 54 -102.52 55.33 23.05
N VAL A 55 -102.84 54.42 22.15
CA VAL A 55 -102.09 53.19 21.96
C VAL A 55 -101.18 53.34 20.75
N LEU A 56 -99.93 52.93 20.92
CA LEU A 56 -98.90 52.95 19.89
C LEU A 56 -98.83 51.57 19.26
N TYR A 57 -99.09 51.50 17.96
CA TYR A 57 -99.05 50.27 17.18
C TYR A 57 -98.00 50.37 16.09
N VAL A 58 -97.47 49.22 15.67
CA VAL A 58 -96.61 49.16 14.49
C VAL A 58 -97.44 49.49 13.26
N ASN A 59 -96.89 50.33 12.39
CA ASN A 59 -97.53 50.68 11.13
C ASN A 59 -96.79 49.97 10.00
N GLU A 60 -95.71 50.56 9.48
CA GLU A 60 -94.91 49.97 8.43
C GLU A 60 -93.79 49.12 9.04
N LYS A 61 -93.57 47.95 8.47
CA LYS A 61 -92.69 46.95 9.06
C LYS A 61 -91.26 47.47 9.22
N ILE A 62 -90.67 47.20 10.39
CA ILE A 62 -89.34 47.67 10.74
C ILE A 62 -88.30 46.62 10.37
N ASP A 63 -87.36 46.99 9.50
CA ASP A 63 -86.16 46.19 9.21
C ASP A 63 -84.97 46.84 9.89
N ARG A 64 -84.54 46.28 11.03
CA ARG A 64 -83.48 46.90 11.81
C ARG A 64 -82.20 47.07 11.01
N GLU A 65 -81.90 46.14 10.09
CA GLU A 65 -80.67 46.24 9.31
C GLU A 65 -80.62 47.54 8.51
N GLN A 66 -81.77 48.09 8.14
CA GLN A 66 -81.78 49.29 7.30
C GLN A 66 -81.74 50.57 8.12
N ILE A 67 -82.54 50.68 9.19
CA ILE A 67 -82.59 51.93 9.94
C ILE A 67 -81.36 52.11 10.80
N CYS A 68 -80.84 51.02 11.37
CA CYS A 68 -79.77 51.09 12.33
C CYS A 68 -78.51 50.34 11.87
N LYS A 69 -78.54 49.72 10.69
CA LYS A 69 -77.36 49.07 10.13
C LYS A 69 -76.74 48.15 11.18
N GLN A 70 -75.48 48.40 11.55
CA GLN A 70 -74.78 47.55 12.50
C GLN A 70 -74.61 48.25 13.85
N SER A 71 -75.38 49.30 14.10
CA SER A 71 -75.38 49.95 15.40
C SER A 71 -75.77 48.94 16.47
N PRO A 72 -75.04 48.86 17.60
CA PRO A 72 -75.46 47.96 18.68
C PRO A 72 -76.77 48.37 19.35
N SER A 73 -77.22 49.62 19.19
CA SER A 73 -78.45 50.08 19.79
C SER A 73 -79.34 50.68 18.72
N CYS A 74 -80.66 50.47 18.85
CA CYS A 74 -81.61 50.96 17.86
C CYS A 74 -82.84 51.47 18.60
N VAL A 75 -83.07 52.78 18.54
CA VAL A 75 -84.13 53.44 19.30
C VAL A 75 -84.83 54.44 18.40
N LEU A 76 -86.13 54.26 18.20
CA LEU A 76 -86.97 55.26 17.54
C LEU A 76 -87.49 56.24 18.58
N HIS A 77 -87.38 57.53 18.29
CA HIS A 77 -87.76 58.59 19.21
C HIS A 77 -89.06 59.21 18.72
N LEU A 78 -90.13 59.00 19.48
CA LEU A 78 -91.44 59.57 19.20
C LEU A 78 -91.80 60.52 20.33
N GLU A 79 -92.48 61.62 20.00
CA GLU A 79 -92.92 62.58 21.01
C GLU A 79 -94.42 62.77 20.91
N VAL A 80 -95.07 62.83 22.08
CA VAL A 80 -96.49 63.13 22.17
C VAL A 80 -96.65 64.33 23.10
N PHE A 81 -97.76 65.04 22.96
CA PHE A 81 -98.00 66.19 23.81
C PHE A 81 -99.50 66.41 24.00
N LEU A 82 -99.83 67.03 25.13
CA LEU A 82 -101.18 67.49 25.44
C LEU A 82 -101.15 69.00 25.69
N GLU A 83 -102.33 69.61 25.58
CA GLU A 83 -102.49 71.05 25.68
C GLU A 83 -103.41 71.40 26.86
N ASN A 84 -103.25 72.63 27.35
CA ASN A 84 -104.12 73.19 28.39
C ASN A 84 -104.30 72.29 29.61
N PRO A 85 -103.24 72.15 30.44
CA PRO A 85 -101.94 72.80 30.28
C PRO A 85 -101.02 72.03 29.34
N LEU A 86 -100.00 72.72 28.85
CA LEU A 86 -99.06 72.12 27.93
C LEU A 86 -98.16 71.11 28.65
N GLU A 87 -98.18 69.86 28.20
CA GLU A 87 -97.35 68.81 28.75
C GLU A 87 -96.76 68.00 27.60
N LEU A 88 -95.45 67.84 27.58
CA LEU A 88 -94.78 67.08 26.53
C LEU A 88 -94.19 65.81 27.13
N PHE A 89 -94.36 64.71 26.40
CA PHE A 89 -93.90 63.40 26.82
C PHE A 89 -93.09 62.75 25.71
N GLN A 90 -91.97 62.15 26.07
CA GLN A 90 -91.11 61.46 25.13
C GLN A 90 -91.32 59.96 25.26
N VAL A 91 -91.31 59.27 24.12
CA VAL A 91 -91.57 57.84 24.04
C VAL A 91 -90.46 57.23 23.19
N GLU A 92 -89.65 56.37 23.80
CA GLU A 92 -88.61 55.64 23.11
C GLU A 92 -89.09 54.23 22.80
N ILE A 93 -88.99 53.84 21.53
CA ILE A 93 -89.39 52.52 21.08
C ILE A 93 -88.13 51.81 20.60
N GLU A 94 -87.70 50.81 21.36
CA GLU A 94 -86.47 50.08 21.06
C GLU A 94 -86.76 48.93 20.09
N VAL A 95 -86.00 48.89 19.00
CA VAL A 95 -86.15 47.86 17.98
C VAL A 95 -85.15 46.75 18.28
N LEU A 96 -85.65 45.53 18.49
CA LEU A 96 -84.79 44.39 18.81
C LEU A 96 -84.42 43.62 17.54
N ASP A 97 -83.17 43.19 17.48
CA ASP A 97 -82.65 42.47 16.32
C ASP A 97 -83.00 40.99 16.35
N ILE A 98 -83.40 40.46 15.20
CA ILE A 98 -83.54 39.03 15.00
C ILE A 98 -82.46 38.55 14.04
N ASN A 99 -82.28 37.23 13.98
CA ASN A 99 -81.27 36.61 13.14
C ASN A 99 -81.88 36.18 11.81
N ASP A 100 -82.18 37.16 10.95
CA ASP A 100 -82.72 36.88 9.64
C ASP A 100 -81.69 37.05 8.53
N ASN A 101 -80.40 37.04 8.87
CA ASN A 101 -79.33 37.14 7.89
C ASN A 101 -78.19 36.23 8.31
N PRO A 102 -77.58 35.51 7.37
CA PRO A 102 -76.44 34.67 7.71
C PRO A 102 -75.15 35.46 7.60
N PRO A 103 -74.08 34.99 8.22
CA PRO A 103 -72.76 35.55 7.93
C PRO A 103 -72.42 35.33 6.46
N SER A 104 -71.65 36.27 5.90
CA SER A 104 -71.31 36.22 4.49
C SER A 104 -69.85 36.60 4.34
N PHE A 105 -69.16 35.94 3.37
CA PHE A 105 -67.75 36.23 3.11
C PHE A 105 -67.61 37.26 2.00
N PRO A 106 -66.58 38.12 2.09
CA PRO A 106 -66.39 39.12 1.03
C PRO A 106 -66.03 38.50 -0.31
N GLU A 107 -65.27 37.40 -0.32
CA GLU A 107 -64.97 36.69 -1.56
C GLU A 107 -65.48 35.27 -1.51
N PRO A 108 -66.12 34.78 -2.57
CA PRO A 108 -66.60 33.40 -2.55
C PRO A 108 -65.46 32.39 -2.59
N ASP A 109 -64.45 32.66 -3.40
CA ASP A 109 -63.26 31.81 -3.51
C ASP A 109 -62.07 32.58 -3.00
N LEU A 110 -61.36 32.00 -2.05
CA LEU A 110 -60.16 32.60 -1.50
C LEU A 110 -58.95 31.80 -1.94
N THR A 111 -57.92 32.51 -2.40
CA THR A 111 -56.65 31.91 -2.76
C THR A 111 -55.57 32.63 -1.96
N VAL A 112 -54.71 31.86 -1.31
CA VAL A 112 -53.61 32.40 -0.54
C VAL A 112 -52.37 31.60 -0.93
N GLU A 113 -51.28 32.31 -1.20
CA GLU A 113 -50.04 31.69 -1.64
C GLU A 113 -49.08 31.63 -0.47
N ILE A 114 -48.51 30.45 -0.26
CA ILE A 114 -47.63 30.17 0.87
C ILE A 114 -46.39 29.47 0.35
N SER A 115 -45.22 30.04 0.65
CA SER A 115 -43.98 29.37 0.31
C SER A 115 -43.87 28.06 1.08
N GLU A 116 -43.47 26.99 0.37
CA GLU A 116 -43.34 25.69 1.01
C GLU A 116 -42.33 25.71 2.14
N SER A 117 -41.49 26.74 2.23
CA SER A 117 -40.54 26.89 3.32
C SER A 117 -41.10 27.73 4.46
N ALA A 118 -42.41 27.94 4.49
CA ALA A 118 -43.01 28.65 5.62
C ALA A 118 -42.87 27.82 6.88
N THR A 119 -42.57 28.48 7.98
CA THR A 119 -42.35 27.77 9.23
C THR A 119 -43.69 27.49 9.91
N PRO A 120 -43.90 26.27 10.43
CA PRO A 120 -45.10 26.04 11.24
C PRO A 120 -45.22 27.09 12.34
N GLY A 121 -46.44 27.56 12.55
CA GLY A 121 -46.71 28.64 13.46
C GLY A 121 -46.89 29.98 12.79
N THR A 122 -46.40 30.14 11.57
CA THR A 122 -46.67 31.37 10.81
C THR A 122 -48.17 31.47 10.55
N ARG A 123 -48.69 32.69 10.64
CA ARG A 123 -50.11 32.92 10.47
C ARG A 123 -50.34 33.71 9.18
N PHE A 124 -51.48 33.43 8.53
CA PHE A 124 -51.82 34.06 7.27
C PHE A 124 -53.19 34.71 7.42
N PRO A 125 -53.29 36.03 7.32
CA PRO A 125 -54.57 36.70 7.57
C PRO A 125 -55.61 36.48 6.49
N LEU A 126 -56.88 36.41 6.93
CA LEU A 126 -58.03 36.27 6.05
C LEU A 126 -59.03 37.39 6.32
N GLU A 127 -59.68 37.86 5.26
CA GLU A 127 -60.74 38.84 5.41
C GLU A 127 -61.89 38.23 6.20
N SER A 128 -62.28 38.89 7.29
CA SER A 128 -63.33 38.35 8.12
C SER A 128 -64.66 38.40 7.38
N ALA A 129 -65.56 37.47 7.74
CA ALA A 129 -66.90 37.49 7.19
C ALA A 129 -67.74 38.51 7.94
N PHE A 130 -68.82 38.95 7.29
CA PHE A 130 -69.67 40.01 7.84
C PHE A 130 -71.10 39.50 7.97
N ASP A 131 -71.68 39.77 9.15
CA ASP A 131 -73.07 39.44 9.45
C ASP A 131 -73.78 40.72 9.85
N PRO A 132 -74.79 41.18 9.12
CA PRO A 132 -75.37 42.50 9.43
C PRO A 132 -76.14 42.55 10.73
N ASP A 133 -76.51 41.40 11.31
CA ASP A 133 -77.15 41.39 12.62
C ASP A 133 -76.16 41.87 13.69
N VAL A 134 -76.68 42.12 14.89
CA VAL A 134 -75.90 42.67 15.98
C VAL A 134 -75.93 41.69 17.16
N GLY A 135 -75.04 41.94 18.12
CA GLY A 135 -75.01 41.15 19.35
C GLY A 135 -74.86 39.67 19.07
N THR A 136 -75.62 38.86 19.82
CA THR A 136 -75.50 37.41 19.72
C THR A 136 -75.81 36.91 18.32
N ASN A 137 -76.59 37.68 17.54
CA ASN A 137 -76.94 37.30 16.19
C ASN A 137 -75.86 37.66 15.17
N SER A 138 -74.79 38.33 15.61
CA SER A 138 -73.69 38.70 14.73
C SER A 138 -72.67 37.56 14.69
N LEU A 139 -71.56 37.80 14.01
CA LEU A 139 -70.57 36.76 13.80
C LEU A 139 -70.06 36.20 15.12
N ARG A 140 -69.92 34.87 15.19
CA ARG A 140 -69.54 34.19 16.42
C ARG A 140 -68.25 33.40 16.30
N ASP A 141 -68.07 32.61 15.24
CA ASP A 141 -66.86 31.83 15.14
C ASP A 141 -66.67 31.33 13.72
N TYR A 142 -65.43 30.92 13.42
CA TYR A 142 -65.06 30.33 12.14
C TYR A 142 -64.66 28.87 12.34
N GLU A 143 -64.78 28.09 11.27
CA GLU A 143 -64.28 26.72 11.26
C GLU A 143 -63.73 26.39 9.89
N ILE A 144 -62.81 25.43 9.85
CA ILE A 144 -62.18 24.97 8.62
C ILE A 144 -62.27 23.45 8.58
N THR A 145 -62.34 22.91 7.36
CA THR A 145 -62.25 21.48 7.15
C THR A 145 -61.13 20.90 8.00
N PRO A 146 -61.39 19.86 8.81
CA PRO A 146 -60.29 19.23 9.55
C PRO A 146 -59.19 18.80 8.59
N ASN A 147 -57.95 19.12 8.94
CA ASN A 147 -56.82 18.81 8.10
C ASN A 147 -55.55 18.78 8.95
N SER A 148 -54.47 18.31 8.33
CA SER A 148 -53.21 18.16 9.03
C SER A 148 -52.29 19.37 8.90
N TYR A 149 -52.58 20.30 7.99
CA TYR A 149 -51.64 21.37 7.69
C TYR A 149 -52.01 22.70 8.31
N PHE A 150 -53.30 23.01 8.47
CA PHE A 150 -53.71 24.32 8.95
C PHE A 150 -54.76 24.19 10.05
N SER A 151 -54.64 25.04 11.07
CA SER A 151 -55.70 25.26 12.04
C SER A 151 -56.12 26.72 11.95
N LEU A 152 -57.15 27.08 12.69
CA LEU A 152 -57.71 28.43 12.66
C LEU A 152 -57.48 29.12 13.99
N ASP A 153 -57.14 30.41 13.93
CA ASP A 153 -57.04 31.20 15.15
C ASP A 153 -57.96 32.41 15.05
N VAL A 154 -58.91 32.51 15.96
CA VAL A 154 -59.84 33.63 16.04
C VAL A 154 -59.54 34.37 17.32
N GLN A 155 -59.49 35.70 17.26
CA GLN A 155 -59.23 36.48 18.45
C GLN A 155 -60.10 37.73 18.44
N THR A 156 -60.58 38.08 19.63
CA THR A 156 -61.43 39.24 19.86
C THR A 156 -60.65 40.24 20.69
N GLN A 157 -60.66 41.50 20.26
CA GLN A 157 -59.96 42.57 20.96
C GLN A 157 -60.95 43.60 21.47
N GLY A 158 -62.08 43.13 21.99
CA GLY A 158 -63.18 44.01 22.31
C GLY A 158 -63.92 44.42 21.05
N ASP A 159 -64.83 45.37 21.22
CA ASP A 159 -65.57 45.94 20.09
C ASP A 159 -66.33 44.86 19.33
N GLY A 160 -66.75 43.81 20.03
CA GLY A 160 -67.60 42.77 19.47
C GLY A 160 -67.18 42.21 18.13
N ASN A 161 -65.87 42.18 17.87
CA ASN A 161 -65.34 41.72 16.58
C ASN A 161 -64.38 40.55 16.79
N ARG A 162 -64.41 39.61 15.85
CA ARG A 162 -63.55 38.44 15.85
C ARG A 162 -62.78 38.40 14.53
N PHE A 163 -61.48 38.20 14.61
CA PHE A 163 -60.64 38.11 13.42
C PHE A 163 -59.88 36.79 13.41
N ALA A 164 -59.85 36.15 12.24
CA ALA A 164 -59.27 34.83 12.08
C ALA A 164 -58.11 34.84 11.10
N GLU A 165 -57.13 34.00 11.40
CA GLU A 165 -55.96 33.84 10.55
C GLU A 165 -55.60 32.36 10.55
N LEU A 166 -55.06 31.92 9.41
CA LEU A 166 -54.63 30.54 9.24
C LEU A 166 -53.35 30.31 10.02
N VAL A 167 -53.25 29.17 10.67
CA VAL A 167 -52.05 28.78 11.41
C VAL A 167 -51.47 27.55 10.74
N LEU A 168 -50.24 27.67 10.25
CA LEU A 168 -49.54 26.55 9.64
C LEU A 168 -49.17 25.55 10.70
N GLU A 169 -49.59 24.30 10.52
CA GLU A 169 -49.42 23.24 11.51
C GLU A 169 -48.13 22.46 11.30
N LYS A 170 -47.80 22.16 10.05
CA LYS A 170 -46.68 21.29 9.72
C LYS A 170 -46.11 21.75 8.40
N PRO A 171 -44.82 21.52 8.14
CA PRO A 171 -44.23 22.06 6.91
C PRO A 171 -44.94 21.56 5.66
N LEU A 172 -45.00 22.44 4.66
CA LEU A 172 -45.55 22.11 3.36
C LEU A 172 -44.45 21.62 2.43
N ASP A 173 -44.86 20.87 1.41
CA ASP A 173 -43.93 20.34 0.42
C ASP A 173 -44.62 20.40 -0.94
N ARG A 174 -44.24 21.40 -1.75
CA ARG A 174 -44.85 21.56 -3.07
C ARG A 174 -44.61 20.32 -3.93
N GLU A 175 -43.44 19.70 -3.79
CA GLU A 175 -43.10 18.55 -4.62
C GLU A 175 -44.01 17.35 -4.37
N GLN A 176 -44.74 17.33 -3.26
CA GLN A 176 -45.71 16.27 -2.99
C GLN A 176 -47.14 16.70 -3.26
N GLN A 177 -47.48 17.96 -2.99
CA GLN A 177 -48.83 18.46 -3.23
C GLN A 177 -48.75 19.98 -3.30
N ALA A 178 -49.02 20.54 -4.48
CA ALA A 178 -48.83 21.96 -4.72
C ALA A 178 -50.06 22.80 -4.41
N VAL A 179 -51.24 22.19 -4.24
CA VAL A 179 -52.47 22.94 -3.99
C VAL A 179 -53.30 22.17 -2.97
N HIS A 180 -53.76 22.88 -1.94
CA HIS A 180 -54.72 22.35 -0.99
C HIS A 180 -56.03 23.11 -1.13
N ARG A 181 -57.15 22.41 -1.05
CA ARG A 181 -58.44 23.07 -1.07
C ARG A 181 -59.26 22.62 0.13
N TYR A 182 -59.75 23.57 0.91
CA TYR A 182 -60.57 23.28 2.07
C TYR A 182 -61.79 24.20 2.04
N VAL A 183 -62.77 23.87 2.88
CA VAL A 183 -63.99 24.67 3.01
C VAL A 183 -63.88 25.48 4.29
N LEU A 184 -64.18 26.76 4.21
CA LEU A 184 -64.12 27.67 5.33
C LEU A 184 -65.55 28.15 5.63
N THR A 185 -65.94 28.07 6.90
CA THR A 185 -67.31 28.40 7.30
C THR A 185 -67.30 29.39 8.46
N ALA A 186 -68.36 30.18 8.55
CA ALA A 186 -68.53 31.15 9.61
C ALA A 186 -69.95 31.10 10.15
N VAL A 187 -70.08 31.04 11.47
CA VAL A 187 -71.39 30.92 12.12
C VAL A 187 -71.56 32.07 13.10
N ASP A 188 -72.81 32.54 13.23
CA ASP A 188 -73.17 33.53 14.23
C ASP A 188 -73.65 32.81 15.50
N GLY A 189 -74.22 33.55 16.43
CA GLY A 189 -74.59 33.00 17.72
C GLY A 189 -76.08 33.02 18.01
N GLY A 190 -76.89 32.63 17.03
CA GLY A 190 -78.33 32.58 17.22
C GLY A 190 -78.80 31.27 17.78
N GLY A 191 -78.79 31.14 19.10
CA GLY A 191 -79.22 29.92 19.76
C GLY A 191 -80.01 30.18 21.03
N PRO A 208 -89.15 34.51 20.28
CA PRO A 208 -89.15 33.09 19.90
C PRO A 208 -87.74 32.56 19.67
N PRO A 209 -87.56 31.24 19.70
CA PRO A 209 -86.22 30.67 19.53
C PRO A 209 -85.61 31.05 18.18
N GLN A 210 -84.35 31.48 18.23
CA GLN A 210 -83.58 31.83 17.03
C GLN A 210 -82.68 30.67 16.65
N GLN A 211 -82.52 30.46 15.35
CA GLN A 211 -81.65 29.41 14.83
C GLN A 211 -80.34 30.01 14.29
N GLN A 212 -79.29 29.20 14.36
CA GLN A 212 -77.96 29.62 13.93
C GLN A 212 -77.83 29.54 12.41
N ARG A 213 -77.26 30.58 11.81
CA ARG A 213 -77.04 30.63 10.38
C ARG A 213 -75.54 30.54 10.07
N THR A 214 -75.24 30.09 8.85
CA THR A 214 -73.86 29.76 8.47
C THR A 214 -73.56 30.29 7.08
N GLY A 215 -72.32 30.74 6.88
CA GLY A 215 -71.82 31.14 5.58
C GLY A 215 -70.60 30.33 5.19
N THR A 216 -70.32 30.23 3.89
CA THR A 216 -69.32 29.32 3.38
C THR A 216 -68.48 30.01 2.31
N ALA A 217 -67.23 29.55 2.19
CA ALA A 217 -66.33 30.00 1.13
C ALA A 217 -65.31 28.90 0.86
N LEU A 218 -64.97 28.72 -0.41
CA LEU A 218 -63.92 27.78 -0.78
C LEU A 218 -62.56 28.44 -0.56
N LEU A 219 -61.59 27.65 -0.11
CA LEU A 219 -60.26 28.13 0.23
C LEU A 219 -59.23 27.34 -0.57
N THR A 220 -58.42 28.05 -1.35
CA THR A 220 -57.37 27.44 -2.16
C THR A 220 -56.02 27.93 -1.66
N ILE A 221 -55.16 26.98 -1.28
CA ILE A 221 -53.81 27.25 -0.81
C ILE A 221 -52.86 26.83 -1.94
N ARG A 222 -52.20 27.80 -2.54
CA ARG A 222 -51.15 27.54 -3.52
C ARG A 222 -49.79 27.56 -2.82
N VAL A 223 -49.07 26.44 -2.91
CA VAL A 223 -47.79 26.30 -2.23
C VAL A 223 -46.70 26.78 -3.18
N LEU A 224 -45.96 27.81 -2.76
CA LEU A 224 -44.93 28.40 -3.60
C LEU A 224 -43.64 27.61 -3.47
N ASP A 225 -42.96 27.42 -4.60
CA ASP A 225 -41.79 26.57 -4.65
C ASP A 225 -40.60 27.25 -3.99
N SER A 226 -39.77 26.43 -3.36
CA SER A 226 -38.46 26.84 -2.87
C SER A 226 -37.44 25.83 -3.35
N ASN A 227 -36.20 26.31 -3.57
CA ASN A 227 -35.12 25.44 -4.06
C ASN A 227 -34.63 24.58 -2.89
N ASP A 228 -35.47 23.62 -2.52
CA ASP A 228 -35.22 22.78 -1.36
C ASP A 228 -34.92 21.33 -1.74
N ASN A 229 -34.67 21.05 -3.02
CA ASN A 229 -34.28 19.73 -3.49
C ASN A 229 -32.92 19.80 -4.16
N VAL A 230 -32.05 18.87 -3.84
CA VAL A 230 -30.71 18.80 -4.40
C VAL A 230 -30.68 17.80 -5.55
N PRO A 231 -29.96 18.06 -6.64
CA PRO A 231 -29.82 17.05 -7.69
C PRO A 231 -29.28 15.75 -7.10
N ALA A 232 -29.75 14.61 -7.62
CA ALA A 232 -29.42 13.32 -7.05
C ALA A 232 -29.14 12.28 -8.13
N PHE A 233 -27.96 11.66 -8.04
CA PHE A 233 -27.59 10.51 -8.84
C PHE A 233 -28.05 9.23 -8.15
N ASP A 234 -28.44 8.22 -8.95
CA ASP A 234 -28.93 6.99 -8.34
C ASP A 234 -27.84 6.29 -7.53
N GLN A 235 -26.59 6.42 -7.94
CA GLN A 235 -25.47 5.85 -7.19
C GLN A 235 -24.34 6.86 -7.15
N PRO A 236 -23.47 6.79 -6.14
CA PRO A 236 -22.34 7.73 -6.07
C PRO A 236 -21.20 7.43 -7.01
N VAL A 237 -21.08 6.20 -7.53
CA VAL A 237 -20.00 5.84 -8.44
C VAL A 237 -20.56 5.01 -9.57
N TYR A 238 -20.18 5.37 -10.80
CA TYR A 238 -20.49 4.59 -11.99
C TYR A 238 -19.20 4.09 -12.60
N THR A 239 -19.20 2.83 -13.02
CA THR A 239 -18.03 2.21 -13.62
C THR A 239 -18.34 1.87 -15.07
N VAL A 240 -17.47 2.30 -15.98
CA VAL A 240 -17.64 2.09 -17.40
C VAL A 240 -16.35 1.51 -17.97
N SER A 241 -16.49 0.55 -18.88
CA SER A 241 -15.35 -0.08 -19.52
C SER A 241 -15.40 0.20 -21.02
N LEU A 242 -14.27 0.65 -21.58
CA LEU A 242 -14.18 1.01 -22.98
C LEU A 242 -12.89 0.48 -23.57
N PRO A 243 -12.87 0.19 -24.87
CA PRO A 243 -11.62 -0.20 -25.53
C PRO A 243 -10.73 1.01 -25.80
N GLU A 244 -9.42 0.82 -25.59
CA GLU A 244 -8.50 1.89 -25.94
C GLU A 244 -8.70 2.27 -27.40
N ASN A 245 -8.29 3.48 -27.74
CA ASN A 245 -8.50 4.08 -29.05
C ASN A 245 -9.99 4.24 -29.38
N SER A 246 -10.87 4.12 -28.39
CA SER A 246 -12.25 4.46 -28.63
C SER A 246 -12.32 5.87 -29.22
N PRO A 247 -13.01 6.07 -30.34
CA PRO A 247 -12.90 7.35 -31.05
C PRO A 247 -13.52 8.46 -30.24
N PRO A 248 -12.96 9.67 -30.29
CA PRO A 248 -13.60 10.82 -29.63
C PRO A 248 -15.08 10.90 -29.99
N GLY A 249 -15.88 11.40 -29.07
CA GLY A 249 -17.32 11.39 -29.23
C GLY A 249 -17.99 10.11 -28.78
N THR A 250 -17.22 9.05 -28.51
CA THR A 250 -17.80 7.83 -27.98
C THR A 250 -18.47 8.12 -26.65
N LEU A 251 -19.66 7.56 -26.46
CA LEU A 251 -20.40 7.80 -25.23
C LEU A 251 -19.73 7.06 -24.08
N VAL A 252 -19.38 7.79 -23.03
CA VAL A 252 -18.87 7.20 -21.81
C VAL A 252 -20.05 6.84 -20.93
N ILE A 253 -20.85 7.83 -20.58
CA ILE A 253 -22.05 7.58 -19.77
C ILE A 253 -22.94 8.79 -19.90
N GLN A 254 -24.25 8.56 -19.85
CA GLN A 254 -25.23 9.63 -19.94
C GLN A 254 -25.70 9.82 -18.50
N LEU A 255 -25.08 10.77 -17.79
CA LEU A 255 -25.46 10.98 -16.41
C LEU A 255 -26.83 11.61 -16.36
N ASN A 256 -27.53 11.35 -15.26
CA ASN A 256 -28.86 11.90 -15.07
C ASN A 256 -29.09 12.24 -13.61
N ALA A 257 -29.00 13.52 -13.29
CA ALA A 257 -29.33 14.01 -11.97
C ALA A 257 -30.81 14.36 -11.91
N THR A 258 -31.42 14.13 -10.76
CA THR A 258 -32.86 14.34 -10.59
C THR A 258 -33.06 15.48 -9.61
N ASP A 259 -33.95 16.41 -9.96
CA ASP A 259 -34.25 17.57 -9.11
C ASP A 259 -35.72 17.91 -9.31
N PRO A 260 -36.60 17.44 -8.42
CA PRO A 260 -38.05 17.62 -8.65
C PRO A 260 -38.53 19.05 -8.49
N ASP A 261 -37.66 20.02 -8.20
CA ASP A 261 -38.12 21.39 -8.01
C ASP A 261 -38.71 21.93 -9.31
N GLU A 262 -39.19 23.17 -9.26
CA GLU A 262 -39.85 23.80 -10.38
C GLU A 262 -38.97 24.91 -10.95
N GLY A 263 -39.07 25.11 -12.26
CA GLY A 263 -38.34 26.17 -12.91
C GLY A 263 -36.83 26.01 -12.75
N GLN A 264 -36.14 27.13 -12.60
CA GLN A 264 -34.69 27.11 -12.45
C GLN A 264 -34.27 26.26 -11.27
N ASN A 265 -35.10 26.19 -10.22
CA ASN A 265 -34.80 25.36 -9.07
C ASN A 265 -34.66 23.89 -9.46
N GLY A 266 -35.28 23.47 -10.56
CA GLY A 266 -35.24 22.07 -10.96
C GLY A 266 -34.42 21.78 -12.20
N GLU A 267 -33.87 22.82 -12.82
CA GLU A 267 -32.98 22.65 -13.96
C GLU A 267 -31.56 22.40 -13.49
N VAL A 268 -30.95 21.34 -14.00
CA VAL A 268 -29.65 20.87 -13.53
C VAL A 268 -28.61 21.13 -14.60
N VAL A 269 -27.44 21.62 -14.19
CA VAL A 269 -26.28 21.79 -15.05
C VAL A 269 -25.13 20.97 -14.46
N TYR A 270 -24.44 20.26 -15.34
CA TYR A 270 -23.33 19.38 -14.97
C TYR A 270 -21.99 20.05 -15.28
N SER A 271 -21.01 19.77 -14.43
CA SER A 271 -19.68 20.33 -14.59
C SER A 271 -18.67 19.39 -13.94
N PHE A 272 -17.40 19.62 -14.23
CA PHE A 272 -16.34 18.84 -13.62
C PHE A 272 -16.05 19.32 -12.20
N SER A 273 -15.78 18.38 -11.31
CA SER A 273 -15.38 18.68 -9.95
C SER A 273 -13.93 19.17 -9.91
N SER A 274 -13.54 19.67 -8.73
CA SER A 274 -12.18 20.21 -8.58
C SER A 274 -11.12 19.11 -8.67
N HIS A 275 -11.47 17.89 -8.28
CA HIS A 275 -10.48 16.83 -8.13
C HIS A 275 -9.94 16.33 -9.47
N ILE A 276 -10.63 16.59 -10.57
CA ILE A 276 -10.28 15.92 -11.81
C ILE A 276 -8.87 16.26 -12.24
N SER A 277 -8.14 15.25 -12.70
CA SER A 277 -6.80 15.46 -13.22
C SER A 277 -6.85 16.31 -14.48
N PRO A 278 -5.82 17.12 -14.74
CA PRO A 278 -5.80 17.86 -16.01
C PRO A 278 -5.75 16.94 -17.20
N ARG A 279 -5.20 15.73 -17.00
CA ARG A 279 -5.16 14.73 -18.07
C ARG A 279 -6.56 14.27 -18.44
N ALA A 280 -7.37 13.95 -17.44
CA ALA A 280 -8.76 13.57 -17.71
C ALA A 280 -9.55 14.74 -18.29
N ARG A 281 -9.34 15.95 -17.75
CA ARG A 281 -9.96 17.13 -18.33
C ARG A 281 -9.60 17.26 -19.81
N GLU A 282 -8.41 16.78 -20.19
CA GLU A 282 -8.05 16.75 -21.60
C GLU A 282 -8.79 15.64 -22.35
N LEU A 283 -8.89 14.45 -21.74
CA LEU A 283 -9.38 13.27 -22.45
C LEU A 283 -10.90 13.16 -22.49
N PHE A 284 -11.65 13.95 -21.75
CA PHE A 284 -13.10 13.78 -21.68
C PHE A 284 -13.81 15.12 -21.83
N GLY A 285 -15.00 15.05 -22.41
CA GLY A 285 -15.85 16.21 -22.55
C GLY A 285 -17.23 15.94 -22.00
N LEU A 286 -17.77 16.91 -21.26
CA LEU A 286 -19.04 16.78 -20.57
C LEU A 286 -19.94 17.92 -21.00
N SER A 287 -21.09 17.59 -21.58
CA SER A 287 -22.00 18.64 -22.01
C SER A 287 -22.80 19.13 -20.80
N PRO A 288 -22.80 20.44 -20.52
CA PRO A 288 -23.28 20.90 -19.20
C PRO A 288 -24.73 20.56 -18.90
N ARG A 289 -25.61 20.59 -19.89
CA ARG A 289 -27.05 20.52 -19.62
C ARG A 289 -27.63 19.13 -19.71
N THR A 290 -27.08 18.25 -20.56
CA THR A 290 -27.63 16.92 -20.75
C THR A 290 -26.98 15.87 -19.86
N GLY A 291 -25.80 16.16 -19.30
CA GLY A 291 -25.08 15.16 -18.52
C GLY A 291 -24.42 14.10 -19.35
N ARG A 292 -24.18 14.36 -20.63
CA ARG A 292 -23.54 13.39 -21.51
C ARG A 292 -22.03 13.48 -21.37
N LEU A 293 -21.43 12.44 -20.80
CA LEU A 293 -19.98 12.35 -20.68
C LEU A 293 -19.47 11.49 -21.83
N GLU A 294 -18.57 12.06 -22.64
CA GLU A 294 -18.08 11.43 -23.85
C GLU A 294 -16.56 11.57 -23.92
N VAL A 295 -15.97 10.76 -24.79
CA VAL A 295 -14.53 10.81 -25.04
C VAL A 295 -14.22 11.96 -25.98
N SER A 296 -13.15 12.70 -25.68
CA SER A 296 -12.68 13.77 -26.54
C SER A 296 -11.20 13.68 -26.83
N GLY A 297 -10.52 12.63 -26.39
CA GLY A 297 -9.11 12.45 -26.66
C GLY A 297 -8.80 10.98 -26.92
N GLU A 298 -7.52 10.70 -27.13
CA GLU A 298 -7.07 9.35 -27.41
C GLU A 298 -6.85 8.62 -26.09
N LEU A 299 -7.57 7.51 -25.90
CA LEU A 299 -7.36 6.64 -24.74
C LEU A 299 -6.28 5.63 -25.09
N ASP A 300 -5.14 5.73 -24.41
CA ASP A 300 -4.01 4.83 -24.63
C ASP A 300 -3.86 3.97 -23.38
N TYR A 301 -4.31 2.72 -23.47
CA TYR A 301 -4.17 1.80 -22.35
C TYR A 301 -2.74 1.79 -21.84
N GLU A 302 -1.77 1.84 -22.76
CA GLU A 302 -0.37 1.79 -22.37
C GLU A 302 0.01 2.99 -21.50
N GLU A 303 -0.67 4.12 -21.68
CA GLU A 303 -0.42 5.26 -20.78
C GLU A 303 -1.04 5.02 -19.40
N SER A 304 -2.30 4.58 -19.36
CA SER A 304 -2.96 4.34 -18.09
C SER A 304 -4.18 3.47 -18.33
N PRO A 305 -4.42 2.44 -17.50
CA PRO A 305 -5.57 1.56 -17.72
C PRO A 305 -6.89 2.08 -17.17
N VAL A 306 -6.88 3.15 -16.37
CA VAL A 306 -8.10 3.64 -15.72
C VAL A 306 -8.01 5.16 -15.59
N TYR A 307 -9.17 5.79 -15.52
CA TYR A 307 -9.27 7.22 -15.28
C TYR A 307 -10.43 7.50 -14.33
N GLN A 308 -10.26 8.50 -13.49
CA GLN A 308 -11.23 8.86 -12.47
C GLN A 308 -11.80 10.24 -12.81
N VAL A 309 -13.09 10.26 -13.17
CA VAL A 309 -13.76 11.48 -13.60
C VAL A 309 -14.63 11.96 -12.44
N TYR A 310 -14.37 13.17 -11.96
CA TYR A 310 -15.14 13.74 -10.86
C TYR A 310 -16.09 14.81 -11.37
N VAL A 311 -17.39 14.56 -11.18
CA VAL A 311 -18.45 15.42 -11.69
C VAL A 311 -19.21 16.02 -10.52
N GLN A 312 -19.69 17.24 -10.71
CA GLN A 312 -20.67 17.85 -9.83
C GLN A 312 -21.85 18.32 -10.68
N ALA A 313 -23.05 18.20 -10.12
CA ALA A 313 -24.26 18.72 -10.75
C ALA A 313 -24.87 19.75 -9.82
N LYS A 314 -25.53 20.75 -10.40
CA LYS A 314 -26.02 21.85 -9.58
C LYS A 314 -27.18 22.51 -10.30
N ASP A 315 -28.25 22.80 -9.56
CA ASP A 315 -29.38 23.46 -10.20
C ASP A 315 -29.11 24.96 -10.33
N LEU A 316 -30.01 25.64 -11.04
CA LEU A 316 -29.80 27.03 -11.42
C LEU A 316 -30.55 28.00 -10.50
N GLY A 317 -31.06 27.53 -9.37
CA GLY A 317 -31.79 28.37 -8.46
C GLY A 317 -30.89 28.98 -7.41
N PRO A 318 -31.46 29.85 -6.57
CA PRO A 318 -30.67 30.43 -5.48
C PRO A 318 -30.39 29.43 -4.38
N ASN A 319 -29.27 29.63 -3.70
CA ASN A 319 -28.83 28.76 -2.60
C ASN A 319 -28.58 27.34 -3.08
N ALA A 320 -28.34 27.16 -4.38
CA ALA A 320 -28.13 25.82 -4.92
C ALA A 320 -26.96 25.14 -4.21
N VAL A 321 -27.14 23.85 -3.95
CA VAL A 321 -26.13 23.03 -3.29
C VAL A 321 -25.60 22.04 -4.33
N PRO A 322 -24.29 21.97 -4.57
CA PRO A 322 -23.79 21.02 -5.55
C PRO A 322 -23.87 19.59 -5.04
N ALA A 323 -24.18 18.67 -5.96
CA ALA A 323 -24.08 17.24 -5.74
C ALA A 323 -22.89 16.72 -6.52
N HIS A 324 -22.41 15.54 -6.14
CA HIS A 324 -21.18 15.02 -6.71
C HIS A 324 -21.34 13.54 -7.06
N CYS A 325 -20.65 13.13 -8.12
CA CYS A 325 -20.52 11.72 -8.45
C CYS A 325 -19.18 11.49 -9.11
N LYS A 326 -18.84 10.21 -9.25
CA LYS A 326 -17.52 9.80 -9.75
C LYS A 326 -17.70 8.69 -10.78
N VAL A 327 -17.08 8.87 -11.94
CA VAL A 327 -17.12 7.90 -13.03
C VAL A 327 -15.76 7.21 -13.10
N LEU A 328 -15.77 5.89 -12.98
CA LEU A 328 -14.55 5.09 -13.07
C LEU A 328 -14.48 4.50 -14.48
N VAL A 329 -13.53 4.98 -15.27
CA VAL A 329 -13.43 4.60 -16.68
C VAL A 329 -12.27 3.62 -16.79
N ARG A 330 -12.58 2.33 -16.92
CA ARG A 330 -11.58 1.31 -17.12
C ARG A 330 -11.34 1.11 -18.62
N VAL A 331 -10.09 1.26 -19.03
CA VAL A 331 -9.73 1.11 -20.43
C VAL A 331 -9.44 -0.36 -20.71
N LEU A 332 -9.84 -0.83 -21.89
CA LEU A 332 -9.62 -2.20 -22.31
C LEU A 332 -8.50 -2.20 -23.35
N ASP A 333 -7.51 -3.06 -23.15
CA ASP A 333 -6.33 -3.05 -24.00
C ASP A 333 -6.63 -3.65 -25.38
N ALA A 334 -6.12 -2.99 -26.41
CA ALA A 334 -6.18 -3.49 -27.78
C ALA A 334 -4.76 -3.74 -28.28
N ASN A 335 -4.66 -4.49 -29.37
CA ASN A 335 -3.36 -4.82 -29.97
C ASN A 335 -3.02 -3.74 -31.00
N ASP A 336 -2.46 -2.64 -30.51
CA ASP A 336 -2.11 -1.51 -31.35
C ASP A 336 -0.61 -1.21 -31.33
N ASN A 337 0.21 -2.17 -30.89
CA ASN A 337 1.66 -2.03 -30.90
C ASN A 337 2.27 -3.31 -31.45
N ALA A 338 3.11 -3.17 -32.46
CA ALA A 338 3.84 -4.27 -33.07
C ALA A 338 5.15 -4.51 -32.34
N PRO A 339 5.66 -5.74 -32.35
CA PRO A 339 6.91 -6.02 -31.64
C PRO A 339 8.06 -5.19 -32.18
N GLU A 340 8.99 -4.84 -31.29
CA GLU A 340 10.20 -4.12 -31.64
C GLU A 340 11.41 -5.02 -31.44
N ILE A 341 12.20 -5.16 -32.50
CA ILE A 341 13.41 -5.96 -32.49
C ILE A 341 14.59 -5.03 -32.32
N SER A 342 15.57 -5.46 -31.52
CA SER A 342 16.77 -4.68 -31.25
C SER A 342 17.94 -5.65 -31.19
N PHE A 343 18.82 -5.57 -32.18
CA PHE A 343 20.02 -6.40 -32.18
C PHE A 343 21.11 -5.76 -31.35
N SER A 344 21.68 -6.54 -30.45
CA SER A 344 22.77 -6.06 -29.62
C SER A 344 24.12 -6.34 -30.25
N THR A 345 24.30 -7.50 -30.88
CA THR A 345 25.60 -7.75 -31.48
C THR A 345 25.48 -8.76 -32.61
N VAL A 346 26.33 -8.59 -33.61
CA VAL A 346 26.40 -9.49 -34.75
C VAL A 346 27.87 -9.74 -35.02
N LYS A 347 28.24 -11.00 -35.19
CA LYS A 347 29.63 -11.33 -35.51
C LYS A 347 29.89 -10.95 -36.96
N GLU A 348 30.98 -10.19 -37.18
CA GLU A 348 31.27 -9.69 -38.52
C GLU A 348 31.22 -10.80 -39.56
N ALA A 349 31.78 -11.95 -39.23
CA ALA A 349 31.88 -13.07 -40.16
C ALA A 349 31.92 -14.35 -39.34
N VAL A 350 31.69 -15.48 -40.01
CA VAL A 350 31.72 -16.79 -39.36
C VAL A 350 32.72 -17.68 -40.08
N SER A 351 33.50 -18.43 -39.31
CA SER A 351 34.44 -19.37 -39.90
C SER A 351 33.66 -20.44 -40.65
N GLU A 352 34.18 -20.84 -41.82
CA GLU A 352 33.44 -21.78 -42.66
C GLU A 352 33.19 -23.09 -41.92
N GLY A 353 34.22 -23.63 -41.28
CA GLY A 353 34.04 -24.88 -40.56
C GLY A 353 33.72 -24.66 -39.11
N ALA A 354 32.81 -23.71 -38.84
CA ALA A 354 32.33 -23.49 -37.49
C ALA A 354 31.31 -24.56 -37.16
N ALA A 355 31.62 -25.39 -36.17
CA ALA A 355 30.75 -26.50 -35.87
C ALA A 355 29.40 -26.01 -35.37
N PRO A 356 28.36 -26.85 -35.46
CA PRO A 356 27.04 -26.47 -34.95
C PRO A 356 27.12 -25.81 -33.57
N GLY A 357 26.19 -24.89 -33.34
CA GLY A 357 26.08 -24.20 -32.07
C GLY A 357 26.84 -22.89 -31.97
N THR A 358 27.61 -22.52 -33.00
CA THR A 358 28.37 -21.28 -32.97
C THR A 358 27.41 -20.08 -33.02
N VAL A 359 27.52 -19.20 -32.02
CA VAL A 359 26.66 -18.03 -31.96
C VAL A 359 27.07 -17.03 -33.02
N VAL A 360 26.08 -16.38 -33.64
CA VAL A 360 26.34 -15.43 -34.70
C VAL A 360 25.92 -14.02 -34.29
N ALA A 361 24.85 -13.89 -33.51
CA ALA A 361 24.35 -12.59 -33.10
C ALA A 361 23.39 -12.79 -31.93
N LEU A 362 23.23 -11.72 -31.15
CA LEU A 362 22.28 -11.68 -30.05
C LEU A 362 21.40 -10.45 -30.20
N PHE A 363 20.10 -10.65 -29.92
CA PHE A 363 19.08 -9.61 -30.06
C PHE A 363 17.96 -9.84 -29.04
N SER A 364 17.06 -8.86 -28.97
CA SER A 364 15.91 -8.91 -28.06
C SER A 364 14.67 -8.40 -28.77
N VAL A 365 13.50 -8.69 -28.17
CA VAL A 365 12.21 -8.28 -28.70
C VAL A 365 11.40 -7.65 -27.58
N THR A 366 10.57 -6.67 -27.95
CA THR A 366 9.69 -6.00 -27.01
C THR A 366 8.35 -5.74 -27.69
N ASP A 367 7.31 -5.56 -26.88
CA ASP A 367 5.97 -5.24 -27.39
C ASP A 367 5.29 -4.35 -26.37
N ARG A 368 4.97 -3.12 -26.76
CA ARG A 368 4.44 -2.14 -25.81
C ARG A 368 3.09 -2.55 -25.25
N ASP A 369 2.44 -3.58 -25.78
CA ASP A 369 1.13 -4.00 -25.32
C ASP A 369 1.27 -4.82 -24.03
N SER A 370 0.17 -5.41 -23.59
CA SER A 370 0.13 -6.19 -22.36
C SER A 370 -0.62 -7.49 -22.61
N GLU A 371 -0.45 -8.43 -21.67
CA GLU A 371 -1.06 -9.75 -21.79
C GLU A 371 -0.75 -10.37 -23.15
N GLU A 372 -1.73 -11.04 -23.76
CA GLU A 372 -1.49 -11.72 -25.03
C GLU A 372 -0.94 -10.76 -26.08
N ASN A 373 -1.47 -9.53 -26.12
CA ASN A 373 -1.03 -8.57 -27.12
C ASN A 373 0.45 -8.23 -26.98
N GLY A 374 1.05 -8.44 -25.81
CA GLY A 374 2.48 -8.20 -25.66
C GLY A 374 3.34 -9.44 -25.58
N GLN A 375 2.76 -10.63 -25.70
CA GLN A 375 3.54 -11.85 -25.77
C GLN A 375 3.83 -12.16 -27.23
N VAL A 376 5.10 -12.41 -27.54
CA VAL A 376 5.58 -12.53 -28.91
C VAL A 376 6.26 -13.88 -29.10
N GLN A 377 5.93 -14.54 -30.20
CA GLN A 377 6.66 -15.70 -30.71
C GLN A 377 7.41 -15.26 -31.96
N CYS A 378 8.63 -15.75 -32.12
CA CYS A 378 9.49 -15.33 -33.22
C CYS A 378 10.02 -16.54 -33.94
N GLU A 379 10.29 -16.35 -35.24
CA GLU A 379 10.83 -17.41 -36.07
C GLU A 379 11.83 -16.85 -37.07
N LEU A 380 12.83 -17.65 -37.41
CA LEU A 380 13.78 -17.33 -38.45
C LEU A 380 13.32 -17.97 -39.75
N LEU A 381 13.34 -17.20 -40.82
CA LEU A 381 12.77 -17.63 -42.08
C LEU A 381 13.83 -18.23 -43.00
N GLY A 382 13.36 -19.08 -43.90
CA GLY A 382 14.23 -19.67 -44.91
C GLY A 382 14.68 -21.06 -44.52
N ASP A 383 15.38 -21.68 -45.47
CA ASP A 383 15.91 -23.03 -45.30
C ASP A 383 17.41 -22.94 -45.08
N VAL A 384 17.79 -22.16 -44.07
CA VAL A 384 19.20 -21.84 -43.82
C VAL A 384 19.76 -22.72 -42.72
N PRO A 385 21.08 -22.90 -42.65
CA PRO A 385 21.67 -23.76 -41.61
C PRO A 385 21.71 -23.13 -40.21
N PHE A 386 20.79 -22.21 -39.91
CA PHE A 386 20.78 -21.53 -38.63
C PHE A 386 19.50 -21.82 -37.87
N ARG A 387 19.60 -21.82 -36.55
CA ARG A 387 18.44 -21.94 -35.67
C ARG A 387 18.46 -20.80 -34.66
N LEU A 388 17.36 -20.71 -33.94
CA LEU A 388 17.15 -19.69 -32.92
C LEU A 388 17.18 -20.35 -31.56
N LYS A 389 17.94 -19.76 -30.63
CA LYS A 389 17.94 -20.22 -29.25
C LYS A 389 17.63 -19.04 -28.35
N SER A 390 17.19 -19.34 -27.13
CA SER A 390 16.80 -18.30 -26.17
C SER A 390 17.49 -18.58 -24.85
N SER A 391 18.45 -17.74 -24.49
CA SER A 391 19.13 -17.85 -23.21
C SER A 391 18.30 -17.24 -22.08
N PHE A 392 17.82 -16.02 -22.26
CA PHE A 392 17.03 -15.34 -21.23
C PHE A 392 15.65 -14.97 -21.78
N LYS A 393 14.80 -14.52 -20.87
CA LYS A 393 13.57 -13.84 -21.25
C LYS A 393 13.86 -12.74 -22.25
N ASN A 394 13.03 -12.66 -23.28
CA ASN A 394 13.14 -11.60 -24.28
C ASN A 394 14.55 -11.52 -24.88
N TYR A 395 15.35 -12.58 -24.76
CA TYR A 395 16.67 -12.60 -25.36
C TYR A 395 16.87 -13.82 -26.25
N TYR A 396 17.41 -13.56 -27.44
CA TYR A 396 17.61 -14.58 -28.44
C TYR A 396 19.02 -14.53 -29.01
N THR A 397 19.42 -15.69 -29.50
CA THR A 397 20.71 -15.95 -30.09
C THR A 397 20.49 -16.63 -31.44
N ILE A 398 21.37 -16.32 -32.39
CA ILE A 398 21.36 -16.96 -33.68
C ILE A 398 22.50 -17.95 -33.67
N VAL A 399 22.17 -19.23 -33.80
CA VAL A 399 23.16 -20.28 -33.71
C VAL A 399 23.18 -21.06 -35.00
N THR A 400 24.23 -21.84 -35.17
CA THR A 400 24.33 -22.74 -36.28
C THR A 400 23.53 -24.00 -35.96
N GLU A 401 23.18 -24.72 -36.99
CA GLU A 401 22.37 -25.92 -36.79
C GLU A 401 23.00 -27.15 -37.43
N ALA A 402 23.62 -26.97 -38.59
CA ALA A 402 24.23 -28.02 -39.38
C ALA A 402 25.50 -27.43 -39.98
N PRO A 403 26.27 -28.16 -40.81
CA PRO A 403 27.40 -27.50 -41.48
C PRO A 403 26.88 -26.46 -42.46
N LEU A 404 27.77 -25.70 -43.09
CA LEU A 404 27.37 -24.53 -43.86
C LEU A 404 27.29 -24.86 -45.35
N ASP A 405 26.22 -24.41 -46.01
CA ASP A 405 26.05 -24.64 -47.43
C ASP A 405 27.20 -24.04 -48.23
N ARG A 406 27.53 -22.78 -47.97
CA ARG A 406 28.48 -22.03 -48.78
C ARG A 406 29.68 -21.66 -47.92
N GLU A 407 30.81 -21.41 -48.57
CA GLU A 407 32.07 -21.26 -47.86
C GLU A 407 32.81 -20.00 -48.31
N ALA A 408 33.75 -19.58 -47.48
CA ALA A 408 34.62 -18.44 -47.77
C ALA A 408 33.78 -17.23 -48.18
N GLY A 409 34.01 -16.70 -49.37
CA GLY A 409 33.51 -15.37 -49.69
C GLY A 409 32.01 -15.19 -49.52
N ASP A 410 31.23 -16.24 -49.79
CA ASP A 410 29.77 -16.08 -49.78
C ASP A 410 29.27 -15.62 -48.42
N SER A 411 28.28 -14.73 -48.46
CA SER A 411 27.63 -14.22 -47.27
C SER A 411 26.22 -14.79 -47.16
N TYR A 412 25.70 -14.75 -45.94
CA TYR A 412 24.31 -15.03 -45.63
C TYR A 412 23.64 -13.75 -45.13
N THR A 413 22.33 -13.65 -45.36
CA THR A 413 21.53 -12.56 -44.81
C THR A 413 20.34 -13.18 -44.10
N LEU A 414 20.32 -13.08 -42.77
CA LEU A 414 19.31 -13.73 -41.95
C LEU A 414 18.24 -12.71 -41.59
N THR A 415 16.97 -13.08 -41.80
CA THR A 415 15.85 -12.23 -41.47
C THR A 415 14.94 -12.95 -40.48
N VAL A 416 14.64 -12.27 -39.37
CA VAL A 416 13.80 -12.81 -38.30
C VAL A 416 12.47 -12.07 -38.27
N VAL A 417 11.41 -12.82 -37.96
CA VAL A 417 10.05 -12.31 -37.87
C VAL A 417 9.57 -12.52 -36.43
N ALA A 418 9.18 -11.42 -35.78
CA ALA A 418 8.60 -11.45 -34.43
C ALA A 418 7.11 -11.13 -34.54
N ARG A 419 6.28 -11.95 -33.91
CA ARG A 419 4.83 -11.88 -34.07
C ARG A 419 4.15 -11.97 -32.71
N ASP A 420 3.27 -11.02 -32.40
CA ASP A 420 2.58 -11.05 -31.12
C ASP A 420 1.32 -11.90 -31.19
N ARG A 421 0.78 -12.23 -30.02
CA ARG A 421 -0.34 -13.16 -29.89
C ARG A 421 -1.66 -12.44 -29.71
N GLY A 422 -1.87 -11.33 -30.43
CA GLY A 422 -3.12 -10.60 -30.39
C GLY A 422 -4.03 -10.97 -31.56
N GLU A 423 -5.20 -10.33 -31.57
CA GLU A 423 -6.17 -10.52 -32.63
C GLU A 423 -6.72 -9.18 -33.13
N PRO A 424 -6.30 -8.76 -34.34
CA PRO A 424 -5.34 -9.41 -35.23
C PRO A 424 -3.91 -9.37 -34.68
N ALA A 425 -3.10 -10.36 -35.04
CA ALA A 425 -1.71 -10.38 -34.61
C ALA A 425 -0.89 -9.35 -35.38
N LEU A 426 0.24 -8.97 -34.79
CA LEU A 426 1.16 -8.02 -35.41
C LEU A 426 2.56 -8.60 -35.43
N SER A 427 3.31 -8.28 -36.47
CA SER A 427 4.65 -8.82 -36.63
C SER A 427 5.58 -7.78 -37.25
N THR A 428 6.87 -8.01 -37.03
CA THR A 428 7.95 -7.14 -37.45
C THR A 428 9.09 -8.04 -37.95
N SER A 429 9.96 -7.47 -38.79
CA SER A 429 11.08 -8.22 -39.33
C SER A 429 12.38 -7.44 -39.17
N LYS A 430 13.49 -8.16 -39.18
CA LYS A 430 14.78 -7.48 -39.20
C LYS A 430 15.84 -8.40 -39.80
N SER A 431 16.80 -7.78 -40.49
CA SER A 431 17.80 -8.49 -41.28
C SER A 431 19.20 -8.21 -40.74
N ILE A 432 20.11 -9.15 -41.00
CA ILE A 432 21.52 -8.98 -40.68
C ILE A 432 22.34 -9.65 -41.77
N GLN A 433 23.52 -9.10 -42.03
CA GLN A 433 24.45 -9.67 -42.99
C GLN A 433 25.61 -10.30 -42.23
N VAL A 434 25.86 -11.56 -42.52
CA VAL A 434 26.93 -12.36 -41.95
C VAL A 434 27.70 -12.92 -43.14
N GLN A 435 28.97 -13.22 -42.93
CA GLN A 435 29.77 -13.73 -44.04
C GLN A 435 30.74 -14.79 -43.52
N VAL A 436 31.07 -15.72 -44.41
CA VAL A 436 32.07 -16.74 -44.12
C VAL A 436 33.44 -16.19 -44.48
N SER A 437 34.38 -16.29 -43.56
CA SER A 437 35.77 -15.93 -43.76
C SER A 437 36.64 -17.18 -43.78
N ASP A 438 37.95 -16.98 -43.68
CA ASP A 438 38.90 -18.08 -43.58
C ASP A 438 39.31 -18.26 -42.13
N HIS A 439 39.32 -19.52 -41.69
CA HIS A 439 39.73 -19.87 -40.33
C HIS A 439 41.21 -19.52 -40.14
N HIS A 440 41.49 -18.84 -39.03
CA HIS A 440 42.87 -18.43 -38.71
C HIS A 440 43.60 -19.54 -37.95
N GLN B 2 59.08 -47.42 -27.08
CA GLN B 2 57.71 -47.90 -27.05
C GLN B 2 56.94 -47.28 -28.21
N LEU B 3 56.13 -48.09 -28.88
CA LEU B 3 55.47 -47.68 -30.11
C LEU B 3 54.08 -47.16 -29.79
N HIS B 4 53.63 -46.18 -30.58
CA HIS B 4 52.33 -45.54 -30.39
C HIS B 4 51.54 -45.58 -31.68
N TYR B 5 50.32 -46.10 -31.61
CA TYR B 5 49.37 -46.11 -32.71
C TYR B 5 48.03 -45.56 -32.21
N THR B 6 47.16 -45.21 -33.15
CA THR B 6 45.79 -44.82 -32.85
C THR B 6 44.84 -45.55 -33.79
N VAL B 7 43.62 -45.77 -33.32
CA VAL B 7 42.59 -46.45 -34.09
C VAL B 7 41.23 -45.91 -33.64
N GLN B 8 40.37 -45.65 -34.62
CA GLN B 8 38.99 -45.28 -34.33
C GLN B 8 38.24 -46.47 -33.75
N GLU B 9 37.34 -46.20 -32.81
CA GLU B 9 36.40 -47.22 -32.40
C GLU B 9 35.46 -47.52 -33.55
N GLU B 10 34.90 -48.72 -33.54
CA GLU B 10 33.93 -49.14 -34.56
C GLU B 10 34.57 -49.28 -35.94
N GLN B 11 35.87 -49.58 -35.99
CA GLN B 11 36.52 -49.93 -37.24
C GLN B 11 36.26 -51.41 -37.54
N GLU B 12 35.97 -51.71 -38.81
CA GLU B 12 35.61 -53.06 -39.17
C GLU B 12 36.85 -53.96 -39.19
N HIS B 13 36.59 -55.26 -39.14
CA HIS B 13 37.66 -56.25 -39.15
C HIS B 13 38.64 -55.98 -40.29
N GLY B 14 39.92 -56.19 -40.02
CA GLY B 14 40.96 -56.05 -41.02
C GLY B 14 41.51 -54.67 -41.22
N THR B 15 41.13 -53.69 -40.40
CA THR B 15 41.66 -52.35 -40.54
C THR B 15 43.10 -52.27 -40.02
N PHE B 16 43.92 -51.52 -40.75
CA PHE B 16 45.32 -51.34 -40.40
C PHE B 16 45.44 -50.48 -39.13
N VAL B 17 46.24 -50.94 -38.18
CA VAL B 17 46.54 -50.19 -36.96
C VAL B 17 47.95 -49.64 -36.98
N GLY B 18 48.92 -50.48 -37.35
CA GLY B 18 50.29 -49.99 -37.39
C GLY B 18 51.27 -51.07 -37.82
N ASN B 19 52.40 -50.71 -38.42
CA ASN B 19 53.36 -51.71 -38.90
C ASN B 19 54.49 -51.83 -37.88
N ILE B 20 54.41 -52.85 -37.02
CA ILE B 20 55.41 -53.01 -35.96
C ILE B 20 56.76 -53.39 -36.56
N ALA B 21 56.78 -54.27 -37.56
CA ALA B 21 58.05 -54.63 -38.20
C ALA B 21 58.78 -53.39 -38.69
N GLU B 22 58.09 -52.56 -39.47
CA GLU B 22 58.73 -51.36 -40.00
C GLU B 22 59.18 -50.44 -38.87
N ASP B 23 58.28 -50.10 -37.95
CA ASP B 23 58.60 -49.15 -36.89
C ASP B 23 59.67 -49.63 -35.92
N LEU B 24 59.99 -50.93 -35.91
CA LEU B 24 61.03 -51.44 -35.01
C LEU B 24 62.34 -51.73 -35.72
N GLY B 25 62.41 -51.55 -37.04
CA GLY B 25 63.63 -51.84 -37.76
C GLY B 25 63.86 -53.31 -38.00
N LEU B 26 62.81 -54.12 -37.92
CA LEU B 26 62.91 -55.55 -38.16
C LEU B 26 62.55 -55.84 -39.61
N ASP B 27 63.45 -56.51 -40.32
CA ASP B 27 63.15 -56.96 -41.67
C ASP B 27 62.26 -58.18 -41.64
N ILE B 28 61.29 -58.23 -42.55
CA ILE B 28 60.30 -59.30 -42.52
C ILE B 28 60.93 -60.65 -42.81
N THR B 29 62.10 -60.67 -43.47
CA THR B 29 62.72 -61.94 -43.84
C THR B 29 63.25 -62.70 -42.62
N LYS B 30 63.63 -62.00 -41.55
CA LYS B 30 64.19 -62.62 -40.36
C LYS B 30 63.17 -62.84 -39.25
N LEU B 31 61.93 -62.39 -39.42
CA LEU B 31 60.96 -62.46 -38.32
C LEU B 31 60.68 -63.90 -37.90
N SER B 32 60.52 -64.81 -38.86
CA SER B 32 60.20 -66.20 -38.51
C SER B 32 61.28 -66.82 -37.65
N ALA B 33 62.55 -66.60 -37.99
CA ALA B 33 63.65 -67.15 -37.20
C ALA B 33 63.64 -66.59 -35.77
N ARG B 34 63.44 -65.28 -35.64
CA ARG B 34 63.57 -64.60 -34.36
C ARG B 34 62.42 -64.90 -33.40
N GLY B 35 61.40 -65.67 -33.81
CA GLY B 35 60.30 -65.99 -32.93
C GLY B 35 59.38 -64.83 -32.63
N PHE B 36 59.23 -63.89 -33.56
CA PHE B 36 58.31 -62.77 -33.42
C PHE B 36 56.94 -63.27 -32.99
N GLN B 37 56.52 -62.91 -31.77
CA GLN B 37 55.28 -63.42 -31.19
C GLN B 37 54.73 -62.39 -30.23
N THR B 38 53.44 -62.50 -29.93
CA THR B 38 52.81 -61.64 -28.95
C THR B 38 53.03 -62.20 -27.55
N VAL B 39 53.31 -61.31 -26.60
CA VAL B 39 53.48 -61.77 -25.22
C VAL B 39 52.15 -62.36 -24.74
N PRO B 40 52.14 -63.55 -24.13
CA PRO B 40 50.86 -64.13 -23.71
C PRO B 40 49.98 -63.22 -22.87
N ASN B 41 50.57 -62.40 -22.01
CA ASN B 41 49.76 -61.61 -21.08
C ASN B 41 48.97 -60.52 -21.78
N SER B 42 49.49 -59.96 -22.87
CA SER B 42 48.89 -58.77 -23.47
C SER B 42 48.00 -59.10 -24.66
N ARG B 43 47.70 -60.39 -24.89
CA ARG B 43 46.71 -60.72 -25.90
C ARG B 43 45.41 -59.97 -25.60
N THR B 44 44.80 -59.43 -26.66
CA THR B 44 43.57 -58.69 -26.54
C THR B 44 42.73 -59.05 -27.76
N PRO B 45 41.43 -59.30 -27.58
CA PRO B 45 40.59 -59.66 -28.74
C PRO B 45 40.41 -58.53 -29.73
N TYR B 46 40.98 -57.36 -29.48
CA TYR B 46 40.81 -56.20 -30.34
C TYR B 46 41.92 -56.02 -31.37
N LEU B 47 43.01 -56.77 -31.27
CA LEU B 47 44.16 -56.55 -32.14
C LEU B 47 44.73 -57.87 -32.63
N ASP B 48 44.96 -57.96 -33.94
CA ASP B 48 45.65 -59.08 -34.57
C ASP B 48 47.02 -58.62 -35.07
N LEU B 49 48.05 -59.39 -34.74
CA LEU B 49 49.42 -59.08 -35.15
C LEU B 49 49.86 -60.10 -36.20
N ASN B 50 49.95 -59.64 -37.45
CA ASN B 50 50.45 -60.45 -38.55
C ASN B 50 51.96 -60.60 -38.40
N LEU B 51 52.37 -61.84 -38.08
CA LEU B 51 53.74 -62.15 -37.67
C LEU B 51 54.74 -62.17 -38.82
N GLU B 52 54.30 -62.53 -40.02
CA GLU B 52 55.22 -62.62 -41.17
C GLU B 52 55.43 -61.28 -41.86
N THR B 53 54.55 -60.32 -41.61
CA THR B 53 54.75 -58.95 -42.07
C THR B 53 54.97 -57.98 -40.91
N GLY B 54 54.59 -58.37 -39.70
CA GLY B 54 54.71 -57.50 -38.55
C GLY B 54 53.64 -56.43 -38.48
N VAL B 55 52.51 -56.63 -39.12
CA VAL B 55 51.50 -55.56 -39.23
C VAL B 55 50.37 -55.82 -38.24
N LEU B 56 49.97 -54.77 -37.54
CA LEU B 56 48.90 -54.78 -36.57
C LEU B 56 47.62 -54.31 -37.25
N TYR B 57 46.62 -55.18 -37.28
CA TYR B 57 45.31 -54.93 -37.87
C TYR B 57 44.25 -55.04 -36.79
N VAL B 58 43.14 -54.32 -36.97
CA VAL B 58 41.97 -54.50 -36.12
C VAL B 58 41.38 -55.89 -36.34
N ASN B 59 41.01 -56.55 -35.25
CA ASN B 59 40.34 -57.85 -35.31
C ASN B 59 38.87 -57.70 -34.99
N GLU B 60 38.54 -57.72 -33.70
CA GLU B 60 37.18 -57.56 -33.22
C GLU B 60 36.88 -56.08 -32.98
N LYS B 61 35.71 -55.63 -33.41
CA LYS B 61 35.39 -54.21 -33.42
C LYS B 61 35.42 -53.63 -32.01
N ILE B 62 36.02 -52.44 -31.88
CA ILE B 62 36.21 -51.78 -30.59
C ILE B 62 35.03 -50.87 -30.31
N ASP B 63 34.32 -51.11 -29.21
CA ASP B 63 33.30 -50.22 -28.68
C ASP B 63 33.89 -49.49 -27.48
N ARG B 64 34.32 -48.24 -27.68
CA ARG B 64 35.00 -47.51 -26.61
C ARG B 64 34.12 -47.34 -25.38
N GLU B 65 32.81 -47.18 -25.57
CA GLU B 65 31.90 -47.00 -24.44
C GLU B 65 31.95 -48.19 -23.48
N GLN B 66 32.25 -49.37 -23.99
CA GLN B 66 32.24 -50.59 -23.19
C GLN B 66 33.57 -50.84 -22.47
N ILE B 67 34.69 -50.67 -23.18
CA ILE B 67 35.99 -50.99 -22.59
C ILE B 67 36.46 -49.88 -21.67
N CYS B 68 36.20 -48.62 -22.02
CA CYS B 68 36.73 -47.48 -21.29
C CYS B 68 35.66 -46.60 -20.68
N LYS B 69 34.38 -46.95 -20.85
CA LYS B 69 33.28 -46.21 -20.24
C LYS B 69 33.43 -44.73 -20.55
N GLN B 70 33.53 -43.87 -19.53
CA GLN B 70 33.64 -42.43 -19.74
C GLN B 70 35.03 -41.89 -19.43
N SER B 71 36.04 -42.76 -19.41
CA SER B 71 37.41 -42.31 -19.26
C SER B 71 37.76 -41.33 -20.37
N PRO B 72 38.38 -40.18 -20.07
CA PRO B 72 38.83 -39.30 -21.16
C PRO B 72 39.95 -39.90 -22.00
N SER B 73 40.63 -40.94 -21.51
CA SER B 73 41.71 -41.59 -22.24
C SER B 73 41.44 -43.08 -22.33
N CYS B 74 41.78 -43.68 -23.47
CA CYS B 74 41.52 -45.09 -23.73
C CYS B 74 42.70 -45.67 -24.48
N VAL B 75 43.41 -46.61 -23.85
CA VAL B 75 44.66 -47.15 -24.41
C VAL B 75 44.67 -48.66 -24.23
N LEU B 76 44.73 -49.40 -25.34
CA LEU B 76 44.99 -50.83 -25.33
C LEU B 76 46.49 -51.08 -25.32
N HIS B 77 46.94 -51.96 -24.43
CA HIS B 77 48.37 -52.24 -24.25
C HIS B 77 48.69 -53.63 -24.80
N LEU B 78 49.48 -53.66 -25.87
CA LEU B 78 49.93 -54.90 -26.49
C LEU B 78 51.45 -54.98 -26.39
N GLU B 79 51.98 -56.18 -26.20
CA GLU B 79 53.42 -56.39 -26.13
C GLU B 79 53.87 -57.43 -27.15
N VAL B 80 55.00 -57.17 -27.80
CA VAL B 80 55.61 -58.12 -28.73
C VAL B 80 57.04 -58.37 -28.28
N PHE B 81 57.61 -59.49 -28.71
CA PHE B 81 58.97 -59.83 -28.31
C PHE B 81 59.66 -60.67 -29.39
N LEU B 82 60.99 -60.58 -29.43
CA LEU B 82 61.84 -61.41 -30.27
C LEU B 82 62.86 -62.16 -29.42
N GLU B 83 63.42 -63.22 -30.01
CA GLU B 83 64.36 -64.11 -29.35
C GLU B 83 65.72 -64.06 -30.04
N ASN B 84 66.75 -64.45 -29.29
CA ASN B 84 68.10 -64.61 -29.82
C ASN B 84 68.59 -63.40 -30.63
N PRO B 85 68.86 -62.28 -29.95
CA PRO B 85 68.75 -62.06 -28.51
C PRO B 85 67.34 -61.68 -28.06
N LEU B 86 67.10 -61.82 -26.76
CA LEU B 86 65.81 -61.52 -26.17
C LEU B 86 65.57 -60.01 -26.18
N GLU B 87 64.49 -59.58 -26.84
CA GLU B 87 64.13 -58.16 -26.91
C GLU B 87 62.63 -58.02 -26.73
N LEU B 88 62.23 -57.13 -25.82
CA LEU B 88 60.82 -56.89 -25.55
C LEU B 88 60.45 -55.49 -26.05
N PHE B 89 59.30 -55.40 -26.70
CA PHE B 89 58.80 -54.15 -27.28
C PHE B 89 57.37 -53.94 -26.82
N GLN B 90 57.06 -52.72 -26.40
CA GLN B 90 55.72 -52.35 -25.97
C GLN B 90 55.04 -51.52 -27.05
N VAL B 91 53.75 -51.77 -27.25
CA VAL B 91 52.95 -51.13 -28.29
C VAL B 91 51.65 -50.64 -27.65
N GLU B 92 51.45 -49.33 -27.65
CA GLU B 92 50.23 -48.70 -27.16
C GLU B 92 49.34 -48.32 -28.33
N ILE B 93 48.09 -48.76 -28.30
CA ILE B 93 47.10 -48.43 -29.34
C ILE B 93 45.98 -47.63 -28.69
N GLU B 94 45.90 -46.34 -29.04
CA GLU B 94 44.91 -45.42 -28.48
C GLU B 94 43.61 -45.50 -29.27
N VAL B 95 42.50 -45.72 -28.56
CA VAL B 95 41.18 -45.81 -29.19
C VAL B 95 40.51 -44.44 -29.13
N LEU B 96 40.16 -43.89 -30.29
CA LEU B 96 39.51 -42.58 -30.36
C LEU B 96 37.99 -42.73 -30.43
N ASP B 97 37.29 -41.84 -29.74
CA ASP B 97 35.83 -41.88 -29.63
C ASP B 97 35.14 -41.24 -30.85
N ILE B 98 34.07 -41.90 -31.30
CA ILE B 98 33.14 -41.30 -32.26
C ILE B 98 31.81 -41.02 -31.56
N ASN B 99 30.96 -40.25 -32.23
CA ASN B 99 29.67 -39.85 -31.68
C ASN B 99 28.57 -40.80 -32.15
N ASP B 100 28.60 -42.02 -31.60
CA ASP B 100 27.60 -43.03 -31.92
C ASP B 100 26.58 -43.22 -30.80
N ASN B 101 26.44 -42.24 -29.91
CA ASN B 101 25.45 -42.33 -28.83
C ASN B 101 24.80 -40.97 -28.61
N PRO B 102 23.48 -40.93 -28.43
CA PRO B 102 22.81 -39.66 -28.14
C PRO B 102 22.75 -39.43 -26.64
N PRO B 103 22.57 -38.18 -26.22
CA PRO B 103 22.22 -37.93 -24.82
C PRO B 103 20.87 -38.54 -24.47
N SER B 104 20.73 -38.96 -23.21
CA SER B 104 19.51 -39.58 -22.73
C SER B 104 19.23 -39.07 -21.33
N PHE B 105 17.94 -38.90 -21.01
CA PHE B 105 17.53 -38.41 -19.70
C PHE B 105 17.19 -39.57 -18.79
N PRO B 106 17.45 -39.43 -17.48
CA PRO B 106 17.10 -40.52 -16.55
C PRO B 106 15.60 -40.75 -16.44
N GLU B 107 14.79 -39.69 -16.53
CA GLU B 107 13.34 -39.85 -16.58
C GLU B 107 12.79 -39.29 -17.88
N PRO B 108 11.89 -40.00 -18.57
CA PRO B 108 11.33 -39.45 -19.80
C PRO B 108 10.39 -38.29 -19.54
N ASP B 109 9.55 -38.42 -18.51
CA ASP B 109 8.59 -37.39 -18.13
C ASP B 109 8.98 -36.87 -16.75
N LEU B 110 9.18 -35.57 -16.63
CA LEU B 110 9.51 -34.96 -15.35
C LEU B 110 8.34 -34.11 -14.89
N THR B 111 8.05 -34.19 -13.59
CA THR B 111 7.05 -33.36 -12.95
C THR B 111 7.72 -32.59 -11.84
N VAL B 112 7.47 -31.29 -11.80
CA VAL B 112 8.07 -30.41 -10.81
C VAL B 112 6.96 -29.55 -10.22
N GLU B 113 6.97 -29.43 -8.89
CA GLU B 113 5.97 -28.67 -8.17
C GLU B 113 6.56 -27.32 -7.78
N ILE B 114 5.84 -26.25 -8.07
CA ILE B 114 6.32 -24.89 -7.85
C ILE B 114 5.22 -24.10 -7.15
N SER B 115 5.55 -23.53 -6.00
CA SER B 115 4.62 -22.60 -5.36
C SER B 115 4.46 -21.38 -6.26
N GLU B 116 3.21 -20.97 -6.49
CA GLU B 116 2.98 -19.79 -7.31
C GLU B 116 3.57 -18.55 -6.67
N SER B 117 3.97 -18.61 -5.40
CA SER B 117 4.63 -17.51 -4.72
C SER B 117 6.15 -17.59 -4.85
N ALA B 118 6.66 -18.40 -5.75
CA ALA B 118 8.10 -18.43 -6.00
C ALA B 118 8.52 -17.09 -6.60
N THR B 119 9.66 -16.59 -6.16
CA THR B 119 10.09 -15.29 -6.63
C THR B 119 10.79 -15.44 -7.99
N PRO B 120 10.49 -14.56 -8.95
CA PRO B 120 11.26 -14.57 -10.19
C PRO B 120 12.76 -14.51 -9.89
N GLY B 121 13.52 -15.32 -10.62
CA GLY B 121 14.93 -15.49 -10.37
C GLY B 121 15.27 -16.73 -9.58
N THR B 122 14.30 -17.30 -8.85
CA THR B 122 14.56 -18.53 -8.11
C THR B 122 14.94 -19.64 -9.08
N ARG B 123 15.87 -20.48 -8.65
CA ARG B 123 16.39 -21.56 -9.48
C ARG B 123 15.98 -22.91 -8.90
N PHE B 124 15.76 -23.87 -9.80
CA PHE B 124 15.29 -25.20 -9.45
C PHE B 124 16.27 -26.23 -9.98
N PRO B 125 16.84 -27.09 -9.13
CA PRO B 125 17.83 -28.05 -9.60
C PRO B 125 17.18 -29.07 -10.50
N LEU B 126 17.92 -29.47 -11.54
CA LEU B 126 17.43 -30.47 -12.47
C LEU B 126 18.44 -31.59 -12.60
N GLU B 127 17.95 -32.82 -12.65
CA GLU B 127 18.80 -33.97 -12.89
C GLU B 127 19.38 -33.91 -14.29
N SER B 128 20.71 -33.93 -14.39
CA SER B 128 21.36 -33.83 -15.68
C SER B 128 21.18 -35.11 -16.49
N ALA B 129 21.19 -34.94 -17.81
CA ALA B 129 21.24 -36.02 -18.78
C ALA B 129 22.66 -36.53 -18.92
N PHE B 130 22.79 -37.76 -19.43
CA PHE B 130 24.07 -38.42 -19.55
C PHE B 130 24.32 -38.85 -20.99
N ASP B 131 25.52 -38.57 -21.49
CA ASP B 131 25.96 -38.99 -22.82
C ASP B 131 27.21 -39.83 -22.64
N PRO B 132 27.20 -41.11 -23.01
CA PRO B 132 28.36 -41.96 -22.70
C PRO B 132 29.62 -41.62 -23.49
N ASP B 133 29.49 -40.87 -24.58
CA ASP B 133 30.67 -40.42 -25.30
C ASP B 133 31.47 -39.44 -24.44
N VAL B 134 32.69 -39.15 -24.90
CA VAL B 134 33.60 -38.28 -24.17
C VAL B 134 33.99 -37.10 -25.05
N GLY B 135 34.62 -36.12 -24.43
CA GLY B 135 35.11 -34.96 -25.16
C GLY B 135 34.02 -34.25 -25.93
N THR B 136 34.34 -33.85 -27.15
CA THR B 136 33.41 -33.07 -27.96
C THR B 136 32.12 -33.84 -28.23
N ASN B 137 32.15 -35.17 -28.17
CA ASN B 137 30.98 -35.99 -28.44
C ASN B 137 30.09 -36.19 -27.22
N SER B 138 30.49 -35.67 -26.06
CA SER B 138 29.69 -35.80 -24.84
C SER B 138 28.73 -34.62 -24.75
N LEU B 139 28.01 -34.52 -23.64
CA LEU B 139 26.98 -33.50 -23.48
C LEU B 139 27.55 -32.10 -23.67
N ARG B 140 26.83 -31.28 -24.43
CA ARG B 140 27.24 -29.92 -24.74
C ARG B 140 26.30 -28.86 -24.20
N ASP B 141 24.99 -29.04 -24.34
CA ASP B 141 24.09 -27.98 -23.90
C ASP B 141 22.66 -28.50 -23.82
N TYR B 142 21.82 -27.74 -23.11
CA TYR B 142 20.40 -27.99 -22.98
C TYR B 142 19.62 -26.88 -23.66
N GLU B 143 18.38 -27.19 -23.99
CA GLU B 143 17.44 -26.20 -24.53
C GLU B 143 16.04 -26.54 -24.08
N ILE B 144 15.24 -25.50 -23.84
CA ILE B 144 13.85 -25.65 -23.45
C ILE B 144 12.98 -24.92 -24.47
N THR B 145 11.77 -25.44 -24.66
CA THR B 145 10.76 -24.78 -25.49
C THR B 145 10.73 -23.29 -25.17
N PRO B 146 10.81 -22.41 -26.16
CA PRO B 146 10.68 -20.98 -25.87
C PRO B 146 9.37 -20.70 -25.13
N ASN B 147 9.46 -19.94 -24.06
CA ASN B 147 8.28 -19.63 -23.25
C ASN B 147 8.57 -18.36 -22.46
N SER B 148 7.51 -17.84 -21.84
CA SER B 148 7.60 -16.59 -21.10
C SER B 148 7.84 -16.80 -19.61
N TYR B 149 7.68 -18.01 -19.09
CA TYR B 149 7.72 -18.23 -17.65
C TYR B 149 9.03 -18.81 -17.16
N PHE B 150 9.70 -19.64 -17.95
CA PHE B 150 10.93 -20.29 -17.53
C PHE B 150 11.97 -20.17 -18.63
N SER B 151 13.21 -19.90 -18.20
CA SER B 151 14.37 -20.03 -19.04
C SER B 151 15.26 -21.10 -18.43
N LEU B 152 16.30 -21.47 -19.16
CA LEU B 152 17.21 -22.51 -18.70
C LEU B 152 18.58 -21.90 -18.47
N ASP B 153 19.23 -22.32 -17.38
CA ASP B 153 20.58 -21.89 -17.06
C ASP B 153 21.46 -23.13 -16.91
N VAL B 154 22.52 -23.18 -17.72
CA VAL B 154 23.48 -24.27 -17.71
C VAL B 154 24.82 -23.71 -17.24
N GLN B 155 25.32 -24.23 -16.12
CA GLN B 155 26.60 -23.83 -15.57
C GLN B 155 27.50 -25.05 -15.47
N THR B 156 28.71 -24.92 -15.99
CA THR B 156 29.70 -25.99 -15.98
C THR B 156 30.64 -25.73 -14.80
N GLN B 157 30.47 -26.48 -13.72
CA GLN B 157 31.37 -26.37 -12.57
C GLN B 157 32.80 -26.63 -13.01
N GLY B 158 33.04 -27.81 -13.58
CA GLY B 158 34.36 -28.14 -14.07
C GLY B 158 34.38 -29.56 -14.57
N ASP B 159 35.58 -30.04 -14.89
CA ASP B 159 35.79 -31.43 -15.28
C ASP B 159 34.77 -31.87 -16.33
N GLY B 160 34.55 -31.00 -17.31
CA GLY B 160 33.67 -31.31 -18.42
C GLY B 160 32.27 -31.75 -18.03
N ASN B 161 31.75 -31.24 -16.92
CA ASN B 161 30.44 -31.63 -16.42
C ASN B 161 29.51 -30.42 -16.36
N ARG B 162 28.36 -30.53 -16.99
CA ARG B 162 27.39 -29.45 -17.12
C ARG B 162 26.18 -29.73 -16.25
N PHE B 163 25.76 -28.73 -15.49
CA PHE B 163 24.57 -28.80 -14.66
C PHE B 163 23.56 -27.78 -15.16
N ALA B 164 22.29 -28.18 -15.23
CA ALA B 164 21.22 -27.32 -15.72
C ALA B 164 20.16 -27.17 -14.64
N GLU B 165 19.58 -25.98 -14.55
CA GLU B 165 18.53 -25.68 -13.59
C GLU B 165 17.52 -24.72 -14.20
N LEU B 166 16.26 -24.86 -13.80
CA LEU B 166 15.24 -23.92 -14.25
C LEU B 166 15.37 -22.59 -13.52
N VAL B 167 15.14 -21.49 -14.25
CA VAL B 167 15.14 -20.16 -13.66
C VAL B 167 13.73 -19.61 -13.83
N LEU B 168 13.08 -19.30 -12.71
CA LEU B 168 11.76 -18.69 -12.79
C LEU B 168 11.91 -17.28 -13.33
N GLU B 169 11.19 -16.99 -14.40
CA GLU B 169 11.34 -15.75 -15.14
C GLU B 169 10.33 -14.69 -14.73
N LYS B 170 9.08 -15.08 -14.47
CA LYS B 170 8.01 -14.15 -14.13
C LYS B 170 7.08 -14.87 -13.16
N PRO B 171 6.35 -14.12 -12.33
CA PRO B 171 5.53 -14.79 -11.31
C PRO B 171 4.54 -15.74 -11.94
N LEU B 172 4.29 -16.85 -11.25
CA LEU B 172 3.29 -17.80 -11.67
C LEU B 172 1.95 -17.50 -11.01
N ASP B 173 0.88 -17.97 -11.63
CA ASP B 173 -0.47 -17.77 -11.10
C ASP B 173 -1.25 -19.05 -11.33
N ARG B 174 -1.41 -19.83 -10.26
CA ARG B 174 -2.15 -21.09 -10.36
C ARG B 174 -3.59 -20.84 -10.78
N GLU B 175 -4.18 -19.74 -10.31
CA GLU B 175 -5.58 -19.46 -10.62
C GLU B 175 -5.81 -19.21 -12.11
N GLN B 176 -4.78 -18.81 -12.85
CA GLN B 176 -4.89 -18.63 -14.30
C GLN B 176 -4.42 -19.85 -15.07
N GLN B 177 -3.37 -20.52 -14.60
CA GLN B 177 -2.88 -21.74 -15.26
C GLN B 177 -2.08 -22.51 -14.23
N ALA B 178 -2.56 -23.69 -13.85
CA ALA B 178 -1.98 -24.46 -12.77
C ALA B 178 -0.89 -25.43 -13.24
N VAL B 179 -0.78 -25.67 -14.55
CA VAL B 179 0.19 -26.63 -15.06
C VAL B 179 0.78 -26.09 -16.35
N HIS B 180 2.10 -26.14 -16.47
CA HIS B 180 2.80 -25.83 -17.70
C HIS B 180 3.45 -27.10 -18.25
N ARG B 181 3.45 -27.25 -19.56
CA ARG B 181 4.07 -28.39 -20.22
C ARG B 181 5.06 -27.87 -21.25
N TYR B 182 6.29 -28.39 -21.20
CA TYR B 182 7.32 -27.99 -22.15
C TYR B 182 8.10 -29.20 -22.62
N VAL B 183 8.84 -28.98 -23.72
CA VAL B 183 9.71 -29.97 -24.32
C VAL B 183 11.13 -29.61 -23.93
N LEU B 184 11.89 -30.59 -23.44
CA LEU B 184 13.26 -30.36 -23.02
C LEU B 184 14.19 -31.18 -23.89
N THR B 185 15.27 -30.56 -24.37
CA THR B 185 16.21 -31.19 -25.27
C THR B 185 17.63 -31.04 -24.75
N ALA B 186 18.47 -32.02 -25.05
CA ALA B 186 19.87 -31.98 -24.68
C ALA B 186 20.71 -32.44 -25.87
N VAL B 187 21.74 -31.68 -26.23
CA VAL B 187 22.57 -32.00 -27.39
C VAL B 187 24.02 -32.10 -26.97
N ASP B 188 24.72 -33.02 -27.64
CA ASP B 188 26.16 -33.17 -27.51
C ASP B 188 26.86 -32.31 -28.57
N GLY B 189 28.16 -32.48 -28.73
CA GLY B 189 28.92 -31.71 -29.71
C GLY B 189 29.41 -32.56 -30.87
N GLY B 190 28.48 -33.13 -31.62
CA GLY B 190 28.87 -34.00 -32.72
C GLY B 190 29.65 -33.27 -33.79
N GLY B 191 29.21 -32.07 -34.18
CA GLY B 191 29.86 -31.38 -35.27
C GLY B 191 31.33 -31.08 -35.01
N GLY B 192 31.65 -30.67 -33.78
CA GLY B 192 33.01 -30.32 -33.44
C GLY B 192 33.96 -31.50 -33.55
N PRO B 208 36.18 -39.22 -39.73
CA PRO B 208 35.13 -38.72 -40.64
C PRO B 208 34.14 -37.82 -39.93
N PRO B 209 33.38 -37.00 -40.67
CA PRO B 209 32.49 -36.03 -40.04
C PRO B 209 31.49 -36.71 -39.11
N GLN B 210 31.38 -36.18 -37.89
CA GLN B 210 30.42 -36.65 -36.90
C GLN B 210 29.22 -35.71 -36.88
N GLN B 211 28.04 -36.29 -36.68
CA GLN B 211 26.81 -35.49 -36.58
C GLN B 211 26.38 -35.34 -35.13
N GLN B 212 25.69 -34.24 -34.85
CA GLN B 212 25.22 -33.93 -33.51
C GLN B 212 23.95 -34.74 -33.21
N ARG B 213 23.90 -35.34 -32.02
CA ARG B 213 22.78 -36.15 -31.59
C ARG B 213 22.01 -35.43 -30.48
N THR B 214 20.74 -35.81 -30.32
CA THR B 214 19.83 -35.08 -29.46
C THR B 214 19.01 -36.05 -28.62
N GLY B 215 18.75 -35.65 -27.37
CA GLY B 215 17.87 -36.37 -26.47
C GLY B 215 16.72 -35.50 -25.99
N THR B 216 15.63 -36.13 -25.56
CA THR B 216 14.38 -35.42 -25.29
C THR B 216 13.76 -35.91 -23.99
N ALA B 217 13.04 -35.02 -23.32
CA ALA B 217 12.26 -35.36 -22.14
C ALA B 217 11.10 -34.37 -21.99
N LEU B 218 9.95 -34.89 -21.57
CA LEU B 218 8.80 -34.04 -21.29
C LEU B 218 8.94 -33.39 -19.92
N LEU B 219 8.45 -32.15 -19.81
CA LEU B 219 8.57 -31.37 -18.58
C LEU B 219 7.19 -30.93 -18.14
N THR B 220 6.80 -31.33 -16.92
CA THR B 220 5.51 -30.98 -16.33
C THR B 220 5.75 -30.12 -15.10
N ILE B 221 5.16 -28.93 -15.09
CA ILE B 221 5.22 -28.02 -13.96
C ILE B 221 3.83 -27.94 -13.32
N ARG B 222 3.71 -28.44 -12.10
CA ARG B 222 2.51 -28.27 -11.29
C ARG B 222 2.68 -27.06 -10.38
N VAL B 223 1.77 -26.10 -10.50
CA VAL B 223 1.85 -24.86 -9.73
C VAL B 223 1.11 -25.06 -8.41
N LEU B 224 1.81 -24.92 -7.30
CA LEU B 224 1.22 -25.14 -5.99
C LEU B 224 0.50 -23.87 -5.52
N ASP B 225 -0.67 -24.07 -4.93
CA ASP B 225 -1.52 -22.94 -4.57
C ASP B 225 -0.95 -22.21 -3.36
N SER B 226 -1.13 -20.88 -3.36
CA SER B 226 -0.88 -20.06 -2.19
C SER B 226 -2.08 -19.17 -1.96
N ASN B 227 -2.30 -18.83 -0.69
CA ASN B 227 -3.45 -18.03 -0.28
C ASN B 227 -3.20 -16.57 -0.65
N ASP B 228 -3.27 -16.28 -1.94
CA ASP B 228 -2.95 -14.97 -2.47
C ASP B 228 -4.16 -14.22 -3.03
N ASN B 229 -5.37 -14.72 -2.80
CA ASN B 229 -6.58 -14.04 -3.23
C ASN B 229 -7.48 -13.75 -2.03
N VAL B 230 -8.01 -12.53 -1.99
CA VAL B 230 -8.89 -12.10 -0.91
C VAL B 230 -10.34 -12.26 -1.38
N PRO B 231 -11.26 -12.67 -0.51
CA PRO B 231 -12.67 -12.69 -0.91
C PRO B 231 -13.11 -11.34 -1.45
N ALA B 232 -14.00 -11.37 -2.44
CA ALA B 232 -14.37 -10.16 -3.18
C ALA B 232 -15.87 -10.10 -3.36
N PHE B 233 -16.47 -9.01 -2.88
CA PHE B 233 -17.87 -8.69 -3.17
C PHE B 233 -17.95 -7.85 -4.44
N ASP B 234 -18.96 -8.12 -5.26
CA ASP B 234 -19.12 -7.36 -6.51
C ASP B 234 -19.43 -5.88 -6.24
N GLN B 235 -19.95 -5.56 -5.06
CA GLN B 235 -20.23 -4.18 -4.67
C GLN B 235 -19.72 -3.94 -3.26
N PRO B 236 -19.39 -2.68 -2.93
CA PRO B 236 -19.01 -2.38 -1.55
C PRO B 236 -20.19 -2.18 -0.62
N VAL B 237 -21.36 -1.83 -1.16
CA VAL B 237 -22.55 -1.63 -0.35
C VAL B 237 -23.75 -2.20 -1.11
N TYR B 238 -24.60 -2.93 -0.42
CA TYR B 238 -25.85 -3.42 -0.97
C TYR B 238 -27.02 -2.79 -0.20
N THR B 239 -28.05 -2.37 -0.92
CA THR B 239 -29.23 -1.75 -0.33
C THR B 239 -30.44 -2.64 -0.56
N VAL B 240 -31.16 -2.93 0.52
CA VAL B 240 -32.32 -3.81 0.48
C VAL B 240 -33.49 -3.11 1.16
N SER B 241 -34.68 -3.27 0.59
CA SER B 241 -35.90 -2.70 1.15
C SER B 241 -36.85 -3.83 1.52
N LEU B 242 -37.38 -3.79 2.74
CA LEU B 242 -38.27 -4.81 3.26
C LEU B 242 -39.39 -4.17 4.05
N PRO B 243 -40.56 -4.79 4.10
CA PRO B 243 -41.63 -4.27 4.96
C PRO B 243 -41.36 -4.60 6.42
N GLU B 244 -41.66 -3.62 7.28
CA GLU B 244 -41.54 -3.85 8.72
C GLU B 244 -42.40 -5.06 9.06
N ASN B 245 -42.11 -5.71 10.19
CA ASN B 245 -42.78 -6.94 10.60
C ASN B 245 -42.51 -8.08 9.64
N SER B 246 -41.53 -7.94 8.74
CA SER B 246 -41.12 -9.05 7.93
C SER B 246 -40.76 -10.22 8.85
N PRO B 247 -41.33 -11.40 8.64
CA PRO B 247 -41.19 -12.47 9.62
C PRO B 247 -39.75 -12.94 9.69
N PRO B 248 -39.25 -13.27 10.88
CA PRO B 248 -37.91 -13.85 10.97
C PRO B 248 -37.76 -15.01 10.01
N GLY B 249 -36.53 -15.19 9.51
CA GLY B 249 -36.27 -16.11 8.44
C GLY B 249 -36.48 -15.52 7.06
N THR B 250 -37.09 -14.34 6.96
CA THR B 250 -37.21 -13.66 5.68
C THR B 250 -35.82 -13.37 5.13
N LEU B 251 -35.65 -13.60 3.83
CA LEU B 251 -34.35 -13.40 3.20
C LEU B 251 -34.06 -11.92 3.10
N VAL B 252 -32.93 -11.48 3.66
CA VAL B 252 -32.47 -10.11 3.50
C VAL B 252 -31.63 -10.04 2.22
N ILE B 253 -30.53 -10.81 2.17
CA ILE B 253 -29.70 -10.82 0.97
C ILE B 253 -28.80 -12.05 1.02
N GLN B 254 -28.50 -12.59 -0.16
CA GLN B 254 -27.60 -13.74 -0.29
C GLN B 254 -26.26 -13.27 -0.86
N LEU B 255 -25.29 -13.08 0.03
CA LEU B 255 -23.98 -12.61 -0.37
C LEU B 255 -23.19 -13.69 -1.10
N ASN B 256 -22.25 -13.25 -1.93
CA ASN B 256 -21.39 -14.17 -2.67
C ASN B 256 -19.99 -13.55 -2.72
N ALA B 257 -19.09 -14.07 -1.87
CA ALA B 257 -17.70 -13.67 -1.87
C ALA B 257 -16.94 -14.55 -2.86
N THR B 258 -15.66 -14.26 -3.07
CA THR B 258 -14.91 -15.01 -4.06
C THR B 258 -13.44 -15.09 -3.72
N ASP B 259 -12.92 -16.32 -3.77
CA ASP B 259 -11.52 -16.58 -3.50
C ASP B 259 -11.17 -17.73 -4.43
N PRO B 260 -10.64 -17.43 -5.62
CA PRO B 260 -10.45 -18.47 -6.62
C PRO B 260 -9.38 -19.49 -6.26
N ASP B 261 -8.83 -19.37 -5.06
CA ASP B 261 -7.79 -20.28 -4.58
C ASP B 261 -8.32 -21.71 -4.45
N GLU B 262 -7.46 -22.61 -4.00
CA GLU B 262 -7.78 -24.03 -3.87
C GLU B 262 -7.93 -24.40 -2.41
N GLY B 263 -8.81 -25.36 -2.14
CA GLY B 263 -8.97 -25.88 -0.80
C GLY B 263 -9.40 -24.80 0.18
N GLN B 264 -8.88 -24.91 1.41
CA GLN B 264 -9.23 -23.95 2.45
C GLN B 264 -8.90 -22.52 2.05
N ASN B 265 -7.87 -22.33 1.22
CA ASN B 265 -7.51 -20.99 0.76
C ASN B 265 -8.66 -20.33 0.01
N GLY B 266 -9.56 -21.11 -0.55
CA GLY B 266 -10.66 -20.58 -1.35
C GLY B 266 -12.02 -20.73 -0.69
N GLU B 267 -12.07 -21.37 0.47
CA GLU B 267 -13.31 -21.50 1.22
C GLU B 267 -13.52 -20.26 2.07
N VAL B 268 -14.69 -19.64 1.93
CA VAL B 268 -14.97 -18.34 2.53
C VAL B 268 -16.01 -18.52 3.62
N VAL B 269 -15.79 -17.84 4.75
CA VAL B 269 -16.75 -17.78 5.84
C VAL B 269 -17.12 -16.32 6.08
N TYR B 270 -18.41 -16.09 6.34
CA TYR B 270 -18.95 -14.76 6.58
C TYR B 270 -19.28 -14.58 8.06
N SER B 271 -19.09 -13.35 8.54
CA SER B 271 -19.36 -13.02 9.93
C SER B 271 -19.65 -11.53 10.01
N PHE B 272 -20.16 -11.10 11.17
CA PHE B 272 -20.44 -9.69 11.39
C PHE B 272 -19.15 -8.94 11.65
N SER B 273 -19.04 -7.75 11.07
CA SER B 273 -17.90 -6.87 11.30
C SER B 273 -18.03 -6.18 12.66
N SER B 274 -16.93 -5.55 13.08
CA SER B 274 -16.88 -4.89 14.38
C SER B 274 -17.73 -3.62 14.47
N HIS B 275 -18.05 -3.00 13.33
CA HIS B 275 -18.77 -1.73 13.38
C HIS B 275 -20.23 -1.87 13.79
N ILE B 276 -20.80 -3.07 13.69
CA ILE B 276 -22.25 -3.19 13.66
C ILE B 276 -22.81 -2.99 15.06
N SER B 277 -23.93 -2.25 15.13
CA SER B 277 -24.61 -2.02 16.40
C SER B 277 -25.16 -3.32 16.96
N PRO B 278 -25.24 -3.43 18.29
CA PRO B 278 -25.82 -4.66 18.87
C PRO B 278 -27.27 -4.88 18.51
N ARG B 279 -28.00 -3.80 18.19
CA ARG B 279 -29.41 -3.95 17.80
C ARG B 279 -29.51 -4.71 16.48
N ALA B 280 -28.65 -4.35 15.51
CA ALA B 280 -28.63 -5.10 14.25
C ALA B 280 -28.21 -6.54 14.48
N ARG B 281 -27.26 -6.77 15.40
CA ARG B 281 -26.87 -8.14 15.71
C ARG B 281 -28.02 -8.92 16.30
N GLU B 282 -28.92 -8.25 17.03
CA GLU B 282 -30.12 -8.92 17.52
C GLU B 282 -31.10 -9.19 16.39
N LEU B 283 -31.29 -8.23 15.49
CA LEU B 283 -32.36 -8.28 14.51
C LEU B 283 -32.02 -9.12 13.28
N PHE B 284 -30.77 -9.54 13.10
CA PHE B 284 -30.39 -10.26 11.90
C PHE B 284 -29.55 -11.48 12.25
N GLY B 285 -29.67 -12.49 11.40
CA GLY B 285 -28.86 -13.69 11.52
C GLY B 285 -28.16 -13.97 10.21
N LEU B 286 -26.89 -14.32 10.31
CA LEU B 286 -26.03 -14.54 9.15
C LEU B 286 -25.44 -15.94 9.24
N SER B 287 -25.68 -16.74 8.22
CA SER B 287 -25.16 -18.09 8.22
C SER B 287 -23.70 -18.08 7.81
N PRO B 288 -22.79 -18.65 8.61
CA PRO B 288 -21.36 -18.41 8.39
C PRO B 288 -20.85 -18.88 7.04
N ARG B 289 -21.42 -19.95 6.47
CA ARG B 289 -20.81 -20.59 5.31
C ARG B 289 -21.36 -20.07 3.98
N THR B 290 -22.66 -19.86 3.88
CA THR B 290 -23.28 -19.47 2.62
C THR B 290 -23.38 -17.96 2.42
N GLY B 291 -23.23 -17.17 3.49
CA GLY B 291 -23.43 -15.75 3.38
C GLY B 291 -24.88 -15.33 3.31
N ARG B 292 -25.79 -16.18 3.78
CA ARG B 292 -27.22 -15.89 3.74
C ARG B 292 -27.57 -15.00 4.92
N LEU B 293 -27.92 -13.75 4.63
CA LEU B 293 -28.35 -12.79 5.64
C LEU B 293 -29.87 -12.77 5.68
N GLU B 294 -30.43 -13.04 6.87
CA GLU B 294 -31.87 -13.16 7.06
C GLU B 294 -32.29 -12.38 8.30
N VAL B 295 -33.59 -12.16 8.39
CA VAL B 295 -34.20 -11.49 9.55
C VAL B 295 -34.34 -12.51 10.67
N SER B 296 -34.01 -12.09 11.90
CA SER B 296 -34.17 -12.93 13.07
C SER B 296 -34.91 -12.22 14.21
N GLY B 297 -35.38 -10.99 13.99
CA GLY B 297 -36.12 -10.26 15.00
C GLY B 297 -37.24 -9.45 14.36
N GLU B 298 -37.94 -8.69 15.20
CA GLU B 298 -39.04 -7.88 14.70
C GLU B 298 -38.50 -6.55 14.18
N LEU B 299 -38.77 -6.27 12.91
CA LEU B 299 -38.43 -4.98 12.31
C LEU B 299 -39.58 -4.01 12.58
N ASP B 300 -39.32 -2.99 13.37
CA ASP B 300 -40.31 -1.98 13.74
C ASP B 300 -39.90 -0.68 13.07
N TYR B 301 -40.58 -0.33 11.98
CA TYR B 301 -40.30 0.93 11.30
C TYR B 301 -40.31 2.09 12.29
N GLU B 302 -41.27 2.08 13.22
CA GLU B 302 -41.37 3.15 14.19
C GLU B 302 -40.14 3.21 15.10
N GLU B 303 -39.44 2.08 15.29
CA GLU B 303 -38.18 2.11 16.02
C GLU B 303 -37.09 2.76 15.20
N SER B 304 -36.93 2.33 13.94
CA SER B 304 -35.91 2.90 13.06
C SER B 304 -36.23 2.50 11.63
N PRO B 305 -36.15 3.43 10.67
CA PRO B 305 -36.49 3.09 9.30
C PRO B 305 -35.38 2.39 8.54
N VAL B 306 -34.17 2.33 9.09
CA VAL B 306 -33.02 1.78 8.39
C VAL B 306 -32.09 1.13 9.41
N TYR B 307 -31.35 0.11 8.96
CA TYR B 307 -30.33 -0.53 9.76
C TYR B 307 -29.10 -0.75 8.91
N GLN B 308 -27.94 -0.69 9.56
CA GLN B 308 -26.64 -0.78 8.91
C GLN B 308 -25.98 -2.08 9.37
N VAL B 309 -25.82 -3.01 8.43
CA VAL B 309 -25.24 -4.32 8.71
C VAL B 309 -23.85 -4.35 8.13
N TYR B 310 -22.85 -4.56 8.99
CA TYR B 310 -21.45 -4.60 8.58
C TYR B 310 -20.94 -6.04 8.59
N VAL B 311 -20.53 -6.52 7.42
CA VAL B 311 -20.12 -7.91 7.21
C VAL B 311 -18.64 -7.96 6.85
N GLN B 312 -18.00 -9.04 7.27
CA GLN B 312 -16.68 -9.41 6.79
C GLN B 312 -16.71 -10.85 6.31
N ALA B 313 -15.98 -11.12 5.22
CA ALA B 313 -15.78 -12.46 4.70
C ALA B 313 -14.29 -12.76 4.71
N LYS B 314 -13.94 -14.04 4.91
CA LYS B 314 -12.55 -14.39 5.08
C LYS B 314 -12.35 -15.85 4.69
N ASP B 315 -11.30 -16.12 3.93
CA ASP B 315 -11.05 -17.50 3.56
C ASP B 315 -10.37 -18.24 4.71
N LEU B 316 -10.26 -19.56 4.56
CA LEU B 316 -9.79 -20.42 5.63
C LEU B 316 -8.33 -20.82 5.49
N GLY B 317 -7.59 -20.17 4.61
CA GLY B 317 -6.20 -20.47 4.41
C GLY B 317 -5.32 -19.64 5.31
N PRO B 318 -4.01 -19.89 5.27
CA PRO B 318 -3.09 -19.08 6.05
C PRO B 318 -2.93 -17.70 5.45
N ASN B 319 -2.65 -16.73 6.32
CA ASN B 319 -2.47 -15.34 5.91
C ASN B 319 -3.74 -14.76 5.32
N ALA B 320 -4.90 -15.32 5.66
CA ALA B 320 -6.15 -14.84 5.10
C ALA B 320 -6.34 -13.37 5.44
N VAL B 321 -6.85 -12.62 4.48
CA VAL B 321 -7.09 -11.19 4.63
C VAL B 321 -8.60 -10.98 4.62
N PRO B 322 -9.17 -10.32 5.63
CA PRO B 322 -10.62 -10.12 5.63
C PRO B 322 -11.04 -9.11 4.58
N ALA B 323 -12.17 -9.38 3.95
CA ALA B 323 -12.86 -8.43 3.10
C ALA B 323 -14.11 -7.97 3.83
N HIS B 324 -14.62 -6.81 3.44
CA HIS B 324 -15.71 -6.20 4.16
C HIS B 324 -16.76 -5.69 3.19
N CYS B 325 -18.02 -5.72 3.63
CA CYS B 325 -19.08 -5.10 2.86
C CYS B 325 -20.13 -4.57 3.83
N LYS B 326 -21.04 -3.77 3.31
CA LYS B 326 -22.03 -3.09 4.12
C LYS B 326 -23.39 -3.24 3.46
N VAL B 327 -24.36 -3.74 4.22
CA VAL B 327 -25.72 -3.93 3.75
C VAL B 327 -26.57 -2.86 4.41
N LEU B 328 -27.21 -2.03 3.59
CA LEU B 328 -28.10 -0.98 4.09
C LEU B 328 -29.53 -1.45 3.90
N VAL B 329 -30.20 -1.75 5.00
CA VAL B 329 -31.55 -2.32 4.95
C VAL B 329 -32.52 -1.23 5.37
N ARG B 330 -33.27 -0.69 4.42
CA ARG B 330 -34.27 0.32 4.70
C ARG B 330 -35.61 -0.35 5.00
N VAL B 331 -36.21 0.00 6.12
CA VAL B 331 -37.48 -0.58 6.56
C VAL B 331 -38.62 0.22 5.95
N LEU B 332 -39.68 -0.48 5.56
CA LEU B 332 -40.87 0.12 4.98
C LEU B 332 -42.00 0.10 5.99
N ASP B 333 -42.66 1.24 6.17
CA ASP B 333 -43.69 1.37 7.19
C ASP B 333 -44.96 0.62 6.79
N ALA B 334 -45.53 -0.08 7.75
CA ALA B 334 -46.84 -0.73 7.62
C ALA B 334 -47.81 -0.12 8.62
N ASN B 335 -49.10 -0.39 8.40
CA ASN B 335 -50.15 0.12 9.28
C ASN B 335 -50.40 -0.90 10.39
N ASP B 336 -49.55 -0.83 11.43
CA ASP B 336 -49.62 -1.77 12.55
C ASP B 336 -49.87 -1.08 13.89
N ASN B 337 -50.34 0.17 13.88
CA ASN B 337 -50.68 0.87 15.12
C ASN B 337 -52.02 1.57 14.95
N ALA B 338 -52.93 1.31 15.89
CA ALA B 338 -54.23 1.97 15.88
C ALA B 338 -54.16 3.31 16.63
N PRO B 339 -54.97 4.29 16.22
CA PRO B 339 -54.94 5.58 16.90
C PRO B 339 -55.32 5.48 18.36
N GLU B 340 -54.75 6.39 19.16
CA GLU B 340 -55.00 6.46 20.60
C GLU B 340 -55.72 7.77 20.90
N ILE B 341 -56.85 7.67 21.61
CA ILE B 341 -57.66 8.81 21.98
C ILE B 341 -57.34 9.21 23.42
N SER B 342 -57.25 10.51 23.68
CA SER B 342 -56.93 11.02 25.00
C SER B 342 -57.72 12.29 25.26
N PHE B 343 -58.66 12.22 26.20
CA PHE B 343 -59.43 13.38 26.61
C PHE B 343 -58.68 14.18 27.67
N SER B 344 -58.60 15.49 27.48
CA SER B 344 -57.94 16.38 28.43
C SER B 344 -58.91 16.89 29.49
N THR B 345 -60.14 17.17 29.11
CA THR B 345 -61.12 17.67 30.06
C THR B 345 -62.52 17.30 29.61
N VAL B 346 -63.36 17.01 30.60
CA VAL B 346 -64.76 16.65 30.43
C VAL B 346 -65.56 17.42 31.48
N LYS B 347 -66.56 18.17 31.03
CA LYS B 347 -67.48 18.84 31.93
C LYS B 347 -68.53 17.85 32.41
N GLU B 348 -68.60 17.61 33.72
CA GLU B 348 -69.68 16.79 34.24
C GLU B 348 -71.03 17.37 33.87
N ALA B 349 -71.18 18.68 33.98
CA ALA B 349 -72.47 19.32 33.79
C ALA B 349 -72.51 20.13 32.50
N VAL B 350 -73.68 20.12 31.86
CA VAL B 350 -74.00 20.98 30.73
C VAL B 350 -75.38 21.57 31.01
N SER B 351 -75.53 22.86 30.76
CA SER B 351 -76.82 23.50 31.01
C SER B 351 -77.89 22.89 30.11
N GLU B 352 -79.13 22.80 30.62
CA GLU B 352 -80.22 22.29 29.80
C GLU B 352 -80.30 23.07 28.51
N GLY B 353 -80.46 24.39 28.63
CA GLY B 353 -80.56 25.24 27.48
C GLY B 353 -79.19 25.75 27.09
N ALA B 354 -78.21 24.84 27.03
CA ALA B 354 -76.89 25.24 26.59
C ALA B 354 -76.98 25.51 25.10
N ALA B 355 -76.78 26.78 24.73
CA ALA B 355 -76.98 27.16 23.36
C ALA B 355 -75.95 26.49 22.46
N PRO B 356 -76.24 26.38 21.16
CA PRO B 356 -75.27 25.79 20.24
C PRO B 356 -73.87 26.37 20.46
N GLY B 357 -72.86 25.52 20.25
CA GLY B 357 -71.48 25.93 20.34
C GLY B 357 -70.86 25.77 21.71
N THR B 358 -71.63 25.40 22.73
CA THR B 358 -71.09 25.21 24.06
C THR B 358 -70.16 24.01 24.07
N VAL B 359 -68.90 24.23 24.49
CA VAL B 359 -67.93 23.14 24.50
C VAL B 359 -68.26 22.18 25.64
N VAL B 360 -68.14 20.89 25.35
CA VAL B 360 -68.44 19.85 26.34
C VAL B 360 -67.18 19.07 26.64
N ALA B 361 -66.29 18.93 25.67
CA ALA B 361 -65.12 18.12 25.98
C ALA B 361 -63.97 18.45 25.03
N LEU B 362 -62.76 18.11 25.47
CA LEU B 362 -61.56 18.29 24.66
C LEU B 362 -60.80 16.98 24.58
N PHE B 363 -60.16 16.74 23.43
CA PHE B 363 -59.32 15.54 23.30
C PHE B 363 -58.35 15.74 22.14
N SER B 364 -57.43 14.79 22.01
CA SER B 364 -56.43 14.78 20.95
C SER B 364 -56.26 13.35 20.46
N VAL B 365 -55.66 13.21 19.28
CA VAL B 365 -55.44 11.90 18.68
C VAL B 365 -54.00 11.79 18.20
N THR B 366 -53.47 10.57 18.28
CA THR B 366 -52.12 10.25 17.83
C THR B 366 -52.12 8.90 17.13
N ASP B 367 -51.11 8.68 16.30
CA ASP B 367 -50.94 7.40 15.61
C ASP B 367 -49.44 7.19 15.43
N ARG B 368 -48.91 6.14 16.06
CA ARG B 368 -47.48 5.90 16.05
C ARG B 368 -46.93 5.67 14.65
N ASP B 369 -47.78 5.46 13.66
CA ASP B 369 -47.36 5.17 12.30
C ASP B 369 -46.92 6.46 11.60
N SER B 370 -46.67 6.38 10.29
CA SER B 370 -46.22 7.51 9.50
C SER B 370 -47.00 7.57 8.21
N GLU B 371 -46.98 8.73 7.57
CA GLU B 371 -47.67 8.96 6.29
C GLU B 371 -49.16 8.69 6.49
N GLU B 372 -49.84 8.12 5.50
CA GLU B 372 -51.27 7.86 5.62
C GLU B 372 -51.57 6.96 6.81
N ASN B 373 -50.68 6.00 7.09
CA ASN B 373 -50.89 5.11 8.22
C ASN B 373 -50.94 5.87 9.54
N GLY B 374 -50.35 7.07 9.59
CA GLY B 374 -50.42 7.92 10.76
C GLY B 374 -51.34 9.11 10.64
N GLN B 375 -52.08 9.24 9.54
CA GLN B 375 -53.08 10.29 9.40
C GLN B 375 -54.40 9.79 9.97
N VAL B 376 -55.03 10.60 10.81
CA VAL B 376 -56.22 10.19 11.56
C VAL B 376 -57.38 11.08 11.17
N GLN B 377 -58.51 10.47 10.87
CA GLN B 377 -59.79 11.14 10.73
C GLN B 377 -60.67 10.71 11.90
N CYS B 378 -61.53 11.61 12.34
CA CYS B 378 -62.31 11.40 13.56
C CYS B 378 -63.80 11.51 13.26
N GLU B 379 -64.60 10.77 14.04
CA GLU B 379 -66.04 10.79 13.89
C GLU B 379 -66.72 10.70 15.26
N LEU B 380 -67.81 11.45 15.42
CA LEU B 380 -68.64 11.39 16.61
C LEU B 380 -69.82 10.48 16.32
N LEU B 381 -70.05 9.49 17.19
CA LEU B 381 -70.96 8.41 16.87
C LEU B 381 -72.41 8.82 17.05
N GLY B 382 -73.27 8.31 16.18
CA GLY B 382 -74.71 8.46 16.32
C GLY B 382 -75.21 9.79 15.79
N ASP B 383 -76.54 9.91 15.80
CA ASP B 383 -77.21 11.16 15.47
C ASP B 383 -77.64 11.81 16.78
N VAL B 384 -77.00 12.92 17.11
CA VAL B 384 -77.19 13.59 18.40
C VAL B 384 -77.00 15.08 18.13
N PRO B 385 -77.39 15.97 19.02
CA PRO B 385 -77.15 17.39 18.75
C PRO B 385 -75.66 17.70 18.73
N PHE B 386 -74.87 17.20 19.68
CA PHE B 386 -73.46 17.54 19.72
C PHE B 386 -72.76 17.30 18.40
N ARG B 387 -71.75 18.13 18.13
CA ARG B 387 -70.94 18.03 16.94
C ARG B 387 -69.48 18.27 17.31
N LEU B 388 -68.61 18.07 16.31
CA LEU B 388 -67.17 18.02 16.53
C LEU B 388 -66.49 19.16 15.78
N LYS B 389 -65.65 19.89 16.50
CA LYS B 389 -64.83 20.95 15.94
C LYS B 389 -63.36 20.59 16.15
N SER B 390 -62.48 21.25 15.41
CA SER B 390 -61.04 21.12 15.63
C SER B 390 -60.48 22.53 15.76
N SER B 391 -60.10 22.89 16.99
CA SER B 391 -59.50 24.20 17.25
C SER B 391 -58.03 24.20 16.90
N PHE B 392 -57.24 23.33 17.53
CA PHE B 392 -55.80 23.30 17.36
C PHE B 392 -55.40 22.06 16.59
N LYS B 393 -54.12 22.00 16.27
CA LYS B 393 -53.56 20.85 15.57
C LYS B 393 -53.68 19.60 16.42
N ASN B 394 -54.22 18.53 15.84
CA ASN B 394 -54.34 17.25 16.52
C ASN B 394 -55.22 17.35 17.75
N TYR B 395 -55.99 18.44 17.87
CA TYR B 395 -56.88 18.65 18.99
C TYR B 395 -58.30 18.91 18.50
N TYR B 396 -59.26 18.25 19.16
CA TYR B 396 -60.66 18.31 18.79
C TYR B 396 -61.48 18.66 20.02
N THR B 397 -62.66 19.23 19.75
CA THR B 397 -63.59 19.66 20.79
C THR B 397 -64.97 19.11 20.47
N ILE B 398 -65.70 18.78 21.52
CA ILE B 398 -67.10 18.34 21.42
C ILE B 398 -67.95 19.49 21.94
N VAL B 399 -68.79 20.03 21.06
CA VAL B 399 -69.64 21.18 21.35
C VAL B 399 -71.10 20.80 21.11
N THR B 400 -71.99 21.66 21.60
CA THR B 400 -73.42 21.52 21.32
C THR B 400 -73.73 22.11 19.95
N GLU B 401 -74.84 21.67 19.36
CA GLU B 401 -75.19 22.15 18.02
C GLU B 401 -76.66 22.58 17.95
N ALA B 402 -77.55 21.90 18.69
CA ALA B 402 -78.99 22.09 18.53
C ALA B 402 -79.69 22.13 19.90
N PRO B 403 -81.02 22.27 19.97
CA PRO B 403 -81.66 22.21 21.30
C PRO B 403 -81.52 20.83 21.92
N LEU B 404 -81.29 20.81 23.22
CA LEU B 404 -80.89 19.59 23.90
C LEU B 404 -82.11 18.71 24.16
N ASP B 405 -82.07 17.49 23.63
CA ASP B 405 -83.12 16.52 23.92
C ASP B 405 -82.99 16.08 25.37
N ARG B 406 -84.11 16.10 26.10
CA ARG B 406 -84.14 15.75 27.52
C ARG B 406 -83.51 16.84 28.38
N GLU B 407 -83.65 16.71 29.70
CA GLU B 407 -83.29 17.80 30.60
C GLU B 407 -82.97 17.26 31.98
N ALA B 408 -82.30 18.10 32.78
CA ALA B 408 -82.07 17.82 34.20
C ALA B 408 -81.42 16.46 34.42
N GLY B 409 -82.08 15.59 35.19
CA GLY B 409 -81.40 14.40 35.69
C GLY B 409 -80.81 13.54 34.60
N ASP B 410 -81.47 13.48 33.43
CA ASP B 410 -80.97 12.63 32.37
C ASP B 410 -79.55 13.03 31.99
N SER B 411 -78.70 12.05 31.72
CA SER B 411 -77.33 12.29 31.30
C SER B 411 -77.12 11.89 29.84
N TYR B 412 -76.18 12.58 29.20
CA TYR B 412 -75.73 12.27 27.85
C TYR B 412 -74.32 11.68 27.93
N THR B 413 -74.16 10.46 27.41
CA THR B 413 -72.86 9.79 27.37
C THR B 413 -72.48 9.55 25.92
N LEU B 414 -71.21 9.82 25.57
CA LEU B 414 -70.79 9.77 24.17
C LEU B 414 -69.37 9.27 23.95
N THR B 415 -69.25 8.50 22.87
CA THR B 415 -68.02 7.88 22.40
C THR B 415 -67.62 8.42 21.03
N VAL B 416 -66.33 8.65 20.84
CA VAL B 416 -65.80 9.06 19.55
C VAL B 416 -65.01 7.89 18.97
N VAL B 417 -65.06 7.76 17.64
CA VAL B 417 -64.35 6.73 16.90
C VAL B 417 -63.30 7.43 16.04
N ALA B 418 -62.05 7.06 16.23
CA ALA B 418 -60.92 7.57 15.46
C ALA B 418 -60.43 6.48 14.53
N ARG B 419 -60.26 6.82 13.24
CA ARG B 419 -59.84 5.85 12.23
C ARG B 419 -58.68 6.43 11.44
N ASP B 420 -57.64 5.62 11.22
CA ASP B 420 -56.51 6.06 10.42
C ASP B 420 -56.77 5.74 8.95
N ARG B 421 -55.84 6.17 8.09
CA ARG B 421 -55.99 6.05 6.64
C ARG B 421 -54.99 5.05 6.05
N GLY B 422 -54.70 3.98 6.79
CA GLY B 422 -53.85 2.92 6.29
C GLY B 422 -54.65 1.84 5.59
N GLU B 423 -53.93 0.84 5.09
CA GLU B 423 -54.57 -0.29 4.43
C GLU B 423 -53.98 -1.60 4.94
N PRO B 424 -54.74 -2.36 5.75
CA PRO B 424 -56.10 -2.07 6.25
C PRO B 424 -56.14 -0.92 7.25
N ALA B 425 -57.27 -0.23 7.31
CA ALA B 425 -57.44 0.86 8.27
C ALA B 425 -57.63 0.31 9.68
N LEU B 426 -57.33 1.15 10.67
CA LEU B 426 -57.47 0.79 12.07
C LEU B 426 -58.23 1.90 12.81
N SER B 427 -59.03 1.50 13.80
CA SER B 427 -59.87 2.46 14.52
C SER B 427 -59.97 2.10 16.00
N THR B 428 -60.30 3.12 16.79
CA THR B 428 -60.43 3.03 18.25
C THR B 428 -61.60 3.88 18.70
N SER B 429 -62.13 3.60 19.89
CA SER B 429 -63.25 4.36 20.44
C SER B 429 -62.95 4.77 21.87
N LYS B 430 -63.66 5.80 22.36
CA LYS B 430 -63.49 6.24 23.74
C LYS B 430 -64.69 7.05 24.24
N SER B 431 -65.09 6.81 25.49
CA SER B 431 -66.36 7.23 26.06
C SER B 431 -66.19 8.31 27.13
N ILE B 432 -67.24 9.11 27.32
CA ILE B 432 -67.30 10.10 28.39
C ILE B 432 -68.75 10.21 28.85
N GLN B 433 -68.93 10.52 30.14
CA GLN B 433 -70.25 10.78 30.70
C GLN B 433 -70.40 12.28 30.96
N VAL B 434 -71.48 12.85 30.44
CA VAL B 434 -71.86 14.24 30.56
C VAL B 434 -73.28 14.25 31.08
N GLN B 435 -73.67 15.33 31.75
CA GLN B 435 -74.99 15.38 32.37
C GLN B 435 -75.53 16.81 32.37
N VAL B 436 -76.86 16.91 32.40
CA VAL B 436 -77.55 18.18 32.26
C VAL B 436 -77.75 18.79 33.65
N SER B 437 -77.45 20.08 33.77
CA SER B 437 -77.69 20.81 35.00
C SER B 437 -78.94 21.67 34.82
N ASP B 438 -79.39 22.29 35.92
CA ASP B 438 -80.57 23.14 35.88
C ASP B 438 -80.16 24.60 35.83
N HIS B 439 -80.85 25.38 35.00
CA HIS B 439 -80.50 26.78 34.81
C HIS B 439 -81.61 27.53 34.08
N SER C 1 25.47 -12.80 -15.77
CA SER C 1 24.50 -12.66 -16.85
C SER C 1 23.57 -11.49 -16.57
N GLN C 2 22.94 -11.56 -15.41
CA GLN C 2 22.01 -10.56 -14.92
C GLN C 2 22.49 -10.04 -13.58
N LEU C 3 22.50 -8.72 -13.42
CA LEU C 3 23.00 -8.08 -12.22
C LEU C 3 22.04 -6.99 -11.77
N HIS C 4 22.00 -6.79 -10.45
CA HIS C 4 21.09 -5.83 -9.85
C HIS C 4 21.87 -4.88 -8.95
N TYR C 5 21.71 -3.58 -9.20
CA TYR C 5 22.28 -2.56 -8.34
C TYR C 5 21.20 -1.55 -7.97
N THR C 6 21.51 -0.73 -6.96
CA THR C 6 20.64 0.36 -6.55
C THR C 6 21.47 1.63 -6.38
N VAL C 7 20.82 2.77 -6.59
CA VAL C 7 21.47 4.07 -6.49
C VAL C 7 20.44 5.12 -6.11
N GLN C 8 20.82 6.00 -5.19
CA GLN C 8 19.99 7.14 -4.85
C GLN C 8 19.94 8.11 -6.02
N GLU C 9 18.78 8.74 -6.22
CA GLU C 9 18.74 9.85 -7.14
C GLU C 9 19.56 11.01 -6.56
N GLU C 10 20.03 11.88 -7.45
CA GLU C 10 20.76 13.09 -7.07
C GLU C 10 22.12 12.76 -6.46
N GLN C 11 22.73 11.64 -6.83
CA GLN C 11 24.10 11.36 -6.44
C GLN C 11 25.06 12.07 -7.39
N GLU C 12 26.13 12.63 -6.84
CA GLU C 12 27.05 13.42 -7.63
C GLU C 12 27.90 12.51 -8.52
N HIS C 13 28.48 13.12 -9.55
CA HIS C 13 29.35 12.41 -10.48
C HIS C 13 30.40 11.60 -9.72
N GLY C 14 30.68 10.40 -10.23
CA GLY C 14 31.73 9.57 -9.68
C GLY C 14 31.32 8.70 -8.51
N THR C 15 30.04 8.68 -8.16
CA THR C 15 29.59 7.82 -7.07
C THR C 15 29.60 6.37 -7.51
N PHE C 16 30.02 5.49 -6.62
CA PHE C 16 30.11 4.07 -6.95
C PHE C 16 28.71 3.49 -7.14
N VAL C 17 28.52 2.76 -8.23
CA VAL C 17 27.28 2.06 -8.51
C VAL C 17 27.44 0.55 -8.33
N GLY C 18 28.51 -0.02 -8.88
CA GLY C 18 28.71 -1.44 -8.72
C GLY C 18 29.95 -1.98 -9.39
N ASN C 19 30.51 -3.08 -8.91
CA ASN C 19 31.71 -3.64 -9.54
C ASN C 19 31.26 -4.81 -10.41
N ILE C 20 31.12 -4.55 -11.72
CA ILE C 20 30.63 -5.57 -12.63
C ILE C 20 31.64 -6.69 -12.76
N ALA C 21 32.93 -6.34 -12.85
CA ALA C 21 33.98 -7.36 -12.92
C ALA C 21 33.88 -8.33 -11.75
N GLU C 22 33.84 -7.80 -10.52
CA GLU C 22 33.75 -8.65 -9.34
C GLU C 22 32.50 -9.52 -9.39
N ASP C 23 31.33 -8.90 -9.56
CA ASP C 23 30.08 -9.64 -9.51
C ASP C 23 29.94 -10.64 -10.66
N LEU C 24 30.76 -10.53 -11.70
CA LEU C 24 30.70 -11.47 -12.82
C LEU C 24 31.84 -12.48 -12.85
N GLY C 25 32.81 -12.37 -11.95
CA GLY C 25 33.92 -13.31 -11.96
C GLY C 25 34.96 -13.07 -13.02
N LEU C 26 35.03 -11.88 -13.58
CA LEU C 26 36.02 -11.55 -14.60
C LEU C 26 37.23 -10.90 -13.96
N ASP C 27 38.42 -11.45 -14.23
CA ASP C 27 39.65 -10.82 -13.78
C ASP C 27 39.96 -9.61 -14.64
N ILE C 28 40.43 -8.54 -14.01
CA ILE C 28 40.64 -7.27 -14.71
C ILE C 28 41.77 -7.36 -15.72
N THR C 29 42.69 -8.32 -15.56
CA THR C 29 43.83 -8.41 -16.47
C THR C 29 43.41 -8.87 -17.86
N LYS C 30 42.32 -9.63 -17.96
CA LYS C 30 41.86 -10.15 -19.23
C LYS C 30 40.77 -9.29 -19.86
N LEU C 31 40.29 -8.26 -19.18
CA LEU C 31 39.18 -7.47 -19.70
C LEU C 31 39.56 -6.80 -21.02
N SER C 32 40.76 -6.23 -21.08
CA SER C 32 41.21 -5.57 -22.31
C SER C 32 41.26 -6.55 -23.46
N ALA C 33 41.79 -7.76 -23.22
CA ALA C 33 41.87 -8.76 -24.27
C ALA C 33 40.49 -9.17 -24.75
N ARG C 34 39.57 -9.42 -23.81
CA ARG C 34 38.25 -9.98 -24.12
C ARG C 34 37.31 -9.00 -24.79
N GLY C 35 37.70 -7.74 -25.01
CA GLY C 35 36.82 -6.79 -25.67
C GLY C 35 35.65 -6.34 -24.81
N PHE C 36 35.82 -6.29 -23.50
CA PHE C 36 34.81 -5.79 -22.58
C PHE C 36 34.27 -4.44 -23.02
N GLN C 37 32.99 -4.38 -23.37
CA GLN C 37 32.40 -3.16 -23.89
C GLN C 37 30.91 -3.10 -23.56
N THR C 38 30.37 -1.88 -23.62
CA THR C 38 28.95 -1.63 -23.44
C THR C 38 28.20 -1.83 -24.76
N VAL C 39 27.03 -2.44 -24.68
CA VAL C 39 26.22 -2.61 -25.90
C VAL C 39 25.82 -1.24 -26.43
N PRO C 40 25.97 -0.98 -27.74
CA PRO C 40 25.63 0.35 -28.26
C PRO C 40 24.24 0.84 -27.89
N ASN C 41 23.26 -0.07 -27.87
CA ASN C 41 21.88 0.34 -27.66
C ASN C 41 21.63 0.83 -26.25
N SER C 42 22.36 0.31 -25.26
CA SER C 42 22.06 0.55 -23.87
C SER C 42 22.92 1.65 -23.25
N ARG C 43 23.71 2.36 -24.05
CA ARG C 43 24.41 3.54 -23.54
C ARG C 43 23.43 4.51 -22.90
N THR C 44 23.83 5.08 -21.78
CA THR C 44 23.00 6.02 -21.06
C THR C 44 23.90 7.14 -20.53
N PRO C 45 23.48 8.40 -20.65
CA PRO C 45 24.32 9.50 -20.14
C PRO C 45 24.44 9.52 -18.62
N TYR C 46 23.78 8.61 -17.93
CA TYR C 46 23.75 8.58 -16.47
C TYR C 46 24.78 7.66 -15.86
N LEU C 47 25.47 6.84 -16.64
CA LEU C 47 26.38 5.84 -16.10
C LEU C 47 27.66 5.80 -16.93
N ASP C 48 28.80 5.83 -16.25
CA ASP C 48 30.09 5.61 -16.90
C ASP C 48 30.63 4.27 -16.39
N LEU C 49 31.06 3.43 -17.34
CA LEU C 49 31.60 2.11 -17.05
C LEU C 49 33.10 2.13 -17.30
N ASN C 50 33.88 2.06 -16.22
CA ASN C 50 35.34 1.98 -16.35
C ASN C 50 35.70 0.60 -16.87
N LEU C 51 36.18 0.53 -18.12
CA LEU C 51 36.33 -0.75 -18.80
C LEU C 51 37.51 -1.55 -18.26
N GLU C 52 38.54 -0.89 -17.73
CA GLU C 52 39.71 -1.61 -17.22
C GLU C 52 39.54 -2.10 -15.79
N THR C 53 38.56 -1.61 -15.05
CA THR C 53 38.26 -2.12 -13.72
C THR C 53 36.92 -2.84 -13.64
N GLY C 54 36.01 -2.59 -14.58
CA GLY C 54 34.70 -3.19 -14.54
C GLY C 54 33.76 -2.54 -13.55
N VAL C 55 34.03 -1.31 -13.14
CA VAL C 55 33.24 -0.63 -12.12
C VAL C 55 32.32 0.38 -12.79
N LEU C 56 31.07 0.39 -12.35
CA LEU C 56 30.04 1.30 -12.80
C LEU C 56 29.93 2.45 -11.80
N TYR C 57 30.10 3.68 -12.31
CA TYR C 57 30.00 4.89 -11.53
C TYR C 57 28.90 5.78 -12.10
N VAL C 58 28.34 6.62 -11.24
CA VAL C 58 27.40 7.65 -11.72
C VAL C 58 28.14 8.60 -12.62
N ASN C 59 27.51 8.94 -13.75
CA ASN C 59 28.09 9.91 -14.68
C ASN C 59 27.34 11.22 -14.55
N GLU C 60 26.21 11.34 -15.24
CA GLU C 60 25.35 12.52 -15.13
C GLU C 60 24.33 12.32 -14.02
N LYS C 61 24.13 13.36 -13.21
CA LYS C 61 23.29 13.23 -12.03
C LYS C 61 21.86 12.87 -12.42
N ILE C 62 21.29 11.92 -11.69
CA ILE C 62 19.97 11.38 -11.99
C ILE C 62 18.90 12.14 -11.19
N ASP C 63 17.95 12.74 -11.90
CA ASP C 63 16.75 13.31 -11.29
C ASP C 63 15.61 12.35 -11.59
N ARG C 64 15.24 11.53 -10.60
CA ARG C 64 14.23 10.49 -10.82
C ARG C 64 12.92 11.09 -11.31
N GLU C 65 12.58 12.30 -10.86
CA GLU C 65 11.34 12.93 -11.27
C GLU C 65 11.26 13.14 -12.78
N GLN C 66 12.41 13.27 -13.45
CA GLN C 66 12.41 13.58 -14.88
C GLN C 66 12.34 12.32 -15.76
N ILE C 67 13.14 11.31 -15.46
CA ILE C 67 13.20 10.13 -16.33
C ILE C 67 11.99 9.23 -16.12
N CYS C 68 11.54 9.10 -14.87
CA CYS C 68 10.51 8.14 -14.52
C CYS C 68 9.24 8.80 -13.99
N LYS C 69 9.22 10.12 -13.89
CA LYS C 69 8.02 10.84 -13.45
C LYS C 69 7.51 10.22 -12.15
N GLN C 70 6.27 9.73 -12.12
CA GLN C 70 5.70 9.17 -10.90
C GLN C 70 5.56 7.65 -10.96
N SER C 71 6.30 6.99 -11.84
CA SER C 71 6.31 5.53 -11.84
C SER C 71 6.75 5.03 -10.47
N PRO C 72 6.05 4.05 -9.88
CA PRO C 72 6.54 3.47 -8.62
C PRO C 72 7.86 2.75 -8.77
N SER C 73 8.24 2.42 -10.00
CA SER C 73 9.48 1.71 -10.29
C SER C 73 10.28 2.51 -11.32
N CYS C 74 11.59 2.54 -11.13
CA CYS C 74 12.49 3.29 -12.00
C CYS C 74 13.76 2.46 -12.18
N VAL C 75 14.00 2.00 -13.41
CA VAL C 75 15.09 1.07 -13.67
C VAL C 75 15.81 1.50 -14.93
N LEU C 76 17.10 1.80 -14.82
CA LEU C 76 17.96 1.99 -15.98
C LEU C 76 18.53 0.63 -16.39
N HIS C 77 18.42 0.32 -17.67
CA HIS C 77 18.83 -0.97 -18.22
C HIS C 77 20.12 -0.77 -19.02
N LEU C 78 21.22 -1.32 -18.53
CA LEU C 78 22.50 -1.24 -19.20
C LEU C 78 22.94 -2.64 -19.61
N GLU C 79 23.61 -2.74 -20.76
CA GLU C 79 24.10 -4.00 -21.28
C GLU C 79 25.60 -3.93 -21.52
N VAL C 80 26.32 -4.97 -21.13
CA VAL C 80 27.75 -5.08 -21.41
C VAL C 80 28.00 -6.41 -22.11
N PHE C 81 29.14 -6.51 -22.78
CA PHE C 81 29.48 -7.75 -23.48
C PHE C 81 30.99 -7.94 -23.52
N LEU C 82 31.38 -9.22 -23.62
CA LEU C 82 32.76 -9.62 -23.87
C LEU C 82 32.78 -10.47 -25.14
N GLU C 83 33.96 -10.61 -25.72
CA GLU C 83 34.15 -11.31 -26.97
C GLU C 83 35.06 -12.51 -26.77
N ASN C 84 34.94 -13.47 -27.69
CA ASN C 84 35.82 -14.62 -27.73
C ASN C 84 35.94 -15.33 -26.38
N PRO C 85 34.86 -16.01 -25.95
CA PRO C 85 33.58 -16.15 -26.66
C PRO C 85 32.64 -14.99 -26.39
N LEU C 86 31.63 -14.84 -27.23
CA LEU C 86 30.67 -13.77 -27.07
C LEU C 86 29.80 -14.04 -25.86
N GLU C 87 29.83 -13.12 -24.88
CA GLU C 87 29.02 -13.25 -23.69
C GLU C 87 28.39 -11.91 -23.38
N LEU C 88 27.08 -11.88 -23.24
CA LEU C 88 26.34 -10.65 -22.96
C LEU C 88 25.79 -10.70 -21.55
N PHE C 89 25.89 -9.56 -20.85
CA PHE C 89 25.45 -9.44 -19.47
C PHE C 89 24.52 -8.25 -19.34
N GLN C 90 23.41 -8.47 -18.63
CA GLN C 90 22.39 -7.47 -18.42
C GLN C 90 22.56 -6.90 -17.01
N VAL C 91 22.39 -5.59 -16.87
CA VAL C 91 22.57 -4.90 -15.61
C VAL C 91 21.38 -3.97 -15.39
N GLU C 92 20.61 -4.24 -14.36
CA GLU C 92 19.50 -3.38 -13.96
C GLU C 92 19.95 -2.51 -12.80
N ILE C 93 19.81 -1.20 -12.95
CA ILE C 93 20.18 -0.23 -11.92
C ILE C 93 18.91 0.47 -11.46
N GLU C 94 18.51 0.21 -10.22
CA GLU C 94 17.30 0.77 -9.63
C GLU C 94 17.60 2.16 -9.04
N VAL C 95 16.81 3.15 -9.44
CA VAL C 95 16.94 4.50 -8.91
C VAL C 95 15.94 4.65 -7.77
N LEU C 96 16.43 4.93 -6.58
CA LEU C 96 15.57 5.07 -5.40
C LEU C 96 15.19 6.54 -5.23
N ASP C 97 13.93 6.76 -4.87
CA ASP C 97 13.42 8.13 -4.71
C ASP C 97 13.77 8.68 -3.34
N ILE C 98 14.18 9.94 -3.32
CA ILE C 98 14.36 10.70 -2.09
C ILE C 98 13.27 11.76 -2.01
N ASN C 99 13.12 12.33 -0.81
CA ASN C 99 12.11 13.36 -0.55
C ASN C 99 12.74 14.73 -0.73
N ASP C 100 13.01 15.06 -2.00
CA ASP C 100 13.59 16.34 -2.38
C ASP C 100 12.56 17.28 -3.01
N ASN C 101 11.27 17.02 -2.80
CA ASN C 101 10.21 17.88 -3.32
C ASN C 101 9.09 18.00 -2.30
N PRO C 102 8.55 19.21 -2.10
CA PRO C 102 7.41 19.36 -1.20
C PRO C 102 6.10 19.19 -1.94
N PRO C 103 5.01 18.91 -1.24
CA PRO C 103 3.69 19.02 -1.88
C PRO C 103 3.42 20.45 -2.31
N SER C 104 2.67 20.60 -3.39
CA SER C 104 2.37 21.91 -3.95
C SER C 104 0.94 21.95 -4.43
N PHE C 105 0.30 23.11 -4.27
CA PHE C 105 -1.06 23.34 -4.73
C PHE C 105 -1.03 24.03 -6.10
N PRO C 106 -1.99 23.72 -6.98
CA PRO C 106 -1.96 24.37 -8.30
C PRO C 106 -2.18 25.87 -8.23
N GLU C 107 -3.03 26.34 -7.33
CA GLU C 107 -3.21 27.77 -7.10
C GLU C 107 -2.92 28.13 -5.64
N PRO C 108 -2.24 29.25 -5.40
CA PRO C 108 -1.97 29.64 -4.01
C PRO C 108 -3.23 30.02 -3.25
N ASP C 109 -4.17 30.70 -3.90
CA ASP C 109 -5.41 31.14 -3.27
C ASP C 109 -6.60 30.42 -3.89
N LEU C 110 -7.39 29.77 -3.04
CA LEU C 110 -8.60 29.08 -3.47
C LEU C 110 -9.81 29.81 -2.89
N THR C 111 -10.86 29.94 -3.72
CA THR C 111 -12.12 30.55 -3.32
C THR C 111 -13.28 29.58 -3.54
N VAL C 112 -14.12 29.45 -2.53
CA VAL C 112 -15.30 28.58 -2.60
C VAL C 112 -16.51 29.31 -2.04
N GLU C 113 -17.63 29.17 -2.73
CA GLU C 113 -18.89 29.80 -2.34
C GLU C 113 -19.80 28.75 -1.72
N ILE C 114 -20.36 29.06 -0.55
CA ILE C 114 -21.21 28.14 0.19
C ILE C 114 -22.45 28.89 0.64
N SER C 115 -23.63 28.37 0.29
CA SER C 115 -24.88 28.93 0.78
C SER C 115 -25.00 28.79 2.28
N GLU C 116 -25.39 29.88 2.95
CA GLU C 116 -25.56 29.82 4.41
C GLU C 116 -26.63 28.81 4.80
N SER C 117 -27.47 28.37 3.86
CA SER C 117 -28.47 27.34 4.12
C SER C 117 -27.97 25.95 3.76
N ALA C 118 -26.66 25.78 3.55
CA ALA C 118 -26.10 24.46 3.31
C ALA C 118 -26.23 23.63 4.59
N THR C 119 -26.52 22.35 4.41
CA THR C 119 -26.76 21.48 5.56
C THR C 119 -25.44 21.02 6.16
N PRO C 120 -25.27 21.07 7.48
CA PRO C 120 -24.10 20.45 8.09
C PRO C 120 -23.93 19.00 7.63
N GLY C 121 -22.69 18.62 7.36
CA GLY C 121 -22.38 17.34 6.78
C GLY C 121 -22.16 17.38 5.29
N THR C 122 -22.61 18.44 4.62
CA THR C 122 -22.34 18.59 3.20
C THR C 122 -20.84 18.75 2.96
N ARG C 123 -20.35 18.13 1.90
CA ARG C 123 -18.93 18.14 1.58
C ARG C 123 -18.69 18.93 0.31
N PHE C 124 -17.57 19.66 0.29
CA PHE C 124 -17.20 20.49 -0.84
C PHE C 124 -15.81 20.05 -1.33
N PRO C 125 -15.66 19.62 -2.57
CA PRO C 125 -14.35 19.12 -3.02
C PRO C 125 -13.34 20.26 -3.06
N LEU C 126 -12.10 19.91 -2.78
CA LEU C 126 -11.00 20.86 -2.70
C LEU C 126 -9.92 20.48 -3.70
N GLU C 127 -9.29 21.49 -4.28
CA GLU C 127 -8.23 21.26 -5.25
C GLU C 127 -7.07 20.56 -4.55
N SER C 128 -6.77 19.34 -5.01
CA SER C 128 -5.77 18.51 -4.33
C SER C 128 -4.35 19.02 -4.58
N ALA C 129 -3.48 18.74 -3.62
CA ALA C 129 -2.05 18.99 -3.76
C ALA C 129 -1.37 17.84 -4.48
N PHE C 130 -0.22 18.14 -5.08
CA PHE C 130 0.55 17.16 -5.85
C PHE C 130 1.97 17.10 -5.32
N ASP C 131 2.49 15.88 -5.13
CA ASP C 131 3.87 15.67 -4.72
C ASP C 131 4.54 14.80 -5.77
N PRO C 132 5.57 15.28 -6.49
CA PRO C 132 6.12 14.48 -7.59
C PRO C 132 6.88 13.26 -7.13
N ASP C 133 7.27 13.18 -5.86
CA ASP C 133 7.90 11.99 -5.33
C ASP C 133 6.90 10.83 -5.33
N VAL C 134 7.42 9.63 -5.04
CA VAL C 134 6.61 8.42 -5.08
C VAL C 134 6.61 7.78 -3.68
N GLY C 135 5.71 6.82 -3.51
CA GLY C 135 5.64 6.08 -2.26
C GLY C 135 5.45 7.00 -1.06
N THR C 136 6.16 6.68 0.02
CA THR C 136 6.00 7.43 1.26
C THR C 136 6.36 8.90 1.11
N ASN C 137 7.16 9.26 0.10
CA ASN C 137 7.55 10.64 -0.10
C ASN C 137 6.51 11.45 -0.84
N SER C 138 5.42 10.82 -1.27
CA SER C 138 4.34 11.50 -1.97
C SER C 138 3.33 12.03 -0.94
N LEU C 139 2.21 12.56 -1.44
CA LEU C 139 1.22 13.19 -0.58
C LEU C 139 0.71 12.20 0.46
N ARG C 140 0.63 12.65 1.71
CA ARG C 140 0.17 11.82 2.81
C ARG C 140 -1.13 12.32 3.41
N ASP C 141 -1.21 13.59 3.81
CA ASP C 141 -2.42 14.06 4.47
C ASP C 141 -2.58 15.57 4.31
N TYR C 142 -3.80 16.03 4.52
CA TYR C 142 -4.16 17.43 4.50
C TYR C 142 -4.57 17.88 5.90
N GLU C 143 -4.38 19.17 6.17
CA GLU C 143 -4.77 19.77 7.44
C GLU C 143 -5.30 21.18 7.21
N ILE C 144 -6.26 21.57 8.05
CA ILE C 144 -6.86 22.90 7.99
C ILE C 144 -6.73 23.54 9.36
N THR C 145 -6.61 24.87 9.37
CA THR C 145 -6.66 25.62 10.61
C THR C 145 -7.84 25.14 11.45
N PRO C 146 -7.63 24.78 12.72
CA PRO C 146 -8.75 24.36 13.56
C PRO C 146 -9.85 25.41 13.64
N ASN C 147 -11.09 24.96 13.47
CA ASN C 147 -12.25 25.83 13.55
C ASN C 147 -13.48 24.96 13.80
N SER C 148 -14.61 25.62 14.08
CA SER C 148 -15.85 24.93 14.43
C SER C 148 -16.76 24.67 13.25
N TYR C 149 -16.49 25.26 12.09
CA TYR C 149 -17.42 25.19 10.96
C TYR C 149 -17.05 24.13 9.93
N PHE C 150 -15.76 23.90 9.72
CA PHE C 150 -15.31 22.97 8.70
C PHE C 150 -14.27 22.03 9.26
N SER C 151 -14.38 20.76 8.89
CA SER C 151 -13.34 19.77 9.12
C SER C 151 -12.89 19.22 7.78
N LEU C 152 -11.88 18.36 7.79
CA LEU C 152 -11.32 17.81 6.58
C LEU C 152 -11.62 16.32 6.47
N ASP C 153 -11.96 15.88 5.27
CA ASP C 153 -12.17 14.46 5.00
C ASP C 153 -11.25 14.02 3.87
N VAL C 154 -10.47 12.98 4.13
CA VAL C 154 -9.51 12.43 3.19
C VAL C 154 -9.98 11.04 2.76
N GLN C 155 -9.79 10.74 1.47
CA GLN C 155 -10.20 9.48 0.88
C GLN C 155 -9.09 8.99 -0.04
N THR C 156 -8.62 7.78 0.18
CA THR C 156 -7.59 7.17 -0.64
C THR C 156 -8.23 6.35 -1.75
N GLN C 157 -7.76 6.55 -2.98
CA GLN C 157 -8.26 5.84 -4.14
C GLN C 157 -7.21 4.91 -4.75
N GLY C 158 -6.11 4.65 -4.06
CA GLY C 158 -5.06 3.82 -4.58
C GLY C 158 -4.25 4.54 -5.63
N ASP C 159 -3.17 3.90 -6.09
CA ASP C 159 -2.30 4.48 -7.10
C ASP C 159 -1.79 5.87 -6.69
N GLY C 160 -1.60 6.07 -5.38
CA GLY C 160 -1.01 7.31 -4.91
C GLY C 160 -1.87 8.53 -5.10
N ASN C 161 -3.20 8.36 -5.02
CA ASN C 161 -4.15 9.44 -5.25
C ASN C 161 -4.94 9.65 -3.96
N ARG C 162 -5.10 10.91 -3.57
CA ARG C 162 -5.78 11.22 -2.32
C ARG C 162 -6.66 12.44 -2.51
N PHE C 163 -7.87 12.35 -1.98
CA PHE C 163 -8.89 13.36 -2.21
C PHE C 163 -9.26 13.98 -0.88
N ALA C 164 -9.34 15.30 -0.86
CA ALA C 164 -9.66 16.05 0.34
C ALA C 164 -10.91 16.87 0.07
N GLU C 165 -11.77 16.97 1.08
CA GLU C 165 -12.96 17.76 0.94
C GLU C 165 -13.25 18.45 2.27
N LEU C 166 -13.78 19.66 2.17
CA LEU C 166 -14.25 20.36 3.34
C LEU C 166 -15.57 19.75 3.76
N VAL C 167 -15.74 19.54 5.06
CA VAL C 167 -16.97 19.00 5.61
C VAL C 167 -17.57 20.07 6.50
N LEU C 168 -18.76 20.53 6.14
CA LEU C 168 -19.45 21.53 6.93
C LEU C 168 -19.90 20.91 8.25
N GLU C 169 -19.36 21.42 9.35
CA GLU C 169 -19.63 20.88 10.67
C GLU C 169 -20.82 21.53 11.35
N LYS C 170 -21.17 22.77 10.98
CA LYS C 170 -22.24 23.49 11.65
C LYS C 170 -22.76 24.55 10.69
N PRO C 171 -24.02 24.95 10.82
CA PRO C 171 -24.61 25.87 9.84
C PRO C 171 -23.86 27.19 9.75
N LEU C 172 -23.83 27.74 8.55
CA LEU C 172 -23.26 29.06 8.32
C LEU C 172 -24.35 30.12 8.39
N ASP C 173 -23.93 31.36 8.66
CA ASP C 173 -24.83 32.50 8.76
C ASP C 173 -24.14 33.71 8.14
N ARG C 174 -24.53 34.05 6.91
CA ARG C 174 -23.90 35.17 6.22
C ARG C 174 -24.11 36.48 6.98
N GLU C 175 -25.27 36.65 7.60
CA GLU C 175 -25.55 37.90 8.30
C GLU C 175 -24.62 38.14 9.47
N GLN C 176 -23.96 37.10 9.97
CA GLN C 176 -23.01 37.24 11.08
C GLN C 176 -21.56 37.22 10.62
N GLN C 177 -21.21 36.37 9.66
CA GLN C 177 -19.88 36.37 9.09
C GLN C 177 -19.98 35.83 7.67
N ALA C 178 -19.70 36.70 6.68
CA ALA C 178 -19.87 36.35 5.29
C ALA C 178 -18.63 35.73 4.67
N VAL C 179 -17.48 35.81 5.32
CA VAL C 179 -16.23 35.29 4.78
C VAL C 179 -15.44 34.66 5.90
N HIS C 180 -14.97 33.43 5.69
CA HIS C 180 -14.03 32.79 6.59
C HIS C 180 -12.71 32.58 5.87
N ARG C 181 -11.60 32.78 6.57
CA ARG C 181 -10.28 32.58 6.00
C ARG C 181 -9.51 31.58 6.84
N TYR C 182 -8.99 30.55 6.19
CA TYR C 182 -8.21 29.51 6.86
C TYR C 182 -6.96 29.24 6.05
N VAL C 183 -5.99 28.59 6.70
CA VAL C 183 -4.77 28.15 6.04
C VAL C 183 -4.88 26.66 5.81
N LEU C 184 -4.56 26.23 4.60
CA LEU C 184 -4.63 24.82 4.24
C LEU C 184 -3.22 24.32 3.98
N THR C 185 -2.88 23.18 4.57
CA THR C 185 -1.56 22.62 4.47
C THR C 185 -1.65 21.17 4.02
N ALA C 186 -0.63 20.71 3.31
CA ALA C 186 -0.56 19.34 2.84
C ALA C 186 0.84 18.81 3.09
N VAL C 187 0.93 17.64 3.69
CA VAL C 187 2.21 17.05 4.07
C VAL C 187 2.36 15.67 3.44
N ASP C 188 3.60 15.34 3.07
CA ASP C 188 3.96 14.02 2.60
C ASP C 188 4.42 13.19 3.80
N GLY C 189 5.03 12.03 3.56
CA GLY C 189 5.30 11.08 4.61
C GLY C 189 6.77 10.81 4.91
N GLY C 190 7.58 11.85 5.01
CA GLY C 190 8.97 11.69 5.41
C GLY C 190 9.18 11.98 6.87
N GLY C 191 8.91 10.99 7.73
CA GLY C 191 9.01 11.19 9.17
C GLY C 191 9.65 10.05 9.92
N GLY C 192 9.67 8.86 9.31
CA GLY C 192 10.24 7.69 9.96
C GLY C 192 11.74 7.79 10.13
N GLY C 204 14.81 1.78 4.91
CA GLY C 204 14.08 1.73 3.66
C GLY C 204 14.98 1.71 2.45
N ALA C 205 15.69 0.60 2.26
CA ALA C 205 16.57 0.32 1.12
C ALA C 205 17.94 0.98 1.28
N GLY C 206 18.31 1.44 2.47
CA GLY C 206 19.62 2.02 2.67
C GLY C 206 19.72 3.51 2.43
N LEU C 207 18.58 4.22 2.42
CA LEU C 207 18.55 5.65 2.15
C LEU C 207 18.71 6.44 3.46
N PRO C 208 19.48 7.53 3.47
CA PRO C 208 19.56 8.36 4.68
C PRO C 208 18.19 8.92 5.01
N PRO C 209 17.81 8.91 6.31
CA PRO C 209 16.47 9.38 6.70
C PRO C 209 16.01 10.67 6.01
N GLN C 210 14.76 10.65 5.56
CA GLN C 210 14.12 11.78 4.90
C GLN C 210 13.26 12.57 5.88
N GLN C 211 13.18 13.88 5.64
CA GLN C 211 12.35 14.78 6.43
C GLN C 211 11.05 15.06 5.71
N GLN C 212 10.03 15.39 6.49
CA GLN C 212 8.71 15.67 5.96
C GLN C 212 8.68 17.08 5.40
N ARG C 213 8.15 17.25 4.20
CA ARG C 213 8.03 18.55 3.57
C ARG C 213 6.55 18.93 3.52
N THR C 214 6.28 20.24 3.43
CA THR C 214 4.93 20.74 3.58
C THR C 214 4.65 21.82 2.54
N GLY C 215 3.43 21.81 2.02
CA GLY C 215 2.94 22.83 1.09
C GLY C 215 1.70 23.52 1.61
N THR C 216 1.43 24.74 1.15
CA THR C 216 0.39 25.56 1.75
C THR C 216 -0.40 26.32 0.68
N ALA C 217 -1.66 26.61 1.02
CA ALA C 217 -2.54 27.43 0.20
C ALA C 217 -3.57 28.09 1.09
N LEU C 218 -3.89 29.36 0.80
CA LEU C 218 -4.92 30.07 1.55
C LEU C 218 -6.31 29.67 1.07
N LEU C 219 -7.25 29.64 2.02
CA LEU C 219 -8.62 29.21 1.77
C LEU C 219 -9.60 30.30 2.17
N THR C 220 -10.42 30.74 1.23
CA THR C 220 -11.45 31.74 1.46
C THR C 220 -12.82 31.11 1.24
N ILE C 221 -13.68 31.19 2.24
CA ILE C 221 -15.05 30.70 2.18
C ILE C 221 -15.94 31.93 2.07
N ARG C 222 -16.57 32.12 0.91
CA ARG C 222 -17.56 33.16 0.73
C ARG C 222 -18.94 32.58 0.97
N VAL C 223 -19.67 33.15 1.94
CA VAL C 223 -20.98 32.64 2.31
C VAL C 223 -22.03 33.35 1.45
N LEU C 224 -22.76 32.57 0.65
CA LEU C 224 -23.77 33.14 -0.22
C LEU C 224 -25.08 33.33 0.52
N ASP C 225 -25.74 34.46 0.25
CA ASP C 225 -26.91 34.83 1.02
C ASP C 225 -28.10 33.95 0.65
N SER C 226 -28.93 33.66 1.65
CA SER C 226 -30.23 33.04 1.46
C SER C 226 -31.25 33.86 2.25
N ASN C 227 -32.49 33.86 1.76
CA ASN C 227 -33.56 34.64 2.38
C ASN C 227 -34.04 33.93 3.64
N ASP C 228 -33.21 34.01 4.68
CA ASP C 228 -33.47 33.34 5.94
C ASP C 228 -33.79 34.31 7.07
N ASN C 229 -34.05 35.58 6.76
CA ASN C 229 -34.47 36.56 7.75
C ASN C 229 -35.82 37.13 7.33
N VAL C 230 -36.73 37.21 8.29
CA VAL C 230 -38.07 37.75 8.08
C VAL C 230 -38.07 39.20 8.54
N PRO C 231 -38.75 40.12 7.86
CA PRO C 231 -38.83 41.48 8.38
C PRO C 231 -39.35 41.49 9.80
N ALA C 232 -38.84 42.43 10.60
CA ALA C 232 -39.12 42.45 12.03
C ALA C 232 -39.45 43.87 12.46
N PHE C 233 -40.62 44.03 13.05
CA PHE C 233 -40.99 45.28 13.71
C PHE C 233 -40.54 45.22 15.16
N ASP C 234 -40.03 46.35 15.66
CA ASP C 234 -39.58 46.39 17.05
C ASP C 234 -40.74 46.18 18.03
N GLN C 235 -41.97 46.43 17.60
CA GLN C 235 -43.15 46.22 18.43
C GLN C 235 -44.24 45.52 17.64
N PRO C 236 -45.12 44.77 18.32
CA PRO C 236 -46.26 44.17 17.63
C PRO C 236 -47.43 45.10 17.42
N VAL C 237 -47.57 46.13 18.26
CA VAL C 237 -48.68 47.07 18.15
C VAL C 237 -48.12 48.47 18.41
N TYR C 238 -48.49 49.43 17.58
CA TYR C 238 -48.15 50.83 17.79
C TYR C 238 -49.43 51.64 18.00
N THR C 239 -49.39 52.54 18.98
CA THR C 239 -50.53 53.40 19.29
C THR C 239 -50.15 54.85 19.02
N VAL C 240 -50.99 55.55 18.26
CA VAL C 240 -50.77 56.94 17.89
C VAL C 240 -52.04 57.71 18.19
N SER C 241 -51.89 58.93 18.69
CA SER C 241 -53.03 59.80 18.99
C SER C 241 -52.95 61.02 18.10
N LEU C 242 -54.07 61.35 17.44
CA LEU C 242 -54.14 62.45 16.50
C LEU C 242 -55.46 63.20 16.71
N PRO C 243 -55.48 64.50 16.42
CA PRO C 243 -56.75 65.24 16.47
C PRO C 243 -57.60 64.93 15.25
N GLU C 244 -58.91 64.80 15.47
CA GLU C 244 -59.82 64.60 14.37
C GLU C 244 -59.66 65.72 13.34
N ASN C 245 -60.01 65.41 12.09
CA ASN C 245 -59.85 66.34 10.98
C ASN C 245 -58.39 66.70 10.72
N SER C 246 -57.43 65.95 11.29
CA SER C 246 -56.05 66.16 10.89
C SER C 246 -55.95 66.07 9.38
N PRO C 247 -55.30 67.02 8.71
CA PRO C 247 -55.43 67.12 7.25
C PRO C 247 -54.82 65.90 6.59
N PRO C 248 -55.41 65.41 5.50
CA PRO C 248 -54.78 64.32 4.76
C PRO C 248 -53.32 64.61 4.50
N GLY C 249 -52.50 63.56 4.45
CA GLY C 249 -51.07 63.71 4.39
C GLY C 249 -50.41 63.89 5.73
N THR C 250 -51.18 64.13 6.79
CA THR C 250 -50.60 64.20 8.13
C THR C 250 -49.96 62.87 8.47
N LEU C 251 -48.79 62.93 9.08
CA LEU C 251 -48.05 61.72 9.40
C LEU C 251 -48.73 60.97 10.54
N VAL C 252 -49.09 59.71 10.30
CA VAL C 252 -49.59 58.85 11.36
C VAL C 252 -48.39 58.19 12.03
N ILE C 253 -47.63 57.41 11.26
CA ILE C 253 -46.45 56.76 11.82
C ILE C 253 -45.58 56.30 10.67
N GLN C 254 -44.27 56.32 10.90
CA GLN C 254 -43.30 55.85 9.92
C GLN C 254 -42.81 54.48 10.36
N LEU C 255 -43.34 53.44 9.72
CA LEU C 255 -42.98 52.09 10.09
C LEU C 255 -41.54 51.85 9.70
N ASN C 256 -40.92 50.91 10.39
CA ASN C 256 -39.55 50.55 10.09
C ASN C 256 -39.41 49.04 10.21
N ALA C 257 -39.42 48.37 9.06
CA ALA C 257 -39.20 46.95 9.02
C ALA C 257 -37.70 46.70 8.90
N THR C 258 -37.23 45.68 9.59
CA THR C 258 -35.80 45.37 9.67
C THR C 258 -35.58 44.02 9.00
N ASP C 259 -34.63 43.95 8.07
CA ASP C 259 -34.34 42.71 7.35
C ASP C 259 -32.85 42.71 6.99
N PRO C 260 -32.00 42.05 7.77
CA PRO C 260 -30.56 42.14 7.53
C PRO C 260 -30.08 41.40 6.29
N ASP C 261 -30.98 40.78 5.52
CA ASP C 261 -30.57 40.04 4.34
C ASP C 261 -29.95 40.96 3.30
N GLU C 262 -29.51 40.40 2.18
CA GLU C 262 -28.83 41.14 1.13
C GLU C 262 -29.72 41.25 -0.10
N GLY C 263 -29.60 42.36 -0.82
CA GLY C 263 -30.33 42.53 -2.07
C GLY C 263 -31.83 42.47 -1.85
N GLN C 264 -32.53 41.88 -2.82
CA GLN C 264 -33.98 41.78 -2.72
C GLN C 264 -34.40 41.07 -1.44
N ASN C 265 -33.58 40.14 -0.95
CA ASN C 265 -33.87 39.49 0.32
C ASN C 265 -33.97 40.50 1.45
N GLY C 266 -33.32 41.66 1.31
CA GLY C 266 -33.30 42.67 2.35
C GLY C 266 -34.10 43.91 1.99
N GLU C 267 -34.66 43.94 0.78
CA GLU C 267 -35.53 45.03 0.37
C GLU C 267 -36.95 44.73 0.84
N VAL C 268 -37.56 45.66 1.56
CA VAL C 268 -38.84 45.44 2.21
C VAL C 268 -39.91 46.29 1.54
N VAL C 269 -41.08 45.71 1.33
CA VAL C 269 -42.25 46.44 0.88
C VAL C 269 -43.36 46.24 1.91
N TYR C 270 -44.12 47.29 2.13
CA TYR C 270 -45.18 47.32 3.14
C TYR C 270 -46.53 47.36 2.45
N SER C 271 -47.53 46.76 3.10
CA SER C 271 -48.87 46.73 2.54
C SER C 271 -49.89 46.57 3.67
N PHE C 272 -51.15 46.80 3.33
CA PHE C 272 -52.23 46.63 4.28
C PHE C 272 -52.50 45.14 4.46
N SER C 273 -52.77 44.76 5.70
CA SER C 273 -53.14 43.36 5.92
C SER C 273 -54.57 43.13 5.45
N SER C 274 -54.93 41.86 5.29
CA SER C 274 -56.24 41.51 4.78
C SER C 274 -57.37 41.77 5.76
N HIS C 275 -57.09 41.88 7.06
CA HIS C 275 -58.15 42.04 8.05
C HIS C 275 -58.65 43.47 8.19
N ILE C 276 -57.98 44.45 7.57
CA ILE C 276 -58.32 45.84 7.86
C ILE C 276 -59.70 46.15 7.32
N SER C 277 -60.48 46.88 8.10
CA SER C 277 -61.78 47.29 7.62
C SER C 277 -61.61 48.19 6.40
N PRO C 278 -62.53 48.14 5.44
CA PRO C 278 -62.41 49.01 4.27
C PRO C 278 -62.43 50.49 4.62
N ARG C 279 -63.03 50.84 5.77
CA ARG C 279 -63.05 52.24 6.20
C ARG C 279 -61.63 52.72 6.50
N ALA C 280 -60.84 51.88 7.17
CA ALA C 280 -59.44 52.22 7.42
C ALA C 280 -58.67 52.35 6.11
N ARG C 281 -58.94 51.46 5.15
CA ARG C 281 -58.25 51.53 3.87
C ARG C 281 -58.56 52.84 3.15
N GLU C 282 -59.81 53.31 3.26
CA GLU C 282 -60.13 54.61 2.66
C GLU C 282 -59.46 55.75 3.41
N LEU C 283 -59.47 55.70 4.75
CA LEU C 283 -59.04 56.85 5.53
C LEU C 283 -57.54 56.95 5.68
N PHE C 284 -56.79 55.93 5.28
CA PHE C 284 -55.34 55.92 5.45
C PHE C 284 -54.68 55.47 4.16
N GLY C 285 -53.49 55.99 3.94
CA GLY C 285 -52.67 55.58 2.82
C GLY C 285 -51.30 55.16 3.30
N LEU C 286 -50.81 54.07 2.75
CA LEU C 286 -49.56 53.45 3.18
C LEU C 286 -48.64 53.34 1.97
N SER C 287 -47.46 53.95 2.08
CA SER C 287 -46.52 53.93 0.97
C SER C 287 -45.79 52.59 0.94
N PRO C 288 -45.78 51.90 -0.21
CA PRO C 288 -45.31 50.51 -0.21
C PRO C 288 -43.86 50.35 0.20
N ARG C 289 -42.99 51.27 -0.21
CA ARG C 289 -41.56 51.08 -0.04
C ARG C 289 -41.03 51.65 1.28
N THR C 290 -41.51 52.80 1.71
CA THR C 290 -40.96 53.46 2.89
C THR C 290 -41.67 53.06 4.18
N GLY C 291 -42.88 52.51 4.09
CA GLY C 291 -43.63 52.21 5.28
C GLY C 291 -44.24 53.41 5.95
N ARG C 292 -44.40 54.51 5.22
CA ARG C 292 -44.95 55.75 5.77
C ARG C 292 -46.46 55.65 5.76
N LEU C 293 -47.06 55.59 6.96
CA LEU C 293 -48.51 55.56 7.10
C LEU C 293 -49.02 56.97 7.38
N GLU C 294 -49.93 57.43 6.53
CA GLU C 294 -50.46 58.79 6.58
C GLU C 294 -51.97 58.75 6.43
N VAL C 295 -52.61 59.87 6.77
CA VAL C 295 -54.05 60.03 6.60
C VAL C 295 -54.34 60.41 5.16
N SER C 296 -55.42 59.83 4.61
CA SER C 296 -55.89 60.17 3.27
C SER C 296 -57.36 60.55 3.26
N GLY C 297 -58.02 60.61 4.42
CA GLY C 297 -59.40 61.00 4.51
C GLY C 297 -59.65 61.82 5.76
N GLU C 298 -60.91 62.16 5.98
CA GLU C 298 -61.31 62.94 7.14
C GLU C 298 -61.54 62.00 8.32
N LEU C 299 -60.80 62.25 9.41
CA LEU C 299 -61.01 61.53 10.66
C LEU C 299 -62.07 62.24 11.48
N ASP C 300 -63.19 61.56 11.71
CA ASP C 300 -64.33 62.13 12.43
C ASP C 300 -64.46 61.39 13.77
N TYR C 301 -64.02 62.04 14.85
CA TYR C 301 -64.16 61.47 16.19
C TYR C 301 -65.59 61.02 16.45
N GLU C 302 -66.56 61.85 16.09
CA GLU C 302 -67.96 61.49 16.35
C GLU C 302 -68.35 60.23 15.59
N GLU C 303 -67.70 59.96 14.45
CA GLU C 303 -67.93 58.72 13.75
C GLU C 303 -67.28 57.55 14.49
N SER C 304 -66.02 57.71 14.89
CA SER C 304 -65.31 56.67 15.63
C SER C 304 -64.09 57.25 16.31
N PRO C 305 -63.84 56.94 17.59
CA PRO C 305 -62.68 57.52 18.29
C PRO C 305 -61.37 56.80 18.04
N VAL C 306 -61.38 55.62 17.42
CA VAL C 306 -60.17 54.84 17.24
C VAL C 306 -60.29 54.06 15.94
N TYR C 307 -59.13 53.75 15.35
CA TYR C 307 -59.07 52.96 14.13
C TYR C 307 -57.95 51.93 14.27
N GLN C 308 -58.16 50.76 13.66
CA GLN C 308 -57.22 49.66 13.72
C GLN C 308 -56.69 49.41 12.32
N VAL C 309 -55.41 49.68 12.11
CA VAL C 309 -54.76 49.48 10.82
C VAL C 309 -53.86 48.26 10.96
N TYR C 310 -54.13 47.24 10.16
CA TYR C 310 -53.37 46.00 10.20
C TYR C 310 -52.44 45.97 9.00
N VAL C 311 -51.13 45.91 9.27
CA VAL C 311 -50.11 46.02 8.25
C VAL C 311 -49.34 44.72 8.17
N GLN C 312 -48.87 44.39 6.96
CA GLN C 312 -47.87 43.36 6.79
C GLN C 312 -46.70 43.92 6.01
N ALA C 313 -45.49 43.48 6.34
CA ALA C 313 -44.29 43.81 5.60
C ALA C 313 -43.67 42.52 5.09
N LYS C 314 -43.05 42.60 3.92
CA LYS C 314 -42.55 41.41 3.24
C LYS C 314 -41.42 41.81 2.28
N ASP C 315 -40.36 41.02 2.28
CA ASP C 315 -39.23 41.29 1.40
C ASP C 315 -39.50 40.76 -0.01
N LEU C 316 -38.60 41.08 -0.93
CA LEU C 316 -38.80 40.83 -2.35
C LEU C 316 -38.08 39.60 -2.86
N GLY C 317 -37.55 38.76 -1.97
CA GLY C 317 -36.86 37.57 -2.39
C GLY C 317 -37.80 36.38 -2.51
N PRO C 318 -37.27 35.25 -2.97
CA PRO C 318 -38.10 34.04 -3.02
C PRO C 318 -38.34 33.49 -1.63
N ASN C 319 -39.48 32.84 -1.46
CA ASN C 319 -39.85 32.25 -0.18
C ASN C 319 -40.04 33.29 0.92
N ALA C 320 -40.29 34.54 0.55
CA ALA C 320 -40.42 35.59 1.55
C ALA C 320 -41.55 35.24 2.51
N VAL C 321 -41.33 35.54 3.79
CA VAL C 321 -42.30 35.25 4.85
C VAL C 321 -42.86 36.59 5.33
N PRO C 322 -44.18 36.78 5.33
CA PRO C 322 -44.72 38.07 5.78
C PRO C 322 -44.67 38.22 7.29
N ALA C 323 -44.38 39.45 7.73
CA ALA C 323 -44.54 39.85 9.12
C ALA C 323 -45.73 40.79 9.22
N HIS C 324 -46.28 40.91 10.43
CA HIS C 324 -47.50 41.69 10.65
C HIS C 324 -47.36 42.57 11.88
N CYS C 325 -48.04 43.72 11.84
CA CYS C 325 -48.15 44.60 12.98
C CYS C 325 -49.51 45.29 12.94
N LYS C 326 -49.83 45.96 14.05
CA LYS C 326 -51.14 46.58 14.23
C LYS C 326 -50.95 47.99 14.77
N VAL C 327 -51.57 48.96 14.11
CA VAL C 327 -51.49 50.37 14.47
C VAL C 327 -52.82 50.78 15.08
N LEU C 328 -52.78 51.27 16.31
CA LEU C 328 -53.96 51.74 17.03
C LEU C 328 -53.97 53.27 16.96
N VAL C 329 -54.92 53.83 16.22
CA VAL C 329 -54.96 55.26 15.98
C VAL C 329 -56.11 55.81 16.83
N ARG C 330 -55.77 56.45 17.95
CA ARG C 330 -56.78 57.06 18.81
C ARG C 330 -57.04 58.48 18.35
N VAL C 331 -58.29 58.79 18.06
CA VAL C 331 -58.69 60.12 17.60
C VAL C 331 -58.98 60.99 18.80
N LEU C 332 -58.61 62.26 18.69
CA LEU C 332 -58.80 63.24 19.76
C LEU C 332 -59.92 64.20 19.38
N ASP C 333 -60.86 64.40 20.30
CA ASP C 333 -62.05 65.20 20.00
C ASP C 333 -61.72 66.68 19.91
N ALA C 334 -62.28 67.33 18.90
CA ALA C 334 -62.22 68.78 18.74
C ALA C 334 -63.64 69.35 18.80
N ASN C 335 -63.72 70.68 18.95
CA ASN C 335 -65.02 71.36 18.99
C ASN C 335 -65.38 71.75 17.55
N ASP C 336 -65.92 70.78 16.83
CA ASP C 336 -66.29 70.96 15.42
C ASP C 336 -67.78 70.76 15.17
N ASN C 337 -68.61 70.83 16.21
CA ASN C 337 -70.06 70.73 16.06
C ASN C 337 -70.73 71.82 16.87
N ALA C 338 -71.59 72.59 16.23
CA ALA C 338 -72.33 73.60 16.96
C ALA C 338 -73.62 73.00 17.52
N PRO C 339 -74.11 73.50 18.65
CA PRO C 339 -75.35 72.96 19.22
C PRO C 339 -76.53 73.12 18.28
N GLU C 340 -77.47 72.17 18.38
CA GLU C 340 -78.69 72.18 17.58
C GLU C 340 -79.88 72.40 18.50
N ILE C 341 -80.70 73.41 18.18
CA ILE C 341 -81.88 73.74 18.97
C ILE C 341 -83.10 73.14 18.29
N SER C 342 -84.02 72.61 19.09
CA SER C 342 -85.24 71.99 18.56
C SER C 342 -86.40 72.32 19.48
N PHE C 343 -87.34 73.13 18.98
CA PHE C 343 -88.57 73.41 19.72
C PHE C 343 -89.56 72.29 19.44
N SER C 344 -90.13 71.74 20.51
CA SER C 344 -91.11 70.66 20.37
C SER C 344 -92.53 71.20 20.27
N THR C 345 -92.84 72.23 21.04
CA THR C 345 -94.17 72.82 21.03
C THR C 345 -94.05 74.25 21.55
N VAL C 346 -94.86 75.13 20.96
CA VAL C 346 -94.88 76.54 21.32
C VAL C 346 -96.34 76.99 21.33
N LYS C 347 -96.72 77.73 22.35
CA LYS C 347 -98.07 78.27 22.43
C LYS C 347 -98.23 79.38 21.39
N GLU C 348 -99.14 79.18 20.44
CA GLU C 348 -99.33 80.15 19.38
C GLU C 348 -99.69 81.52 19.94
N ALA C 349 -100.50 81.56 20.99
CA ALA C 349 -100.92 82.82 21.59
C ALA C 349 -100.95 82.69 23.10
N VAL C 350 -100.64 83.79 23.78
CA VAL C 350 -100.72 83.88 25.24
C VAL C 350 -101.58 85.07 25.61
N SER C 351 -102.45 84.88 26.58
CA SER C 351 -103.37 85.93 26.98
C SER C 351 -102.62 87.14 27.54
N GLU C 352 -103.20 88.32 27.33
CA GLU C 352 -102.64 89.55 27.90
C GLU C 352 -102.53 89.43 29.41
N GLY C 353 -103.62 89.01 30.07
CA GLY C 353 -103.67 88.79 31.50
C GLY C 353 -103.03 87.50 31.96
N ALA C 354 -101.78 87.27 31.55
CA ALA C 354 -101.04 86.07 31.96
C ALA C 354 -100.15 86.36 33.16
N ALA C 355 -100.44 85.68 34.28
CA ALA C 355 -99.65 85.88 35.48
C ALA C 355 -98.25 85.31 35.29
N PRO C 356 -97.28 85.76 36.10
CA PRO C 356 -95.94 85.19 36.01
C PRO C 356 -95.96 83.67 35.99
N GLY C 357 -95.01 83.09 35.26
CA GLY C 357 -94.82 81.65 35.22
C GLY C 357 -95.58 80.92 34.13
N THR C 358 -96.42 81.61 33.35
CA THR C 358 -97.16 80.94 32.30
C THR C 358 -96.20 80.45 31.23
N VAL C 359 -96.25 79.15 30.93
CA VAL C 359 -95.32 78.56 29.97
C VAL C 359 -95.68 79.02 28.56
N VAL C 360 -94.66 79.33 27.78
CA VAL C 360 -94.84 79.83 26.41
C VAL C 360 -94.27 78.85 25.42
N ALA C 361 -93.20 78.14 25.79
CA ALA C 361 -92.59 77.24 24.81
C ALA C 361 -91.77 76.18 25.50
N LEU C 362 -91.48 75.11 24.76
CA LEU C 362 -90.53 74.09 25.18
C LEU C 362 -89.55 73.81 24.04
N PHE C 363 -88.31 73.49 24.41
CA PHE C 363 -87.33 73.11 23.39
C PHE C 363 -86.21 72.31 24.04
N SER C 364 -85.35 71.77 23.19
CA SER C 364 -84.20 70.99 23.62
C SER C 364 -82.99 71.35 22.77
N VAL C 365 -81.81 70.99 23.27
CA VAL C 365 -80.56 71.28 22.60
C VAL C 365 -79.70 70.02 22.59
N THR C 366 -78.91 69.87 21.53
CA THR C 366 -77.98 68.75 21.39
C THR C 366 -76.68 69.26 20.80
N ASP C 367 -75.60 68.52 21.02
CA ASP C 367 -74.28 68.86 20.48
C ASP C 367 -73.55 67.56 20.22
N ARG C 368 -73.20 67.32 18.95
CA ARG C 368 -72.58 66.05 18.57
C ARG C 368 -71.17 65.88 19.14
N ASP C 369 -70.58 66.92 19.69
CA ASP C 369 -69.25 66.82 20.29
C ASP C 369 -69.36 66.11 21.64
N SER C 370 -68.26 66.08 22.40
CA SER C 370 -68.20 65.39 23.67
C SER C 370 -67.56 66.28 24.72
N GLU C 371 -67.86 65.98 25.98
CA GLU C 371 -67.31 66.72 27.13
C GLU C 371 -67.75 68.18 26.99
N GLU C 372 -66.85 69.14 27.26
CA GLU C 372 -67.23 70.54 27.18
C GLU C 372 -67.64 70.92 25.77
N ASN C 373 -67.01 70.32 24.76
CA ASN C 373 -67.41 70.60 23.39
C ASN C 373 -68.85 70.22 23.13
N GLY C 374 -69.42 69.31 23.92
CA GLY C 374 -70.82 68.96 23.83
C GLY C 374 -71.66 69.50 24.96
N GLN C 375 -71.10 70.33 25.83
CA GLN C 375 -71.85 70.98 26.90
C GLN C 375 -72.41 72.30 26.38
N VAL C 376 -73.70 72.51 26.58
CA VAL C 376 -74.42 73.65 26.00
C VAL C 376 -75.06 74.46 27.12
N GLN C 377 -74.86 75.77 27.08
CA GLN C 377 -75.60 76.71 27.91
C GLN C 377 -76.52 77.54 27.01
N CYS C 378 -77.64 77.99 27.57
CA CYS C 378 -78.66 78.68 26.81
C CYS C 378 -78.92 80.08 27.37
N GLU C 379 -79.33 80.99 26.48
CA GLU C 379 -79.65 82.35 26.85
C GLU C 379 -80.84 82.84 26.04
N LEU C 380 -81.68 83.64 26.69
CA LEU C 380 -82.80 84.31 26.03
C LEU C 380 -82.37 85.76 25.77
N LEU C 381 -82.39 86.17 24.50
CA LEU C 381 -81.84 87.47 24.12
C LEU C 381 -82.82 88.61 24.47
N GLY C 382 -82.26 89.78 24.74
CA GLY C 382 -83.04 90.98 24.86
C GLY C 382 -83.47 91.30 26.29
N ASP C 383 -84.22 92.39 26.39
CA ASP C 383 -84.79 92.84 27.66
C ASP C 383 -86.27 92.54 27.69
N VAL C 384 -86.62 91.26 27.59
CA VAL C 384 -88.02 90.87 27.41
C VAL C 384 -88.63 90.41 28.73
N PRO C 385 -89.96 90.49 28.87
CA PRO C 385 -90.61 90.07 30.12
C PRO C 385 -90.71 88.56 30.29
N PHE C 386 -89.97 87.79 29.50
CA PHE C 386 -89.97 86.34 29.62
C PHE C 386 -88.69 85.85 30.26
N ARG C 387 -88.73 84.61 30.77
CA ARG C 387 -87.55 83.98 31.34
C ARG C 387 -87.49 82.52 30.96
N LEU C 388 -86.33 81.92 31.23
CA LEU C 388 -86.01 80.56 30.84
C LEU C 388 -85.96 79.68 32.08
N LYS C 389 -86.54 78.48 31.98
CA LYS C 389 -86.49 77.51 33.06
C LYS C 389 -86.04 76.17 32.51
N SER C 390 -85.58 75.30 33.41
CA SER C 390 -85.00 74.02 33.00
C SER C 390 -85.45 72.94 33.97
N SER C 391 -86.30 72.04 33.49
CA SER C 391 -86.71 70.87 34.27
C SER C 391 -85.65 69.77 34.19
N PHE C 392 -85.10 69.56 33.01
CA PHE C 392 -84.07 68.55 32.77
C PHE C 392 -82.86 69.23 32.14
N LYS C 393 -81.74 68.51 32.12
CA LYS C 393 -80.56 69.03 31.45
C LYS C 393 -80.79 69.05 29.95
N ASN C 394 -80.50 70.20 29.34
CA ASN C 394 -80.61 70.41 27.90
C ASN C 394 -82.06 70.47 27.45
N TYR C 395 -83.00 70.62 28.38
CA TYR C 395 -84.42 70.79 28.06
C TYR C 395 -84.86 72.08 28.74
N TYR C 396 -85.50 72.96 27.98
CA TYR C 396 -85.80 74.29 28.46
C TYR C 396 -87.25 74.66 28.16
N THR C 397 -87.73 75.60 28.97
CA THR C 397 -89.07 76.13 28.86
C THR C 397 -88.97 77.65 28.83
N ILE C 398 -89.83 78.29 28.05
CA ILE C 398 -89.92 79.73 28.00
C ILE C 398 -91.23 80.12 28.68
N VAL C 399 -91.10 80.86 29.78
CA VAL C 399 -92.24 81.26 30.61
C VAL C 399 -92.29 82.79 30.68
N THR C 400 -93.40 83.29 31.21
CA THR C 400 -93.59 84.71 31.45
C THR C 400 -92.92 85.12 32.78
N GLU C 401 -92.68 86.42 32.94
CA GLU C 401 -91.99 86.91 34.12
C GLU C 401 -92.72 88.04 34.84
N ALA C 402 -93.14 89.04 34.08
CA ALA C 402 -93.76 90.25 34.62
C ALA C 402 -94.88 90.64 33.67
N PRO C 403 -95.61 91.72 33.90
CA PRO C 403 -96.62 92.13 32.91
C PRO C 403 -95.96 92.56 31.61
N LEU C 404 -96.54 92.10 30.51
CA LEU C 404 -95.99 92.37 29.19
C LEU C 404 -96.18 93.84 28.82
N ASP C 405 -95.15 94.44 28.24
CA ASP C 405 -95.28 95.81 27.77
C ASP C 405 -96.29 95.90 26.64
N ARG C 406 -96.31 94.91 25.76
CA ARG C 406 -97.21 94.92 24.61
C ARG C 406 -98.58 94.36 24.99
N GLU C 407 -99.59 94.84 24.28
CA GLU C 407 -100.97 94.44 24.50
C GLU C 407 -101.68 94.32 23.16
N ALA C 408 -102.85 93.71 23.21
CA ALA C 408 -103.77 93.58 22.06
C ALA C 408 -103.05 92.91 20.90
N GLY C 409 -103.07 93.49 19.70
CA GLY C 409 -102.67 92.76 18.50
C GLY C 409 -101.21 92.34 18.47
N ASP C 410 -100.33 93.16 19.04
CA ASP C 410 -98.90 92.95 18.86
C ASP C 410 -98.48 91.57 19.35
N SER C 411 -97.60 90.93 18.56
CA SER C 411 -97.02 89.64 18.89
C SER C 411 -95.55 89.80 19.23
N TYR C 412 -95.13 89.27 20.37
CA TYR C 412 -93.72 89.27 20.73
C TYR C 412 -92.98 88.16 19.99
N THR C 413 -91.71 88.44 19.67
CA THR C 413 -90.86 87.49 18.98
C THR C 413 -89.62 87.26 19.81
N LEU C 414 -89.27 85.99 20.00
CA LEU C 414 -88.22 85.61 20.94
C LEU C 414 -87.15 84.79 20.24
N THR C 415 -85.91 85.12 20.54
CA THR C 415 -84.74 84.44 19.98
C THR C 415 -83.95 83.81 21.12
N VAL C 416 -83.61 82.53 20.99
CA VAL C 416 -82.79 81.83 21.97
C VAL C 416 -81.44 81.53 21.33
N VAL C 417 -80.39 81.66 22.13
CA VAL C 417 -79.01 81.41 21.72
C VAL C 417 -78.45 80.28 22.55
N ALA C 418 -78.01 79.22 21.89
CA ALA C 418 -77.35 78.08 22.53
C ALA C 418 -75.86 78.13 22.21
N ARG C 419 -75.03 78.02 23.24
CA ARG C 419 -73.59 78.20 23.10
C ARG C 419 -72.87 77.06 23.80
N ASP C 420 -71.96 76.39 23.09
CA ASP C 420 -71.18 75.32 23.71
C ASP C 420 -69.91 75.90 24.33
N ARG C 421 -69.26 75.07 25.14
CA ARG C 421 -68.12 75.49 25.96
C ARG C 421 -66.80 75.02 25.38
N GLY C 422 -66.64 75.05 24.06
CA GLY C 422 -65.38 74.72 23.42
C GLY C 422 -64.57 75.97 23.11
N GLU C 423 -63.38 75.73 22.57
CA GLU C 423 -62.48 76.83 22.20
C GLU C 423 -61.85 76.59 20.80
N PRO C 424 -62.29 77.36 19.78
CA PRO C 424 -63.32 78.39 19.90
C PRO C 424 -64.70 77.82 20.18
N ALA C 425 -65.52 78.59 20.88
CA ALA C 425 -66.88 78.16 21.16
C ALA C 425 -67.75 78.27 19.92
N LEU C 426 -68.84 77.52 19.91
CA LEU C 426 -69.79 77.56 18.81
C LEU C 426 -71.20 77.75 19.37
N SER C 427 -72.02 78.50 18.63
CA SER C 427 -73.36 78.82 19.08
C SER C 427 -74.31 78.87 17.89
N THR C 428 -75.58 78.69 18.20
CA THR C 428 -76.66 78.68 17.21
C THR C 428 -77.85 79.40 17.83
N SER C 429 -78.72 79.92 16.98
CA SER C 429 -79.90 80.64 17.46
C SER C 429 -81.15 80.14 16.76
N LYS C 430 -82.29 80.32 17.43
CA LYS C 430 -83.57 80.08 16.78
C LYS C 430 -84.63 80.93 17.46
N SER C 431 -85.57 81.43 16.65
CA SER C 431 -86.58 82.35 17.14
C SER C 431 -87.97 81.94 16.67
N ILE C 432 -88.96 82.34 17.45
CA ILE C 432 -90.36 82.15 17.08
C ILE C 432 -91.14 83.37 17.59
N GLN C 433 -92.16 83.76 16.85
CA GLN C 433 -93.03 84.87 17.26
C GLN C 433 -94.43 84.35 17.60
N VAL C 434 -94.93 84.78 18.76
CA VAL C 434 -96.25 84.41 19.25
C VAL C 434 -97.01 85.68 19.57
N GLN C 435 -98.32 85.64 19.36
CA GLN C 435 -99.17 86.81 19.51
C GLN C 435 -99.94 86.77 20.82
N VAL C 436 -100.16 87.95 21.39
CA VAL C 436 -100.93 88.09 22.62
C VAL C 436 -102.40 88.12 22.25
N SER C 437 -103.20 87.34 22.96
CA SER C 437 -104.64 87.35 22.74
C SER C 437 -105.33 88.14 23.84
N ASP C 438 -106.61 88.42 23.63
CA ASP C 438 -107.43 89.15 24.58
C ASP C 438 -108.39 88.19 25.27
N HIS C 439 -108.57 88.40 26.58
CA HIS C 439 -109.33 87.49 27.43
C HIS C 439 -110.38 88.27 28.20
N HIS C 440 -111.56 87.67 28.31
CA HIS C 440 -112.65 88.28 29.08
C HIS C 440 -112.31 88.34 30.56
N GLN D 2 -49.75 27.80 21.55
CA GLN D 2 -48.96 26.85 22.34
C GLN D 2 -47.64 27.51 22.73
N LEU D 3 -47.26 27.34 23.99
CA LEU D 3 -46.13 28.06 24.56
C LEU D 3 -44.88 27.20 24.45
N HIS D 4 -43.75 27.86 24.29
CA HIS D 4 -42.46 27.20 24.13
C HIS D 4 -41.47 27.77 25.12
N TYR D 5 -40.84 26.90 25.90
CA TYR D 5 -39.77 27.27 26.83
C TYR D 5 -38.58 26.37 26.58
N THR D 6 -37.43 26.77 27.13
CA THR D 6 -36.22 25.97 27.05
C THR D 6 -35.57 25.89 28.41
N VAL D 7 -34.87 24.78 28.66
CA VAL D 7 -34.19 24.56 29.94
C VAL D 7 -33.00 23.64 29.71
N GLN D 8 -31.87 24.01 30.32
CA GLN D 8 -30.70 23.13 30.34
C GLN D 8 -30.96 21.92 31.22
N GLU D 9 -30.42 20.77 30.83
CA GLU D 9 -30.42 19.63 31.71
C GLU D 9 -29.51 19.90 32.91
N GLU D 10 -29.77 19.19 34.01
CA GLU D 10 -28.98 19.27 35.23
C GLU D 10 -29.15 20.62 35.94
N GLN D 11 -30.31 21.26 35.77
CA GLN D 11 -30.63 22.46 36.54
C GLN D 11 -31.23 22.07 37.89
N GLU D 12 -30.84 22.81 38.93
CA GLU D 12 -31.24 22.50 40.30
C GLU D 12 -32.69 22.91 40.54
N HIS D 13 -33.27 22.33 41.60
CA HIS D 13 -34.63 22.65 42.00
C HIS D 13 -34.84 24.15 42.11
N GLY D 14 -36.03 24.60 41.70
CA GLY D 14 -36.42 25.98 41.84
C GLY D 14 -35.93 26.89 40.73
N THR D 15 -35.30 26.35 39.70
CA THR D 15 -34.84 27.17 38.60
C THR D 15 -36.04 27.62 37.75
N PHE D 16 -36.02 28.87 37.34
CA PHE D 16 -37.12 29.41 36.56
C PHE D 16 -37.15 28.78 35.17
N VAL D 17 -38.34 28.33 34.75
CA VAL D 17 -38.56 27.79 33.42
C VAL D 17 -39.39 28.75 32.56
N GLY D 18 -40.48 29.28 33.12
CA GLY D 18 -41.26 30.21 32.32
C GLY D 18 -42.48 30.79 33.02
N ASN D 19 -42.92 31.98 32.63
CA ASN D 19 -44.09 32.61 33.26
C ASN D 19 -45.29 32.41 32.34
N ILE D 20 -46.10 31.39 32.64
CA ILE D 20 -47.24 31.06 31.80
C ILE D 20 -48.30 32.14 31.88
N ALA D 21 -48.56 32.67 33.08
CA ALA D 21 -49.52 33.74 33.24
C ALA D 21 -49.20 34.91 32.33
N GLU D 22 -47.96 35.41 32.40
CA GLU D 22 -47.56 36.55 31.58
C GLU D 22 -47.72 36.23 30.09
N ASP D 23 -47.11 35.13 29.64
CA ASP D 23 -47.11 34.80 28.23
C ASP D 23 -48.51 34.49 27.70
N LEU D 24 -49.48 34.26 28.59
CA LEU D 24 -50.86 34.00 28.17
C LEU D 24 -51.79 35.18 28.41
N GLY D 25 -51.30 36.27 29.00
CA GLY D 25 -52.15 37.42 29.25
C GLY D 25 -53.09 37.28 30.41
N LEU D 26 -52.82 36.37 31.35
CA LEU D 26 -53.68 36.17 32.51
C LEU D 26 -53.19 36.99 33.69
N ASP D 27 -54.10 37.76 34.28
CA ASP D 27 -53.79 38.50 35.50
C ASP D 27 -53.80 37.54 36.69
N ILE D 28 -52.83 37.71 37.60
CA ILE D 28 -52.65 36.78 38.70
C ILE D 28 -53.80 36.85 39.71
N THR D 29 -54.54 37.96 39.77
CA THR D 29 -55.60 38.08 40.76
C THR D 29 -56.79 37.16 40.45
N LYS D 30 -56.99 36.82 39.18
CA LYS D 30 -58.12 35.99 38.77
C LYS D 30 -57.77 34.53 38.64
N LEU D 31 -56.51 34.14 38.83
CA LEU D 31 -56.11 32.75 38.60
C LEU D 31 -56.83 31.81 39.56
N SER D 32 -56.94 32.18 40.84
CA SER D 32 -57.58 31.31 41.81
C SER D 32 -59.03 31.05 41.46
N ALA D 33 -59.77 32.09 41.05
CA ALA D 33 -61.17 31.93 40.69
C ALA D 33 -61.33 31.00 39.50
N ARG D 34 -60.50 31.19 38.46
CA ARG D 34 -60.66 30.50 37.19
C ARG D 34 -60.26 29.03 37.24
N GLY D 35 -59.79 28.51 38.37
CA GLY D 35 -59.44 27.10 38.44
C GLY D 35 -58.18 26.73 37.70
N PHE D 36 -57.21 27.65 37.61
CA PHE D 36 -55.92 27.37 36.99
C PHE D 36 -55.32 26.08 37.54
N GLN D 37 -55.17 25.06 36.70
CA GLN D 37 -54.70 23.77 37.17
C GLN D 37 -54.02 23.05 36.02
N THR D 38 -53.18 22.07 36.37
CA THR D 38 -52.50 21.22 35.41
C THR D 38 -53.39 20.04 35.01
N VAL D 39 -53.37 19.71 33.72
CA VAL D 39 -54.14 18.55 33.23
C VAL D 39 -53.59 17.29 33.89
N PRO D 40 -54.46 16.40 34.42
CA PRO D 40 -53.94 15.20 35.11
C PRO D 40 -52.96 14.37 34.28
N ASN D 41 -53.18 14.25 32.96
CA ASN D 41 -52.37 13.33 32.17
C ASN D 41 -50.93 13.81 32.03
N SER D 42 -50.72 15.13 32.04
CA SER D 42 -49.41 15.70 31.71
C SER D 42 -48.57 16.02 32.93
N ARG D 43 -48.99 15.60 34.12
CA ARG D 43 -48.13 15.74 35.30
C ARG D 43 -46.79 15.08 35.04
N THR D 44 -45.72 15.76 35.46
CA THR D 44 -44.37 15.27 35.30
C THR D 44 -43.58 15.63 36.54
N PRO D 45 -42.77 14.71 37.08
CA PRO D 45 -41.99 15.02 38.29
C PRO D 45 -40.90 16.06 38.05
N TYR D 46 -40.74 16.56 36.83
CA TYR D 46 -39.66 17.48 36.50
C TYR D 46 -40.06 18.96 36.56
N LEU D 47 -41.34 19.26 36.72
CA LEU D 47 -41.80 20.64 36.66
C LEU D 47 -42.80 20.92 37.77
N ASP D 48 -42.60 22.03 38.47
CA ASP D 48 -43.54 22.54 39.45
C ASP D 48 -44.19 23.80 38.90
N LEU D 49 -45.51 23.85 38.94
CA LEU D 49 -46.27 25.00 38.47
C LEU D 49 -46.87 25.69 39.68
N ASN D 50 -46.35 26.86 40.03
CA ASN D 50 -46.92 27.65 41.11
C ASN D 50 -48.24 28.24 40.64
N LEU D 51 -49.36 27.74 41.19
CA LEU D 51 -50.67 28.10 40.68
C LEU D 51 -51.03 29.54 41.04
N GLU D 52 -50.45 30.09 42.10
CA GLU D 52 -50.76 31.45 42.52
C GLU D 52 -49.95 32.50 41.76
N THR D 53 -48.85 32.10 41.10
CA THR D 53 -48.08 33.01 40.26
C THR D 53 -48.13 32.66 38.78
N GLY D 54 -48.45 31.43 38.42
CA GLY D 54 -48.42 31.01 37.04
C GLY D 54 -47.03 30.77 36.51
N VAL D 55 -46.06 30.54 37.40
CA VAL D 55 -44.66 30.38 37.02
C VAL D 55 -44.30 28.90 37.07
N LEU D 56 -43.58 28.46 36.04
CA LEU D 56 -43.08 27.10 35.92
C LEU D 56 -41.62 27.09 36.35
N TYR D 57 -41.32 26.30 37.37
CA TYR D 57 -39.99 26.13 37.94
C TYR D 57 -39.56 24.68 37.80
N VAL D 58 -38.25 24.46 37.76
CA VAL D 58 -37.71 23.10 37.83
C VAL D 58 -38.02 22.51 39.20
N ASN D 59 -38.48 21.25 39.20
CA ASN D 59 -38.74 20.52 40.42
C ASN D 59 -37.62 19.50 40.59
N GLU D 60 -37.73 18.32 39.98
CA GLU D 60 -36.69 17.31 40.03
C GLU D 60 -35.72 17.48 38.87
N LYS D 61 -34.43 17.34 39.17
CA LYS D 61 -33.39 17.65 38.19
C LYS D 61 -33.54 16.76 36.95
N ILE D 62 -33.41 17.37 35.78
CA ILE D 62 -33.60 16.68 34.50
C ILE D 62 -32.26 16.17 34.00
N ASP D 63 -32.17 14.86 33.80
CA ASP D 63 -31.04 14.23 33.11
C ASP D 63 -31.49 13.84 31.71
N ARG D 64 -31.11 14.64 30.72
CA ARG D 64 -31.59 14.40 29.35
C ARG D 64 -31.20 13.02 28.87
N GLU D 65 -30.03 12.52 29.28
CA GLU D 65 -29.59 11.20 28.83
C GLU D 65 -30.57 10.10 29.26
N GLN D 66 -31.30 10.31 30.36
CA GLN D 66 -32.18 9.27 30.86
C GLN D 66 -33.57 9.33 30.21
N ILE D 67 -34.16 10.52 30.09
CA ILE D 67 -35.51 10.62 29.55
C ILE D 67 -35.50 10.48 28.04
N CYS D 68 -34.47 11.01 27.38
CA CYS D 68 -34.45 11.08 25.92
C CYS D 68 -33.29 10.30 25.31
N LYS D 69 -32.43 9.67 26.12
CA LYS D 69 -31.35 8.86 25.60
C LYS D 69 -30.59 9.63 24.53
N GLN D 70 -30.53 9.13 23.29
CA GLN D 70 -29.78 9.79 22.23
C GLN D 70 -30.69 10.47 21.20
N SER D 71 -31.95 10.72 21.57
CA SER D 71 -32.85 11.45 20.69
C SER D 71 -32.27 12.82 20.35
N PRO D 72 -32.27 13.24 19.08
CA PRO D 72 -31.83 14.60 18.76
C PRO D 72 -32.75 15.67 19.32
N SER D 73 -33.98 15.32 19.67
CA SER D 73 -34.95 16.26 20.21
C SER D 73 -35.47 15.74 21.54
N CYS D 74 -35.67 16.64 22.49
CA CYS D 74 -36.13 16.27 23.83
C CYS D 74 -37.11 17.35 24.27
N VAL D 75 -38.38 16.98 24.42
CA VAL D 75 -39.44 17.95 24.70
C VAL D 75 -40.36 17.34 25.76
N LEU D 76 -40.48 18.03 26.90
CA LEU D 76 -41.48 17.70 27.90
C LEU D 76 -42.77 18.43 27.55
N HIS D 77 -43.89 17.69 27.55
CA HIS D 77 -45.19 18.22 27.17
C HIS D 77 -46.05 18.38 28.41
N LEU D 78 -46.36 19.64 28.75
CA LEU D 78 -47.21 19.97 29.89
C LEU D 78 -48.46 20.66 29.39
N GLU D 79 -49.59 20.40 30.06
CA GLU D 79 -50.86 21.01 29.73
C GLU D 79 -51.42 21.75 30.94
N VAL D 80 -51.96 22.95 30.71
CA VAL D 80 -52.65 23.68 31.78
C VAL D 80 -54.04 24.05 31.28
N PHE D 81 -54.94 24.32 32.22
CA PHE D 81 -56.31 24.66 31.87
C PHE D 81 -56.91 25.60 32.91
N LEU D 82 -57.88 26.39 32.46
CA LEU D 82 -58.70 27.23 33.30
C LEU D 82 -60.17 26.89 33.08
N GLU D 83 -60.99 27.30 34.04
CA GLU D 83 -62.42 27.01 34.03
C GLU D 83 -63.20 28.32 33.95
N ASN D 84 -64.44 28.20 33.47
CA ASN D 84 -65.36 29.33 33.44
C ASN D 84 -64.74 30.56 32.78
N PRO D 85 -64.51 30.51 31.46
CA PRO D 85 -64.79 29.40 30.54
C PRO D 85 -63.65 28.38 30.51
N LEU D 86 -63.95 27.20 29.99
CA LEU D 86 -62.96 26.14 29.87
C LEU D 86 -61.96 26.49 28.77
N GLU D 87 -60.69 26.63 29.14
CA GLU D 87 -59.64 26.95 28.18
C GLU D 87 -58.40 26.12 28.47
N LEU D 88 -57.89 25.44 27.44
CA LEU D 88 -56.70 24.62 27.58
C LEU D 88 -55.54 25.21 26.79
N PHE D 89 -54.36 25.20 27.40
CA PHE D 89 -53.14 25.72 26.80
C PHE D 89 -52.04 24.68 26.90
N GLN D 90 -51.30 24.54 25.79
CA GLN D 90 -50.23 23.58 25.65
C GLN D 90 -48.90 24.26 25.90
N VAL D 91 -47.99 23.57 26.58
CA VAL D 91 -46.69 24.11 26.91
C VAL D 91 -45.64 23.05 26.60
N GLU D 92 -44.75 23.35 25.66
CA GLU D 92 -43.60 22.51 25.35
C GLU D 92 -42.38 23.11 26.03
N ILE D 93 -41.68 22.30 26.82
CA ILE D 93 -40.45 22.72 27.47
C ILE D 93 -39.34 21.86 26.89
N GLU D 94 -38.46 22.47 26.09
CA GLU D 94 -37.39 21.75 25.43
C GLU D 94 -36.19 21.63 26.35
N VAL D 95 -35.71 20.40 26.52
CA VAL D 95 -34.54 20.11 27.35
C VAL D 95 -33.32 20.11 26.44
N LEU D 96 -32.37 21.00 26.71
CA LEU D 96 -31.17 21.11 25.91
C LEU D 96 -30.05 20.25 26.48
N ASP D 97 -29.29 19.61 25.59
CA ASP D 97 -28.20 18.75 26.00
C ASP D 97 -26.98 19.58 26.33
N ILE D 98 -26.31 19.22 27.42
CA ILE D 98 -25.00 19.77 27.75
C ILE D 98 -23.98 18.65 27.55
N ASN D 99 -22.70 19.04 27.53
CA ASN D 99 -21.62 18.08 27.32
C ASN D 99 -21.08 17.62 28.67
N ASP D 100 -21.91 16.82 29.34
CA ASP D 100 -21.58 16.23 30.63
C ASP D 100 -21.25 14.75 30.52
N ASN D 101 -20.90 14.27 29.33
CA ASN D 101 -20.51 12.88 29.13
C ASN D 101 -19.37 12.79 28.13
N PRO D 102 -18.36 11.97 28.40
CA PRO D 102 -17.27 11.77 27.44
C PRO D 102 -17.57 10.61 26.52
N PRO D 103 -16.90 10.52 25.38
CA PRO D 103 -16.93 9.26 24.61
C PRO D 103 -16.32 8.14 25.44
N SER D 104 -16.84 6.93 25.25
CA SER D 104 -16.41 5.77 26.02
C SER D 104 -16.32 4.56 25.12
N PHE D 105 -15.36 3.70 25.44
CA PHE D 105 -15.17 2.48 24.67
C PHE D 105 -15.91 1.32 25.34
N PRO D 106 -16.50 0.40 24.57
CA PRO D 106 -17.17 -0.74 25.23
C PRO D 106 -16.18 -1.66 25.93
N GLU D 107 -15.01 -1.84 25.34
CA GLU D 107 -13.91 -2.57 25.96
C GLU D 107 -12.73 -1.62 26.08
N PRO D 108 -12.05 -1.57 27.23
CA PRO D 108 -10.94 -0.60 27.36
C PRO D 108 -9.72 -0.96 26.52
N ASP D 109 -9.35 -2.23 26.46
CA ASP D 109 -8.17 -2.66 25.70
C ASP D 109 -8.59 -3.59 24.57
N LEU D 110 -8.15 -3.25 23.36
CA LEU D 110 -8.46 -4.03 22.16
C LEU D 110 -7.20 -4.69 21.61
N THR D 111 -7.34 -5.95 21.18
CA THR D 111 -6.28 -6.69 20.53
C THR D 111 -6.80 -7.15 19.16
N VAL D 112 -6.00 -6.95 18.12
CA VAL D 112 -6.37 -7.33 16.76
C VAL D 112 -5.20 -8.06 16.11
N GLU D 113 -5.52 -9.14 15.41
CA GLU D 113 -4.54 -10.00 14.77
C GLU D 113 -4.48 -9.70 13.27
N ILE D 114 -3.26 -9.50 12.75
CA ILE D 114 -3.04 -9.10 11.37
C ILE D 114 -1.94 -9.96 10.76
N SER D 115 -2.23 -10.58 9.61
CA SER D 115 -1.20 -11.30 8.85
C SER D 115 -0.14 -10.33 8.36
N GLU D 116 1.13 -10.71 8.55
CA GLU D 116 2.23 -9.86 8.10
C GLU D 116 2.25 -9.70 6.58
N SER D 117 1.50 -10.50 5.84
CA SER D 117 1.41 -10.38 4.39
C SER D 117 0.23 -9.52 3.95
N ALA D 118 -0.38 -8.75 4.86
CA ALA D 118 -1.45 -7.84 4.49
C ALA D 118 -0.91 -6.70 3.63
N THR D 119 -1.69 -6.30 2.63
CA THR D 119 -1.29 -5.28 1.67
C THR D 119 -1.55 -3.89 2.24
N PRO D 120 -0.60 -2.96 2.06
CA PRO D 120 -0.90 -1.56 2.41
C PRO D 120 -2.19 -1.11 1.74
N GLY D 121 -3.00 -0.37 2.48
CA GLY D 121 -4.32 0.03 2.05
C GLY D 121 -5.44 -0.82 2.60
N THR D 122 -5.13 -2.03 3.09
CA THR D 122 -6.14 -2.86 3.72
C THR D 122 -6.66 -2.17 4.98
N ARG D 123 -7.93 -2.41 5.28
CA ARG D 123 -8.61 -1.74 6.37
C ARG D 123 -9.17 -2.76 7.36
N PHE D 124 -9.14 -2.39 8.63
CA PHE D 124 -9.54 -3.28 9.71
C PHE D 124 -10.60 -2.56 10.55
N PRO D 125 -11.82 -3.11 10.66
CA PRO D 125 -12.87 -2.41 11.41
C PRO D 125 -12.58 -2.36 12.89
N LEU D 126 -12.99 -1.26 13.51
CA LEU D 126 -12.75 -1.00 14.92
C LEU D 126 -14.06 -0.72 15.67
N GLU D 127 -14.07 -1.11 16.94
CA GLU D 127 -15.19 -0.81 17.81
C GLU D 127 -15.37 0.70 17.90
N SER D 128 -16.53 1.20 17.49
CA SER D 128 -16.74 2.64 17.56
C SER D 128 -16.95 3.05 19.02
N ALA D 129 -16.54 4.27 19.34
CA ALA D 129 -16.85 4.81 20.65
C ALA D 129 -18.25 5.39 20.66
N PHE D 130 -18.83 5.48 21.86
CA PHE D 130 -20.21 5.95 22.02
C PHE D 130 -20.24 7.12 22.98
N ASP D 131 -20.95 8.18 22.59
CA ASP D 131 -21.13 9.35 23.43
C ASP D 131 -22.64 9.56 23.62
N PRO D 132 -23.18 9.45 24.83
CA PRO D 132 -24.64 9.52 24.99
C PRO D 132 -25.21 10.90 24.71
N ASP D 133 -24.37 11.94 24.70
CA ASP D 133 -24.84 13.26 24.32
C ASP D 133 -25.25 13.28 22.86
N VAL D 134 -25.89 14.38 22.44
CA VAL D 134 -26.40 14.51 21.09
C VAL D 134 -25.75 15.71 20.42
N GLY D 135 -25.92 15.80 19.11
CA GLY D 135 -25.41 16.92 18.35
C GLY D 135 -23.91 17.11 18.52
N THR D 136 -23.50 18.37 18.63
CA THR D 136 -22.08 18.68 18.72
C THR D 136 -21.43 18.04 19.95
N ASN D 137 -22.21 17.71 20.96
CA ASN D 137 -21.66 17.11 22.17
C ASN D 137 -21.46 15.61 22.05
N SER D 138 -21.87 15.01 20.93
CA SER D 138 -21.69 13.59 20.70
C SER D 138 -20.33 13.34 20.05
N LEU D 139 -20.08 12.09 19.67
CA LEU D 139 -18.79 11.71 19.12
C LEU D 139 -18.46 12.54 17.88
N ARG D 140 -17.20 12.96 17.78
CA ARG D 140 -16.78 13.83 16.68
C ARG D 140 -15.61 13.27 15.87
N ASP D 141 -14.59 12.69 16.52
CA ASP D 141 -13.47 12.20 15.73
C ASP D 141 -12.62 11.25 16.57
N TYR D 142 -11.82 10.43 15.87
CA TYR D 142 -10.89 9.50 16.50
C TYR D 142 -9.45 9.89 16.16
N GLU D 143 -8.53 9.50 17.05
CA GLU D 143 -7.11 9.69 16.82
C GLU D 143 -6.31 8.52 17.37
N ILE D 144 -5.12 8.30 16.78
CA ILE D 144 -4.22 7.23 17.17
C ILE D 144 -2.84 7.81 17.40
N THR D 145 -2.09 7.18 18.30
CA THR D 145 -0.68 7.51 18.47
C THR D 145 -0.01 7.63 17.09
N PRO D 146 0.70 8.72 16.80
CA PRO D 146 1.41 8.80 15.53
C PRO D 146 2.38 7.64 15.35
N ASN D 147 2.35 7.04 14.17
CA ASN D 147 3.22 5.91 13.86
C ASN D 147 3.35 5.80 12.35
N SER D 148 4.27 4.93 11.93
CA SER D 148 4.58 4.77 10.51
C SER D 148 3.80 3.65 9.84
N TYR D 149 3.12 2.80 10.62
CA TYR D 149 2.51 1.60 10.09
C TYR D 149 1.01 1.73 9.86
N PHE D 150 0.31 2.51 10.67
CA PHE D 150 -1.14 2.59 10.61
C PHE D 150 -1.60 4.03 10.63
N SER D 151 -2.60 4.32 9.80
CA SER D 151 -3.32 5.58 9.85
C SER D 151 -4.78 5.27 10.16
N LEU D 152 -5.56 6.32 10.35
CA LEU D 152 -6.95 6.21 10.75
C LEU D 152 -7.86 6.70 9.62
N ASP D 153 -8.98 6.01 9.43
CA ASP D 153 -10.00 6.47 8.50
C ASP D 153 -11.29 6.68 9.28
N VAL D 154 -11.82 7.90 9.23
CA VAL D 154 -13.06 8.27 9.91
C VAL D 154 -14.09 8.57 8.83
N GLN D 155 -15.17 7.80 8.85
CA GLN D 155 -16.24 7.89 7.86
C GLN D 155 -17.54 8.18 8.57
N THR D 156 -18.23 9.24 8.14
CA THR D 156 -19.54 9.57 8.66
C THR D 156 -20.58 8.90 7.78
N GLN D 157 -21.29 7.92 8.34
CA GLN D 157 -22.25 7.13 7.59
C GLN D 157 -23.66 7.72 7.63
N GLY D 158 -23.78 9.02 7.85
CA GLY D 158 -25.08 9.63 8.04
C GLY D 158 -25.66 9.23 9.39
N ASP D 159 -26.88 9.71 9.64
CA ASP D 159 -27.57 9.40 10.89
C ASP D 159 -26.71 9.79 12.08
N GLY D 160 -26.03 10.93 11.97
CA GLY D 160 -25.24 11.49 13.06
C GLY D 160 -24.22 10.56 13.68
N ASN D 161 -23.67 9.64 12.89
CA ASN D 161 -22.73 8.65 13.39
C ASN D 161 -21.39 8.74 12.67
N ARG D 162 -20.34 8.31 13.37
CA ARG D 162 -18.98 8.30 12.85
C ARG D 162 -18.34 6.95 13.16
N PHE D 163 -17.60 6.41 12.19
CA PHE D 163 -16.98 5.10 12.29
C PHE D 163 -15.51 5.20 11.93
N ALA D 164 -14.65 4.50 12.67
CA ALA D 164 -13.22 4.55 12.45
C ALA D 164 -12.67 3.16 12.16
N GLU D 165 -11.67 3.10 11.28
CA GLU D 165 -11.01 1.84 10.95
C GLU D 165 -9.53 2.09 10.75
N LEU D 166 -8.72 1.07 11.09
CA LEU D 166 -7.29 1.15 10.83
C LEU D 166 -6.98 0.93 9.36
N VAL D 167 -6.05 1.73 8.84
CA VAL D 167 -5.56 1.61 7.48
C VAL D 167 -4.08 1.28 7.55
N LEU D 168 -3.69 0.13 6.99
CA LEU D 168 -2.30 -0.25 6.95
C LEU D 168 -1.54 0.66 5.99
N GLU D 169 -0.51 1.33 6.51
CA GLU D 169 0.25 2.29 5.72
C GLU D 169 1.52 1.70 5.13
N LYS D 170 2.10 0.67 5.73
CA LYS D 170 3.35 0.10 5.25
C LYS D 170 3.42 -1.35 5.70
N PRO D 171 4.12 -2.21 4.97
CA PRO D 171 4.11 -3.65 5.29
C PRO D 171 4.61 -3.93 6.69
N LEU D 172 4.01 -4.95 7.31
CA LEU D 172 4.44 -5.46 8.61
C LEU D 172 5.42 -6.61 8.43
N ASP D 173 6.22 -6.85 9.48
CA ASP D 173 7.20 -7.94 9.49
C ASP D 173 7.23 -8.52 10.90
N ARG D 174 6.60 -9.68 11.08
CA ARG D 174 6.57 -10.30 12.40
C ARG D 174 7.98 -10.65 12.87
N GLU D 175 8.84 -11.07 11.95
CA GLU D 175 10.20 -11.47 12.31
C GLU D 175 11.00 -10.30 12.85
N GLN D 176 10.55 -9.07 12.62
CA GLN D 176 11.20 -7.89 13.18
C GLN D 176 10.42 -7.28 14.34
N GLN D 177 9.10 -7.36 14.31
CA GLN D 177 8.28 -6.89 15.43
C GLN D 177 6.92 -7.57 15.32
N ALA D 178 6.60 -8.43 16.29
CA ALA D 178 5.39 -9.22 16.25
C ALA D 178 4.19 -8.53 16.89
N VAL D 179 4.42 -7.47 17.65
CA VAL D 179 3.34 -6.78 18.35
C VAL D 179 3.60 -5.28 18.29
N HIS D 180 2.57 -4.52 17.92
CA HIS D 180 2.59 -3.07 18.00
C HIS D 180 1.58 -2.64 19.06
N ARG D 181 1.89 -1.58 19.79
CA ARG D 181 0.98 -1.07 20.81
C ARG D 181 0.81 0.42 20.63
N TYR D 182 -0.45 0.87 20.59
CA TYR D 182 -0.76 2.27 20.39
C TYR D 182 -1.87 2.68 21.34
N VAL D 183 -2.03 3.98 21.51
CA VAL D 183 -3.12 4.54 22.31
C VAL D 183 -4.16 5.10 21.35
N LEU D 184 -5.41 4.76 21.59
CA LEU D 184 -6.52 5.19 20.75
C LEU D 184 -7.41 6.12 21.56
N THR D 185 -7.76 7.27 20.98
CA THR D 185 -8.57 8.25 21.67
C THR D 185 -9.74 8.67 20.79
N ALA D 186 -10.83 9.07 21.44
CA ALA D 186 -12.04 9.52 20.75
C ALA D 186 -12.54 10.78 21.44
N VAL D 187 -12.85 11.80 20.63
CA VAL D 187 -13.28 13.09 21.15
C VAL D 187 -14.63 13.47 20.56
N ASP D 188 -15.43 14.15 21.39
CA ASP D 188 -16.69 14.75 20.97
C ASP D 188 -16.44 16.18 20.53
N GLY D 189 -17.51 16.95 20.30
CA GLY D 189 -17.39 18.32 19.86
C GLY D 189 -17.34 19.28 21.04
N GLY D 190 -16.32 20.15 21.03
CA GLY D 190 -16.14 21.12 22.09
C GLY D 190 -16.33 22.54 21.61
N GLY D 191 -16.50 23.47 22.55
CA GLY D 191 -16.78 24.85 22.21
C GLY D 191 -18.23 25.15 21.90
N GLY D 192 -19.08 24.14 21.87
CA GLY D 192 -20.49 24.37 21.62
C GLY D 192 -20.71 25.08 20.30
N GLY D 193 -21.46 26.17 20.35
CA GLY D 193 -21.73 26.96 19.16
C GLY D 193 -22.02 28.42 19.48
N PRO D 208 -23.92 28.16 28.43
CA PRO D 208 -22.53 28.49 28.78
C PRO D 208 -21.51 27.64 28.03
N PRO D 209 -20.27 28.12 27.93
CA PRO D 209 -19.27 27.41 27.12
C PRO D 209 -19.11 25.95 27.56
N GLN D 210 -19.10 25.06 26.57
CA GLN D 210 -18.90 23.64 26.79
C GLN D 210 -17.46 23.27 26.45
N GLN D 211 -16.88 22.36 27.22
CA GLN D 211 -15.53 21.88 26.99
C GLN D 211 -15.57 20.49 26.35
N GLN D 212 -14.53 20.18 25.59
CA GLN D 212 -14.43 18.92 24.87
C GLN D 212 -13.97 17.80 25.81
N ARG D 213 -14.63 16.65 25.71
CA ARG D 213 -14.32 15.49 26.52
C ARG D 213 -13.71 14.39 25.65
N THR D 214 -12.95 13.50 26.29
CA THR D 214 -12.14 12.51 25.58
C THR D 214 -12.22 11.16 26.26
N GLY D 215 -12.24 10.10 25.45
CA GLY D 215 -12.16 8.74 25.96
C GLY D 215 -10.96 8.01 25.36
N THR D 216 -10.46 6.97 26.05
CA THR D 216 -9.21 6.33 25.66
C THR D 216 -9.32 4.82 25.75
N ALA D 217 -8.57 4.12 24.89
CA ALA D 217 -8.49 2.67 24.89
C ALA D 217 -7.15 2.24 24.31
N LEU D 218 -6.56 1.20 24.88
CA LEU D 218 -5.31 0.65 24.36
C LEU D 218 -5.54 -0.25 23.16
N LEU D 219 -4.59 -0.24 22.23
CA LEU D 219 -4.67 -0.98 20.99
C LEU D 219 -3.44 -1.88 20.84
N THR D 220 -3.68 -3.18 20.71
CA THR D 220 -2.62 -4.17 20.52
C THR D 220 -2.78 -4.81 19.15
N ILE D 221 -1.72 -4.73 18.35
CA ILE D 221 -1.68 -5.33 17.02
C ILE D 221 -0.76 -6.54 17.12
N ARG D 222 -1.30 -7.75 16.99
CA ARG D 222 -0.46 -8.93 16.91
C ARG D 222 -0.23 -9.26 15.45
N VAL D 223 1.02 -9.30 15.03
CA VAL D 223 1.38 -9.53 13.64
C VAL D 223 1.47 -11.03 13.44
N LEU D 224 0.64 -11.55 12.55
CA LEU D 224 0.55 -12.99 12.34
C LEU D 224 1.62 -13.46 11.38
N ASP D 225 2.22 -14.60 11.69
CA ASP D 225 3.35 -15.09 10.91
C ASP D 225 2.90 -15.60 9.56
N SER D 226 3.72 -15.38 8.54
CA SER D 226 3.55 -15.99 7.24
C SER D 226 4.88 -16.61 6.83
N ASN D 227 4.80 -17.68 6.04
CA ASN D 227 6.00 -18.38 5.59
C ASN D 227 6.66 -17.54 4.49
N ASP D 228 7.26 -16.44 4.94
CA ASP D 228 7.87 -15.46 4.04
C ASP D 228 9.39 -15.44 4.14
N ASN D 229 9.97 -16.42 4.82
CA ASN D 229 11.43 -16.55 4.90
C ASN D 229 11.84 -17.91 4.35
N VAL D 230 12.86 -17.89 3.51
CA VAL D 230 13.40 -19.11 2.90
C VAL D 230 14.61 -19.52 3.74
N PRO D 231 14.83 -20.82 3.96
CA PRO D 231 16.04 -21.23 4.67
C PRO D 231 17.27 -20.65 4.00
N ALA D 232 18.28 -20.33 4.80
CA ALA D 232 19.45 -19.60 4.32
C ALA D 232 20.70 -20.26 4.87
N PHE D 233 21.59 -20.67 3.97
CA PHE D 233 22.92 -21.12 4.34
C PHE D 233 23.84 -19.91 4.39
N ASP D 234 24.71 -19.87 5.41
CA ASP D 234 25.62 -18.74 5.53
C ASP D 234 26.61 -18.69 4.38
N GLN D 235 26.80 -19.79 3.67
CA GLN D 235 27.67 -19.85 2.51
C GLN D 235 26.98 -20.57 1.37
N PRO D 236 27.34 -20.26 0.11
CA PRO D 236 26.77 -21.00 -1.02
C PRO D 236 27.48 -22.31 -1.31
N VAL D 237 28.75 -22.40 -0.93
CA VAL D 237 29.54 -23.61 -1.15
C VAL D 237 30.42 -23.82 0.07
N TYR D 238 30.48 -25.06 0.56
CA TYR D 238 31.38 -25.45 1.63
C TYR D 238 32.37 -26.47 1.10
N THR D 239 33.64 -26.30 1.48
CA THR D 239 34.69 -27.22 1.09
C THR D 239 35.23 -27.93 2.32
N VAL D 240 35.28 -29.26 2.25
CA VAL D 240 35.73 -30.09 3.35
C VAL D 240 36.76 -31.07 2.80
N SER D 241 37.82 -31.32 3.58
CA SER D 241 38.87 -32.26 3.22
C SER D 241 38.88 -33.39 4.23
N LEU D 242 38.89 -34.62 3.73
CA LEU D 242 38.85 -35.81 4.58
C LEU D 242 39.83 -36.83 4.02
N PRO D 243 40.42 -37.67 4.88
CA PRO D 243 41.27 -38.75 4.37
C PRO D 243 40.46 -39.89 3.80
N GLU D 244 40.94 -40.45 2.69
CA GLU D 244 40.29 -41.62 2.12
C GLU D 244 40.19 -42.69 3.18
N ASN D 245 39.25 -43.62 3.01
CA ASN D 245 38.96 -44.67 3.97
C ASN D 245 38.48 -44.12 5.31
N SER D 246 38.13 -42.85 5.38
CA SER D 246 37.49 -42.34 6.59
C SER D 246 36.30 -43.22 6.93
N PRO D 247 36.18 -43.72 8.15
CA PRO D 247 35.18 -44.75 8.43
C PRO D 247 33.77 -44.19 8.28
N PRO D 248 32.83 -44.98 7.76
CA PRO D 248 31.44 -44.52 7.70
C PRO D 248 30.98 -43.96 9.04
N GLY D 249 30.07 -42.99 8.98
CA GLY D 249 29.68 -42.26 10.16
C GLY D 249 30.57 -41.08 10.48
N THR D 250 31.73 -40.96 9.83
CA THR D 250 32.57 -39.79 10.03
C THR D 250 31.80 -38.54 9.63
N LEU D 251 31.93 -37.50 10.45
CA LEU D 251 31.22 -36.27 10.18
C LEU D 251 31.87 -35.57 8.99
N VAL D 252 31.07 -35.28 7.96
CA VAL D 252 31.57 -34.50 6.83
C VAL D 252 31.35 -33.03 7.17
N ILE D 253 30.10 -32.64 7.41
CA ILE D 253 29.82 -31.26 7.78
C ILE D 253 28.42 -31.17 8.38
N GLN D 254 28.26 -30.27 9.34
CA GLN D 254 26.97 -29.99 9.97
C GLN D 254 26.49 -28.66 9.40
N LEU D 255 25.66 -28.70 8.36
CA LEU D 255 25.16 -27.47 7.79
C LEU D 255 24.15 -26.82 8.74
N ASN D 256 23.94 -25.52 8.53
CA ASN D 256 23.05 -24.75 9.38
C ASN D 256 22.20 -23.85 8.48
N ALA D 257 20.98 -24.29 8.18
CA ALA D 257 20.03 -23.51 7.41
C ALA D 257 19.13 -22.73 8.37
N THR D 258 19.19 -21.40 8.30
CA THR D 258 18.45 -20.53 9.19
C THR D 258 17.09 -20.17 8.59
N ASP D 259 16.05 -20.23 9.43
CA ASP D 259 14.70 -19.90 9.02
C ASP D 259 13.98 -19.28 10.21
N PRO D 260 13.93 -17.95 10.30
CA PRO D 260 13.40 -17.30 11.52
C PRO D 260 11.90 -17.41 11.70
N ASP D 261 11.18 -18.10 10.81
CA ASP D 261 9.73 -18.19 10.94
C ASP D 261 9.30 -18.94 12.19
N GLU D 262 7.99 -19.05 12.41
CA GLU D 262 7.41 -19.67 13.58
C GLU D 262 6.76 -20.99 13.21
N GLY D 263 6.77 -21.93 14.15
CA GLY D 263 6.11 -23.21 13.93
C GLY D 263 6.70 -23.96 12.75
N GLN D 264 5.83 -24.64 12.01
CA GLN D 264 6.27 -25.40 10.85
C GLN D 264 7.00 -24.52 9.83
N ASN D 265 6.62 -23.25 9.76
CA ASN D 265 7.29 -22.32 8.85
C ASN D 265 8.77 -22.17 9.16
N GLY D 266 9.19 -22.47 10.40
CA GLY D 266 10.57 -22.30 10.79
C GLY D 266 11.34 -23.60 11.01
N GLU D 267 10.66 -24.73 10.88
CA GLU D 267 11.31 -26.03 10.98
C GLU D 267 11.88 -26.41 9.62
N VAL D 268 13.15 -26.79 9.60
CA VAL D 268 13.89 -27.03 8.36
C VAL D 268 14.19 -28.52 8.24
N VAL D 269 14.01 -29.06 7.04
CA VAL D 269 14.44 -30.42 6.71
C VAL D 269 15.40 -30.34 5.53
N TYR D 270 16.43 -31.17 5.57
CA TYR D 270 17.50 -31.17 4.59
C TYR D 270 17.43 -32.43 3.74
N SER D 271 17.86 -32.32 2.48
CA SER D 271 17.75 -33.43 1.56
C SER D 271 18.76 -33.27 0.44
N PHE D 272 18.93 -34.34 -0.33
CA PHE D 272 19.82 -34.32 -1.47
C PHE D 272 19.18 -33.57 -2.62
N SER D 273 19.98 -32.77 -3.31
CA SER D 273 19.50 -32.08 -4.50
C SER D 273 19.44 -33.06 -5.66
N SER D 274 18.80 -32.64 -6.75
CA SER D 274 18.65 -33.51 -7.91
C SER D 274 19.98 -33.71 -8.63
N HIS D 275 20.90 -32.76 -8.53
CA HIS D 275 22.14 -32.81 -9.29
C HIS D 275 23.00 -34.00 -8.87
N ILE D 276 23.05 -34.31 -7.57
CA ILE D 276 24.09 -35.16 -7.04
C ILE D 276 24.11 -36.51 -7.75
N SER D 277 25.31 -36.98 -8.07
CA SER D 277 25.48 -38.28 -8.70
C SER D 277 25.06 -39.40 -7.75
N PRO D 278 24.59 -40.53 -8.29
CA PRO D 278 24.24 -41.65 -7.40
C PRO D 278 25.41 -42.18 -6.61
N ARG D 279 26.64 -41.99 -7.09
CA ARG D 279 27.80 -42.44 -6.33
C ARG D 279 27.93 -41.66 -5.03
N ALA D 280 27.76 -40.35 -5.08
CA ALA D 280 27.78 -39.56 -3.85
C ALA D 280 26.60 -39.92 -2.94
N ARG D 281 25.43 -40.21 -3.52
CA ARG D 281 24.30 -40.65 -2.71
C ARG D 281 24.61 -41.95 -2.00
N GLU D 282 25.38 -42.83 -2.63
CA GLU D 282 25.82 -44.05 -1.98
C GLU D 282 26.86 -43.76 -0.90
N LEU D 283 27.80 -42.85 -1.19
CA LEU D 283 28.94 -42.61 -0.32
C LEU D 283 28.64 -41.68 0.83
N PHE D 284 27.51 -41.00 0.82
CA PHE D 284 27.20 -40.02 1.86
C PHE D 284 25.77 -40.21 2.33
N GLY D 285 25.57 -39.90 3.60
CA GLY D 285 24.24 -39.93 4.19
C GLY D 285 23.95 -38.61 4.87
N LEU D 286 22.73 -38.12 4.67
CA LEU D 286 22.31 -36.81 5.15
C LEU D 286 21.09 -36.99 6.04
N SER D 287 21.20 -36.53 7.28
CA SER D 287 20.11 -36.67 8.23
C SER D 287 19.07 -35.58 7.97
N PRO D 288 17.80 -35.93 7.75
CA PRO D 288 16.85 -34.91 7.25
C PRO D 288 16.64 -33.74 8.19
N ARG D 289 16.51 -33.99 9.50
CA ARG D 289 16.11 -32.94 10.42
C ARG D 289 17.29 -32.15 10.98
N THR D 290 18.40 -32.81 11.26
CA THR D 290 19.55 -32.14 11.87
C THR D 290 20.51 -31.54 10.86
N GLY D 291 20.46 -31.99 9.60
CA GLY D 291 21.41 -31.50 8.62
C GLY D 291 22.81 -32.03 8.78
N ARG D 292 22.97 -33.16 9.46
CA ARG D 292 24.30 -33.74 9.66
C ARG D 292 24.67 -34.57 8.43
N LEU D 293 25.66 -34.10 7.67
CA LEU D 293 26.16 -34.83 6.51
C LEU D 293 27.37 -35.65 6.92
N GLU D 294 27.29 -36.96 6.71
CA GLU D 294 28.32 -37.88 7.16
C GLU D 294 28.64 -38.88 6.06
N VAL D 295 29.78 -39.57 6.23
CA VAL D 295 30.22 -40.59 5.30
C VAL D 295 29.46 -41.89 5.60
N SER D 296 29.09 -42.62 4.54
CA SER D 296 28.40 -43.89 4.69
C SER D 296 29.05 -45.04 3.92
N GLY D 297 30.16 -44.80 3.23
CA GLY D 297 30.82 -45.83 2.47
C GLY D 297 32.33 -45.72 2.44
N GLU D 298 32.97 -46.53 1.60
CA GLU D 298 34.42 -46.48 1.44
C GLU D 298 34.79 -45.32 0.53
N LEU D 299 35.58 -44.39 1.05
CA LEU D 299 36.13 -43.30 0.26
C LEU D 299 37.45 -43.76 -0.35
N ASP D 300 37.49 -43.87 -1.67
CA ASP D 300 38.67 -44.35 -2.38
C ASP D 300 39.24 -43.19 -3.20
N TYR D 301 40.31 -42.58 -2.68
CA TYR D 301 40.98 -41.51 -3.43
C TYR D 301 41.30 -41.95 -4.84
N GLU D 302 41.77 -43.19 -5.00
CA GLU D 302 42.10 -43.69 -6.33
C GLU D 302 40.88 -43.73 -7.24
N GLU D 303 39.68 -43.85 -6.66
CA GLU D 303 38.47 -43.76 -7.45
C GLU D 303 38.22 -42.33 -7.90
N SER D 304 38.28 -41.39 -6.97
CA SER D 304 38.07 -39.98 -7.27
C SER D 304 38.58 -39.13 -6.10
N PRO D 305 39.33 -38.06 -6.36
CA PRO D 305 39.84 -37.25 -5.24
C PRO D 305 38.84 -36.25 -4.69
N VAL D 306 37.69 -36.05 -5.33
CA VAL D 306 36.73 -35.05 -4.89
C VAL D 306 35.33 -35.54 -5.21
N TYR D 307 34.35 -35.04 -4.45
CA TYR D 307 32.95 -35.34 -4.67
C TYR D 307 32.14 -34.06 -4.51
N GLN D 308 31.06 -33.98 -5.27
CA GLN D 308 30.17 -32.83 -5.29
C GLN D 308 28.82 -33.26 -4.72
N VAL D 309 28.47 -32.71 -3.56
CA VAL D 309 27.21 -33.02 -2.89
C VAL D 309 26.30 -31.81 -3.02
N TYR D 310 25.14 -32.01 -3.63
CA TYR D 310 24.19 -30.93 -3.86
C TYR D 310 23.03 -31.09 -2.89
N VAL D 311 22.84 -30.09 -2.02
CA VAL D 311 21.85 -30.16 -0.95
C VAL D 311 20.80 -29.09 -1.14
N GLN D 312 19.58 -29.43 -0.71
CA GLN D 312 18.52 -28.43 -0.55
C GLN D 312 17.94 -28.53 0.86
N ALA D 313 17.57 -27.37 1.40
CA ALA D 313 16.87 -27.30 2.68
C ALA D 313 15.52 -26.64 2.44
N LYS D 314 14.52 -27.04 3.22
CA LYS D 314 13.16 -26.61 2.96
C LYS D 314 12.35 -26.68 4.26
N ASP D 315 11.57 -25.64 4.52
CA ASP D 315 10.71 -25.63 5.70
C ASP D 315 9.41 -26.39 5.41
N LEU D 316 8.63 -26.60 6.47
CA LEU D 316 7.45 -27.45 6.42
C LEU D 316 6.15 -26.67 6.31
N GLY D 317 6.22 -25.37 6.03
CA GLY D 317 5.02 -24.58 5.92
C GLY D 317 4.48 -24.58 4.51
N PRO D 318 3.34 -23.92 4.31
CA PRO D 318 2.78 -23.83 2.96
C PRO D 318 3.59 -22.86 2.09
N ASN D 319 3.59 -23.12 0.79
CA ASN D 319 4.30 -22.29 -0.17
C ASN D 319 5.81 -22.28 0.06
N ALA D 320 6.35 -23.31 0.72
CA ALA D 320 7.77 -23.35 1.03
C ALA D 320 8.60 -23.26 -0.25
N VAL D 321 9.70 -22.51 -0.16
CA VAL D 321 10.63 -22.31 -1.26
C VAL D 321 11.93 -23.02 -0.91
N PRO D 322 12.43 -23.93 -1.75
CA PRO D 322 13.68 -24.62 -1.40
C PRO D 322 14.90 -23.72 -1.53
N ALA D 323 15.84 -23.91 -0.62
CA ALA D 323 17.15 -23.30 -0.69
C ALA D 323 18.18 -24.37 -1.03
N HIS D 324 19.33 -23.94 -1.56
CA HIS D 324 20.32 -24.88 -2.06
C HIS D 324 21.72 -24.48 -1.61
N CYS D 325 22.55 -25.49 -1.40
CA CYS D 325 23.97 -25.28 -1.16
C CYS D 325 24.73 -26.47 -1.73
N LYS D 326 26.06 -26.32 -1.80
CA LYS D 326 26.91 -27.32 -2.44
C LYS D 326 28.12 -27.59 -1.54
N VAL D 327 28.35 -28.87 -1.27
CA VAL D 327 29.46 -29.33 -0.43
C VAL D 327 30.51 -29.95 -1.33
N LEU D 328 31.73 -29.41 -1.27
CA LEU D 328 32.86 -29.92 -2.04
C LEU D 328 33.72 -30.75 -1.10
N VAL D 329 33.74 -32.07 -1.31
CA VAL D 329 34.43 -33.00 -0.41
C VAL D 329 35.71 -33.43 -1.10
N ARG D 330 36.85 -32.88 -0.68
CA ARG D 330 38.13 -33.27 -1.22
C ARG D 330 38.69 -34.44 -0.41
N VAL D 331 39.02 -35.52 -1.09
CA VAL D 331 39.57 -36.71 -0.45
C VAL D 331 41.08 -36.59 -0.39
N LEU D 332 41.67 -37.05 0.70
CA LEU D 332 43.11 -37.00 0.90
C LEU D 332 43.69 -38.40 0.71
N ASP D 333 44.75 -38.50 -0.09
CA ASP D 333 45.30 -39.80 -0.43
C ASP D 333 46.03 -40.42 0.76
N ALA D 334 45.80 -41.71 0.96
CA ALA D 334 46.52 -42.51 1.94
C ALA D 334 47.27 -43.63 1.21
N ASN D 335 48.21 -44.24 1.92
CA ASN D 335 48.99 -45.35 1.37
C ASN D 335 48.28 -46.66 1.69
N ASP D 336 47.29 -46.99 0.86
CA ASP D 336 46.48 -48.18 1.05
C ASP D 336 46.60 -49.16 -0.11
N ASN D 337 47.64 -49.04 -0.94
CA ASN D 337 47.92 -49.98 -2.01
C ASN D 337 49.40 -50.33 -1.99
N ALA D 338 49.70 -51.61 -1.95
CA ALA D 338 51.09 -52.04 -1.99
C ALA D 338 51.56 -52.17 -3.44
N PRO D 339 52.85 -51.97 -3.70
CA PRO D 339 53.32 -52.08 -5.09
C PRO D 339 53.06 -53.46 -5.66
N GLU D 340 52.83 -53.50 -6.98
CA GLU D 340 52.56 -54.74 -7.69
C GLU D 340 53.71 -55.01 -8.66
N ILE D 341 54.28 -56.21 -8.57
CA ILE D 341 55.40 -56.59 -9.44
C ILE D 341 54.85 -57.43 -10.58
N SER D 342 55.36 -57.19 -11.79
CA SER D 342 54.90 -57.90 -12.98
C SER D 342 56.11 -58.17 -13.87
N PHE D 343 56.45 -59.45 -14.04
CA PHE D 343 57.53 -59.84 -14.93
C PHE D 343 57.01 -59.95 -16.36
N SER D 344 57.74 -59.35 -17.30
CA SER D 344 57.38 -59.39 -18.71
C SER D 344 58.01 -60.57 -19.42
N THR D 345 59.26 -60.90 -19.09
CA THR D 345 59.95 -62.01 -19.73
C THR D 345 61.06 -62.52 -18.82
N VAL D 346 61.26 -63.84 -18.85
CA VAL D 346 62.28 -64.51 -18.06
C VAL D 346 62.97 -65.54 -18.94
N LYS D 347 64.30 -65.51 -18.96
CA LYS D 347 65.08 -66.51 -19.68
C LYS D 347 65.17 -67.78 -18.86
N GLU D 348 64.90 -68.92 -19.50
CA GLU D 348 64.86 -70.20 -18.76
C GLU D 348 66.18 -70.47 -18.05
N ALA D 349 67.30 -70.14 -18.69
CA ALA D 349 68.59 -70.59 -18.22
C ALA D 349 69.68 -69.61 -18.68
N VAL D 350 70.77 -69.58 -17.94
CA VAL D 350 71.94 -68.78 -18.29
C VAL D 350 73.16 -69.70 -18.33
N SER D 351 74.00 -69.50 -19.35
CA SER D 351 75.15 -70.37 -19.56
C SER D 351 76.11 -70.32 -18.38
N GLU D 352 76.90 -71.39 -18.23
CA GLU D 352 77.86 -71.46 -17.12
C GLU D 352 78.77 -70.25 -17.13
N GLY D 353 79.53 -70.07 -18.21
CA GLY D 353 80.44 -68.95 -18.25
C GLY D 353 79.78 -67.69 -18.77
N ALA D 354 78.59 -67.36 -18.26
CA ALA D 354 77.91 -66.16 -18.74
C ALA D 354 78.65 -64.94 -18.20
N ALA D 355 79.24 -64.17 -19.12
CA ALA D 355 80.02 -63.03 -18.74
C ALA D 355 79.15 -61.96 -18.12
N PRO D 356 79.74 -61.04 -17.35
CA PRO D 356 78.95 -59.93 -16.80
C PRO D 356 78.06 -59.29 -17.85
N GLY D 357 76.89 -58.84 -17.41
CA GLY D 357 75.96 -58.12 -18.26
C GLY D 357 74.91 -58.95 -18.97
N THR D 358 74.94 -60.28 -18.87
CA THR D 358 73.94 -61.09 -19.55
C THR D 358 72.57 -60.89 -18.90
N VAL D 359 71.58 -60.51 -19.72
CA VAL D 359 70.25 -60.24 -19.20
C VAL D 359 69.56 -61.55 -18.85
N VAL D 360 68.83 -61.54 -17.72
CA VAL D 360 68.14 -62.74 -17.24
C VAL D 360 66.64 -62.53 -17.21
N ALA D 361 66.19 -61.31 -16.94
CA ALA D 361 64.76 -61.08 -16.81
C ALA D 361 64.44 -59.60 -16.99
N LEU D 362 63.20 -59.34 -17.43
CA LEU D 362 62.63 -58.00 -17.50
C LEU D 362 61.37 -57.98 -16.65
N PHE D 363 61.10 -56.86 -15.98
CA PHE D 363 59.86 -56.75 -15.22
C PHE D 363 59.51 -55.29 -14.99
N SER D 364 58.30 -55.08 -14.46
CA SER D 364 57.79 -53.75 -14.13
C SER D 364 57.05 -53.80 -12.80
N VAL D 365 56.84 -52.63 -12.21
CA VAL D 365 56.14 -52.49 -10.94
C VAL D 365 55.11 -51.39 -11.05
N THR D 366 54.02 -51.53 -10.30
CA THR D 366 52.96 -50.53 -10.28
C THR D 366 52.46 -50.33 -8.84
N ASP D 367 51.87 -49.15 -8.61
CA ASP D 367 51.29 -48.80 -7.31
C ASP D 367 50.13 -47.86 -7.56
N ARG D 368 48.92 -48.28 -7.16
CA ARG D 368 47.72 -47.51 -7.45
C ARG D 368 47.70 -46.15 -6.76
N ASP D 369 48.55 -45.94 -5.75
CA ASP D 369 48.53 -44.71 -4.98
C ASP D 369 49.16 -43.58 -5.80
N SER D 370 49.37 -42.43 -5.18
CA SER D 370 49.91 -41.26 -5.87
C SER D 370 51.01 -40.63 -5.04
N GLU D 371 51.86 -39.85 -5.72
CA GLU D 371 53.00 -39.18 -5.09
C GLU D 371 53.88 -40.20 -4.36
N GLU D 372 54.36 -39.87 -3.16
CA GLU D 372 55.25 -40.77 -2.44
C GLU D 372 54.59 -42.12 -2.21
N ASN D 373 53.28 -42.13 -1.93
CA ASN D 373 52.58 -43.37 -1.69
C ASN D 373 52.62 -44.29 -2.92
N GLY D 374 52.82 -43.73 -4.10
CA GLY D 374 52.98 -44.50 -5.32
C GLY D 374 54.39 -44.54 -5.85
N GLN D 375 55.36 -44.01 -5.12
CA GLN D 375 56.78 -44.08 -5.50
C GLN D 375 57.35 -45.39 -4.99
N VAL D 376 58.00 -46.14 -5.87
CA VAL D 376 58.48 -47.49 -5.56
C VAL D 376 59.98 -47.54 -5.77
N GLN D 377 60.68 -48.07 -4.77
CA GLN D 377 62.08 -48.47 -4.84
C GLN D 377 62.15 -49.99 -4.74
N CYS D 378 63.18 -50.57 -5.35
CA CYS D 378 63.30 -52.03 -5.38
C CYS D 378 64.62 -52.46 -4.75
N GLU D 379 64.59 -53.62 -4.10
CA GLU D 379 65.80 -54.22 -3.55
C GLU D 379 65.67 -55.73 -3.67
N LEU D 380 66.79 -56.39 -3.93
CA LEU D 380 66.84 -57.85 -3.96
C LEU D 380 67.42 -58.36 -2.65
N LEU D 381 66.71 -59.27 -1.99
CA LEU D 381 67.14 -59.80 -0.71
C LEU D 381 68.22 -60.86 -0.90
N GLY D 382 69.17 -60.89 0.03
CA GLY D 382 70.27 -61.82 -0.02
C GLY D 382 71.45 -61.29 -0.79
N ASP D 383 72.54 -62.07 -0.78
CA ASP D 383 73.77 -61.73 -1.47
C ASP D 383 73.94 -62.69 -2.65
N VAL D 384 74.01 -62.14 -3.85
CA VAL D 384 74.06 -62.95 -5.07
C VAL D 384 74.93 -62.25 -6.10
N PRO D 385 75.43 -62.95 -7.11
CA PRO D 385 76.26 -62.27 -8.12
C PRO D 385 75.46 -61.35 -9.02
N PHE D 386 74.17 -61.62 -9.20
CA PHE D 386 73.38 -60.80 -10.11
C PHE D 386 73.04 -59.46 -9.47
N ARG D 387 72.73 -58.50 -10.33
CA ARG D 387 72.31 -57.17 -9.91
C ARG D 387 71.26 -56.66 -10.88
N LEU D 388 70.55 -55.62 -10.45
CA LEU D 388 69.41 -55.10 -11.17
C LEU D 388 69.74 -53.76 -11.81
N LYS D 389 69.25 -53.57 -13.03
CA LYS D 389 69.47 -52.39 -13.83
C LYS D 389 68.11 -51.81 -14.23
N SER D 390 68.09 -50.54 -14.60
CA SER D 390 66.83 -49.84 -14.88
C SER D 390 67.04 -48.85 -16.01
N SER D 391 66.41 -49.11 -17.16
CA SER D 391 66.45 -48.20 -18.28
C SER D 391 65.46 -47.04 -18.11
N PHE D 392 64.21 -47.35 -17.82
CA PHE D 392 63.19 -46.33 -17.55
C PHE D 392 62.66 -46.51 -16.14
N LYS D 393 61.91 -45.52 -15.66
CA LYS D 393 61.35 -45.62 -14.32
C LYS D 393 60.37 -46.79 -14.25
N ASN D 394 60.50 -47.59 -13.20
CA ASN D 394 59.60 -48.68 -12.88
C ASN D 394 59.71 -49.84 -13.86
N TYR D 395 60.74 -49.87 -14.69
CA TYR D 395 61.02 -51.01 -15.57
C TYR D 395 62.45 -51.45 -15.29
N TYR D 396 62.64 -52.74 -15.01
CA TYR D 396 63.94 -53.22 -14.56
C TYR D 396 64.33 -54.49 -15.30
N THR D 397 65.65 -54.71 -15.36
CA THR D 397 66.25 -55.87 -16.00
C THR D 397 67.29 -56.47 -15.05
N ILE D 398 67.51 -57.78 -15.15
CA ILE D 398 68.48 -58.47 -14.31
C ILE D 398 69.71 -58.82 -15.12
N VAL D 399 70.87 -58.28 -14.73
CA VAL D 399 72.13 -58.59 -15.38
C VAL D 399 73.08 -59.17 -14.34
N THR D 400 74.14 -59.80 -14.81
CA THR D 400 75.18 -60.37 -13.95
C THR D 400 76.19 -59.32 -13.52
N GLU D 401 76.98 -59.65 -12.50
CA GLU D 401 77.95 -58.73 -11.92
C GLU D 401 79.37 -59.30 -11.93
N ALA D 402 79.53 -60.59 -11.67
CA ALA D 402 80.83 -61.22 -11.59
C ALA D 402 80.70 -62.62 -12.18
N PRO D 403 81.74 -63.45 -12.21
CA PRO D 403 81.51 -64.84 -12.63
C PRO D 403 80.62 -65.56 -11.64
N LEU D 404 79.86 -66.50 -12.15
CA LEU D 404 78.80 -67.13 -11.37
C LEU D 404 79.37 -67.98 -10.24
N ASP D 405 78.57 -68.11 -9.18
CA ASP D 405 79.00 -68.87 -8.01
C ASP D 405 78.86 -70.37 -8.25
N ARG D 406 77.75 -70.79 -8.86
CA ARG D 406 77.45 -72.19 -9.10
C ARG D 406 77.35 -72.44 -10.60
N GLU D 407 77.51 -73.70 -11.00
CA GLU D 407 77.61 -74.04 -12.40
C GLU D 407 76.78 -75.28 -12.72
N ALA D 408 76.55 -75.47 -14.02
CA ALA D 408 75.86 -76.65 -14.57
C ALA D 408 74.46 -76.78 -13.97
N GLY D 409 74.10 -77.92 -13.38
CA GLY D 409 72.71 -78.21 -13.10
C GLY D 409 72.01 -77.25 -12.15
N ASP D 410 72.76 -76.66 -11.21
CA ASP D 410 72.17 -75.93 -10.11
C ASP D 410 71.20 -74.86 -10.59
N SER D 411 70.13 -74.68 -9.81
CA SER D 411 69.11 -73.69 -10.07
C SER D 411 69.32 -72.48 -9.18
N TYR D 412 68.54 -71.44 -9.45
CA TYR D 412 68.68 -70.19 -8.73
C TYR D 412 67.32 -69.55 -8.58
N THR D 413 67.05 -69.03 -7.39
CA THR D 413 65.75 -68.47 -7.06
C THR D 413 65.97 -67.02 -6.66
N LEU D 414 65.64 -66.12 -7.58
CA LEU D 414 65.84 -64.69 -7.39
C LEU D 414 64.51 -64.11 -6.93
N THR D 415 64.53 -63.40 -5.80
CA THR D 415 63.34 -62.74 -5.29
C THR D 415 63.59 -61.25 -5.22
N VAL D 416 62.70 -60.48 -5.80
CA VAL D 416 62.78 -59.03 -5.78
C VAL D 416 61.67 -58.51 -4.88
N VAL D 417 62.00 -57.46 -4.13
CA VAL D 417 61.08 -56.83 -3.19
C VAL D 417 60.87 -55.39 -3.65
N ALA D 418 59.62 -55.03 -3.89
CA ALA D 418 59.22 -53.69 -4.29
C ALA D 418 58.56 -53.00 -3.11
N ARG D 419 59.05 -51.81 -2.78
CA ARG D 419 58.69 -51.11 -1.55
C ARG D 419 58.32 -49.67 -1.88
N ASP D 420 57.14 -49.23 -1.44
CA ASP D 420 56.73 -47.85 -1.68
C ASP D 420 57.22 -46.96 -0.55
N ARG D 421 57.00 -45.66 -0.69
CA ARG D 421 57.57 -44.64 0.20
C ARG D 421 56.49 -43.94 1.03
N GLY D 422 55.56 -44.70 1.58
CA GLY D 422 54.57 -44.17 2.48
C GLY D 422 54.92 -44.44 3.94
N GLU D 423 54.05 -43.95 4.82
CA GLU D 423 54.23 -44.17 6.26
C GLU D 423 52.90 -44.62 6.91
N PRO D 424 52.79 -45.91 7.26
CA PRO D 424 53.78 -46.99 7.06
C PRO D 424 53.94 -47.39 5.60
N ALA D 425 55.14 -47.87 5.27
CA ALA D 425 55.42 -48.33 3.91
C ALA D 425 54.79 -49.69 3.65
N LEU D 426 54.63 -50.02 2.38
CA LEU D 426 54.11 -51.31 1.95
C LEU D 426 55.08 -51.92 0.93
N SER D 427 55.18 -53.25 0.97
CA SER D 427 56.13 -53.95 0.12
C SER D 427 55.54 -55.27 -0.36
N THR D 428 56.10 -55.75 -1.47
CA THR D 428 55.67 -56.96 -2.13
C THR D 428 56.91 -57.69 -2.62
N SER D 429 56.78 -59.00 -2.84
CA SER D 429 57.90 -59.81 -3.30
C SER D 429 57.45 -60.69 -4.48
N LYS D 430 58.44 -61.07 -5.30
CA LYS D 430 58.18 -62.04 -6.36
C LYS D 430 59.48 -62.73 -6.75
N SER D 431 59.40 -64.03 -7.01
CA SER D 431 60.57 -64.84 -7.28
C SER D 431 60.50 -65.47 -8.67
N ILE D 432 61.68 -65.81 -9.21
CA ILE D 432 61.82 -66.49 -10.48
C ILE D 432 62.95 -67.50 -10.36
N GLN D 433 62.83 -68.59 -11.12
CA GLN D 433 63.84 -69.64 -11.14
C GLN D 433 64.63 -69.60 -12.45
N VAL D 434 65.96 -69.53 -12.32
CA VAL D 434 66.88 -69.49 -13.45
C VAL D 434 67.95 -70.55 -13.21
N GLN D 435 68.13 -71.43 -14.18
CA GLN D 435 69.06 -72.55 -14.06
C GLN D 435 70.18 -72.40 -15.08
N VAL D 436 71.34 -72.95 -14.75
CA VAL D 436 72.52 -72.85 -15.60
C VAL D 436 72.46 -73.92 -16.68
N SER D 437 72.74 -73.52 -17.92
CA SER D 437 72.79 -74.43 -19.05
C SER D 437 74.20 -74.96 -19.21
N ASP D 438 74.36 -75.92 -20.12
CA ASP D 438 75.68 -76.45 -20.42
C ASP D 438 76.16 -75.91 -21.77
N GLN E 2 122.96 -58.41 -38.05
CA GLN E 2 122.27 -58.45 -36.78
C GLN E 2 120.97 -59.23 -36.94
N LEU E 3 120.67 -60.11 -35.98
CA LEU E 3 119.55 -61.03 -36.12
C LEU E 3 118.31 -60.47 -35.45
N HIS E 4 117.15 -60.81 -36.02
CA HIS E 4 115.86 -60.32 -35.54
C HIS E 4 114.94 -61.49 -35.24
N TYR E 5 114.42 -61.54 -34.02
CA TYR E 5 113.43 -62.53 -33.62
C TYR E 5 112.27 -61.82 -32.94
N THR E 6 111.17 -62.55 -32.81
CA THR E 6 110.00 -62.08 -32.06
C THR E 6 109.53 -63.19 -31.13
N VAL E 7 108.93 -62.76 -30.01
CA VAL E 7 108.42 -63.67 -28.99
C VAL E 7 107.26 -62.98 -28.28
N GLN E 8 106.17 -63.72 -28.08
CA GLN E 8 105.07 -63.21 -27.28
C GLN E 8 105.46 -63.12 -25.81
N GLU E 9 104.94 -62.11 -25.13
CA GLU E 9 105.06 -62.11 -23.67
C GLU E 9 104.24 -63.25 -23.09
N GLU E 10 104.61 -63.67 -21.89
CA GLU E 10 103.90 -64.72 -21.16
C GLU E 10 104.07 -66.08 -21.82
N GLN E 11 105.17 -66.30 -22.53
CA GLN E 11 105.51 -67.62 -23.03
C GLN E 11 106.19 -68.43 -21.93
N GLU E 12 105.84 -69.71 -21.83
CA GLU E 12 106.36 -70.55 -20.75
C GLU E 12 107.82 -70.93 -21.01
N HIS E 13 108.47 -71.36 -19.94
CA HIS E 13 109.87 -71.81 -20.01
C HIS E 13 110.05 -72.80 -21.15
N GLY E 14 111.17 -72.67 -21.85
CA GLY E 14 111.51 -73.59 -22.92
C GLY E 14 110.93 -73.27 -24.27
N THR E 15 110.27 -72.12 -24.43
CA THR E 15 109.71 -71.74 -25.71
C THR E 15 110.80 -71.33 -26.69
N PHE E 16 110.64 -71.77 -27.94
CA PHE E 16 111.61 -71.45 -29.00
C PHE E 16 111.52 -69.98 -29.36
N VAL E 17 112.67 -69.29 -29.40
CA VAL E 17 112.76 -67.90 -29.81
C VAL E 17 113.42 -67.76 -31.16
N GLY E 18 114.55 -68.45 -31.37
CA GLY E 18 115.22 -68.35 -32.66
C GLY E 18 116.47 -69.20 -32.74
N ASN E 19 116.86 -69.64 -33.93
CA ASN E 19 118.04 -70.49 -34.09
C ASN E 19 119.20 -69.64 -34.59
N ILE E 20 120.07 -69.24 -33.66
CA ILE E 20 121.19 -68.36 -34.00
C ILE E 20 122.19 -69.07 -34.90
N ALA E 21 122.51 -70.33 -34.59
CA ALA E 21 123.44 -71.11 -35.41
C ALA E 21 122.99 -71.14 -36.87
N GLU E 22 121.75 -71.54 -37.11
CA GLU E 22 121.25 -71.64 -38.47
C GLU E 22 121.31 -70.29 -39.17
N ASP E 23 120.74 -69.26 -38.56
CA ASP E 23 120.67 -67.95 -39.21
C ASP E 23 122.04 -67.31 -39.41
N LEU E 24 123.09 -67.81 -38.75
CA LEU E 24 124.44 -67.26 -38.94
C LEU E 24 125.33 -68.12 -39.82
N GLY E 25 124.86 -69.29 -40.25
CA GLY E 25 125.68 -70.15 -41.08
C GLY E 25 126.73 -70.92 -40.32
N LEU E 26 126.57 -71.09 -39.01
CA LEU E 26 127.52 -71.84 -38.19
C LEU E 26 127.06 -73.28 -38.06
N ASP E 27 127.95 -74.22 -38.41
CA ASP E 27 127.66 -75.63 -38.21
C ASP E 27 127.84 -76.00 -36.73
N ILE E 28 126.94 -76.84 -36.24
CA ILE E 28 126.91 -77.17 -34.81
C ILE E 28 128.14 -77.96 -34.36
N THR E 29 128.82 -78.65 -35.27
CA THR E 29 129.96 -79.47 -34.85
C THR E 29 131.14 -78.61 -34.41
N LYS E 30 131.25 -77.39 -34.95
CA LYS E 30 132.38 -76.52 -34.64
C LYS E 30 132.07 -75.49 -33.55
N LEU E 31 130.83 -75.43 -33.07
CA LEU E 31 130.49 -74.41 -32.07
C LEU E 31 131.33 -74.57 -30.82
N SER E 32 131.50 -75.82 -30.35
CA SER E 32 132.27 -76.05 -29.14
C SER E 32 133.71 -75.56 -29.30
N ALA E 33 134.31 -75.84 -30.45
CA ALA E 33 135.67 -75.38 -30.70
C ALA E 33 135.75 -73.86 -30.70
N ARG E 34 134.80 -73.21 -31.39
CA ARG E 34 134.85 -71.77 -31.62
C ARG E 34 134.52 -70.94 -30.38
N GLY E 35 134.18 -71.54 -29.25
CA GLY E 35 133.88 -70.76 -28.05
C GLY E 35 132.57 -69.99 -28.11
N PHE E 36 131.58 -70.51 -28.82
CA PHE E 36 130.25 -69.90 -28.87
C PHE E 36 129.75 -69.61 -27.46
N GLN E 37 129.56 -68.33 -27.16
CA GLN E 37 129.18 -67.90 -25.82
C GLN E 37 128.38 -66.61 -25.89
N THR E 38 127.64 -66.34 -24.82
CA THR E 38 126.92 -65.08 -24.69
C THR E 38 127.86 -64.03 -24.12
N VAL E 39 127.79 -62.81 -24.68
CA VAL E 39 128.64 -61.74 -24.16
C VAL E 39 128.26 -61.45 -22.71
N PRO E 40 129.21 -61.31 -21.79
CA PRO E 40 128.84 -61.10 -20.37
C PRO E 40 127.85 -59.96 -20.14
N ASN E 41 127.95 -58.86 -20.88
CA ASN E 41 127.11 -57.70 -20.59
C ASN E 41 125.65 -57.95 -20.91
N SER E 42 125.37 -58.78 -21.92
CA SER E 42 124.02 -58.91 -22.46
C SER E 42 123.26 -60.12 -21.93
N ARG E 43 123.80 -60.83 -20.93
CA ARG E 43 123.02 -61.90 -20.31
C ARG E 43 121.69 -61.34 -19.80
N THR E 44 120.63 -62.12 -20.00
CA THR E 44 119.30 -61.72 -19.58
C THR E 44 118.57 -62.94 -19.05
N PRO E 45 117.88 -62.83 -17.91
CA PRO E 45 117.14 -63.98 -17.38
C PRO E 45 115.95 -64.40 -18.24
N TYR E 46 115.68 -63.69 -19.33
CA TYR E 46 114.54 -63.99 -20.19
C TYR E 46 114.90 -64.91 -21.35
N LEU E 47 116.19 -65.16 -21.59
CA LEU E 47 116.63 -65.92 -22.75
C LEU E 47 117.76 -66.87 -22.36
N ASP E 48 117.63 -68.13 -22.78
CA ASP E 48 118.65 -69.15 -22.63
C ASP E 48 119.21 -69.49 -24.01
N LEU E 49 120.54 -69.49 -24.14
CA LEU E 49 121.20 -69.81 -25.40
C LEU E 49 121.89 -71.16 -25.27
N ASN E 50 121.34 -72.17 -25.95
CA ASN E 50 121.95 -73.50 -26.00
C ASN E 50 123.19 -73.45 -26.87
N LEU E 51 124.36 -73.60 -26.24
CA LEU E 51 125.62 -73.35 -26.93
C LEU E 51 126.00 -74.48 -27.90
N GLU E 52 125.58 -75.71 -27.65
CA GLU E 52 125.92 -76.81 -28.54
C GLU E 52 125.00 -76.92 -29.74
N THR E 53 123.82 -76.29 -29.69
CA THR E 53 122.92 -76.23 -30.84
C THR E 53 122.77 -74.82 -31.40
N GLY E 54 123.08 -73.79 -30.61
CA GLY E 54 122.92 -72.43 -31.07
C GLY E 54 121.50 -71.90 -31.05
N VAL E 55 120.61 -72.49 -30.27
CA VAL E 55 119.20 -72.12 -30.27
C VAL E 55 118.89 -71.27 -29.05
N LEU E 56 118.13 -70.19 -29.29
CA LEU E 56 117.67 -69.26 -28.26
C LEU E 56 116.24 -69.61 -27.87
N TYR E 57 116.04 -69.90 -26.58
CA TYR E 57 114.74 -70.22 -26.00
C TYR E 57 114.37 -69.21 -24.93
N VAL E 58 113.07 -69.05 -24.69
CA VAL E 58 112.62 -68.31 -23.51
C VAL E 58 113.01 -69.09 -22.26
N ASN E 59 113.51 -68.38 -21.26
CA ASN E 59 113.84 -69.00 -19.98
C ASN E 59 112.79 -68.64 -18.94
N GLU E 60 112.95 -67.48 -18.32
CA GLU E 60 111.98 -66.97 -17.36
C GLU E 60 110.92 -66.16 -18.09
N LYS E 61 109.67 -66.36 -17.71
CA LYS E 61 108.55 -65.80 -18.46
C LYS E 61 108.65 -64.28 -18.51
N ILE E 62 108.40 -63.72 -19.70
CA ILE E 62 108.52 -62.29 -19.93
C ILE E 62 107.18 -61.64 -19.64
N ASP E 63 107.16 -60.71 -18.69
CA ASP E 63 106.00 -59.85 -18.48
C ASP E 63 106.35 -58.51 -19.08
N ARG E 64 105.86 -58.25 -20.29
CA ARG E 64 106.22 -57.02 -21.00
C ARG E 64 105.84 -55.80 -20.17
N GLU E 65 104.74 -55.88 -19.43
CA GLU E 65 104.30 -54.78 -18.59
C GLU E 65 105.33 -54.41 -17.55
N GLN E 66 106.16 -55.37 -17.14
CA GLN E 66 107.14 -55.14 -16.09
C GLN E 66 108.44 -54.56 -16.64
N ILE E 67 108.94 -55.13 -17.74
CA ILE E 67 110.23 -54.72 -18.28
C ILE E 67 110.11 -53.41 -19.05
N CYS E 68 109.01 -53.22 -19.78
CA CYS E 68 108.88 -52.09 -20.70
C CYS E 68 107.76 -51.13 -20.37
N LYS E 69 107.00 -51.38 -19.30
CA LYS E 69 105.93 -50.46 -18.90
C LYS E 69 105.04 -50.15 -20.11
N GLN E 70 104.93 -48.88 -20.50
CA GLN E 70 104.04 -48.50 -21.60
C GLN E 70 104.80 -48.10 -22.86
N SER E 71 106.07 -48.48 -22.98
CA SER E 71 106.80 -48.25 -24.21
C SER E 71 106.08 -48.91 -25.38
N PRO E 72 105.90 -48.22 -26.51
CA PRO E 72 105.31 -48.90 -27.68
C PRO E 72 106.21 -49.97 -28.26
N SER E 73 107.50 -49.96 -27.93
CA SER E 73 108.46 -50.94 -28.41
C SER E 73 109.17 -51.58 -27.22
N CYS E 74 109.42 -52.88 -27.32
CA CYS E 74 110.06 -53.65 -26.25
C CYS E 74 111.01 -54.64 -26.90
N VAL E 75 112.31 -54.46 -26.65
CA VAL E 75 113.33 -55.24 -27.34
C VAL E 75 114.38 -55.70 -26.32
N LEU E 76 114.55 -57.01 -26.20
CA LEU E 76 115.64 -57.59 -25.44
C LEU E 76 116.87 -57.70 -26.33
N HIS E 77 118.01 -57.24 -25.82
CA HIS E 77 119.26 -57.21 -26.57
C HIS E 77 120.18 -58.29 -26.02
N LEU E 78 120.45 -59.31 -26.84
CA LEU E 78 121.37 -60.38 -26.50
C LEU E 78 122.55 -60.31 -27.44
N GLU E 79 123.74 -60.59 -26.94
CA GLU E 79 124.96 -60.61 -27.74
C GLU E 79 125.62 -61.97 -27.63
N VAL E 80 126.06 -62.50 -28.76
CA VAL E 80 126.84 -63.73 -28.77
C VAL E 80 128.14 -63.45 -29.50
N PHE E 81 129.14 -64.28 -29.24
CA PHE E 81 130.42 -64.08 -29.90
C PHE E 81 131.09 -65.44 -30.07
N LEU E 82 131.94 -65.51 -31.09
CA LEU E 82 132.81 -66.66 -31.33
C LEU E 82 134.25 -66.19 -31.34
N GLU E 83 135.15 -67.13 -31.16
CA GLU E 83 136.57 -66.84 -31.03
C GLU E 83 137.36 -67.53 -32.14
N ASN E 84 138.53 -66.99 -32.44
CA ASN E 84 139.46 -67.59 -33.41
C ASN E 84 138.82 -67.92 -34.75
N PRO E 85 138.48 -66.90 -35.55
CA PRO E 85 138.71 -65.48 -35.23
C PRO E 85 137.57 -64.91 -34.39
N LEU E 86 137.87 -63.79 -33.73
CA LEU E 86 136.90 -63.13 -32.87
C LEU E 86 135.80 -62.48 -33.71
N GLU E 87 134.56 -62.88 -33.50
CA GLU E 87 133.41 -62.33 -34.21
C GLU E 87 132.26 -62.11 -33.25
N LEU E 88 131.68 -60.91 -33.24
CA LEU E 88 130.57 -60.58 -32.37
C LEU E 88 129.30 -60.40 -33.20
N PHE E 89 128.19 -60.96 -32.69
CA PHE E 89 126.90 -60.90 -33.35
C PHE E 89 125.84 -60.44 -32.37
N GLN E 90 124.96 -59.55 -32.83
CA GLN E 90 123.87 -59.01 -32.03
C GLN E 90 122.56 -59.69 -32.41
N VAL E 91 121.73 -59.94 -31.40
CA VAL E 91 120.45 -60.62 -31.54
C VAL E 91 119.40 -59.79 -30.82
N GLU E 92 118.42 -59.27 -31.57
CA GLU E 92 117.31 -58.53 -31.01
C GLU E 92 116.09 -59.44 -30.92
N ILE E 93 115.50 -59.53 -29.72
CA ILE E 93 114.31 -60.33 -29.49
C ILE E 93 113.19 -59.37 -29.12
N GLU E 94 112.21 -59.23 -30.01
CA GLU E 94 111.10 -58.30 -29.78
C GLU E 94 110.03 -58.99 -28.95
N VAL E 95 109.62 -58.36 -27.85
CA VAL E 95 108.55 -58.89 -27.01
C VAL E 95 107.26 -58.25 -27.48
N LEU E 96 106.32 -59.08 -27.93
CA LEU E 96 105.04 -58.59 -28.42
C LEU E 96 104.02 -58.59 -27.30
N ASP E 97 103.20 -57.54 -27.26
CA ASP E 97 102.20 -57.40 -26.22
C ASP E 97 100.96 -58.21 -26.55
N ILE E 98 100.43 -58.88 -25.54
CA ILE E 98 99.11 -59.51 -25.63
C ILE E 98 98.15 -58.72 -24.75
N ASN E 99 96.86 -58.96 -24.94
CA ASN E 99 95.82 -58.24 -24.21
C ASN E 99 95.42 -59.06 -22.98
N ASP E 100 96.34 -59.09 -22.01
CA ASP E 100 96.13 -59.79 -20.75
C ASP E 100 95.83 -58.83 -19.59
N ASN E 101 95.41 -57.60 -19.89
CA ASN E 101 95.05 -56.64 -18.85
C ASN E 101 93.85 -55.81 -19.29
N PRO E 102 92.90 -55.57 -18.39
CA PRO E 102 91.78 -54.70 -18.74
C PRO E 102 92.09 -53.25 -18.39
N PRO E 103 91.38 -52.29 -18.97
CA PRO E 103 91.46 -50.92 -18.45
C PRO E 103 90.95 -50.88 -17.01
N SER E 104 91.54 -49.99 -16.22
CA SER E 104 91.20 -49.88 -14.81
C SER E 104 91.19 -48.43 -14.38
N PHE E 105 90.25 -48.08 -13.47
CA PHE E 105 90.14 -46.73 -12.95
C PHE E 105 90.85 -46.63 -11.60
N PRO E 106 91.49 -45.50 -11.28
CA PRO E 106 92.17 -45.42 -9.97
C PRO E 106 91.21 -45.44 -8.80
N GLU E 107 90.04 -44.83 -8.94
CA GLU E 107 89.01 -44.89 -7.93
C GLU E 107 87.73 -45.48 -8.53
N PRO E 108 87.11 -46.47 -7.88
CA PRO E 108 85.90 -47.07 -8.48
C PRO E 108 84.69 -46.16 -8.47
N ASP E 109 84.48 -45.40 -7.40
CA ASP E 109 83.33 -44.51 -7.29
C ASP E 109 83.83 -43.08 -7.42
N LEU E 110 83.27 -42.36 -8.39
CA LEU E 110 83.66 -40.98 -8.65
C LEU E 110 82.52 -40.05 -8.27
N THR E 111 82.88 -38.92 -7.65
CA THR E 111 81.94 -37.89 -7.26
C THR E 111 82.37 -36.57 -7.88
N VAL E 112 81.41 -35.87 -8.49
CA VAL E 112 81.65 -34.58 -9.12
C VAL E 112 80.54 -33.63 -8.70
N GLU E 113 80.92 -32.40 -8.35
CA GLU E 113 79.97 -31.38 -7.92
C GLU E 113 79.74 -30.42 -9.09
N ILE E 114 78.48 -30.20 -9.43
CA ILE E 114 78.11 -29.37 -10.57
C ILE E 114 76.98 -28.43 -10.17
N SER E 115 77.19 -27.13 -10.38
CA SER E 115 76.14 -26.15 -10.16
C SER E 115 74.99 -26.37 -11.14
N GLU E 116 73.76 -26.31 -10.62
CA GLU E 116 72.59 -26.47 -11.47
C GLU E 116 72.49 -25.35 -12.51
N SER E 117 73.25 -24.27 -12.35
CA SER E 117 73.30 -23.18 -13.32
C SER E 117 74.43 -23.35 -14.34
N ALA E 118 75.01 -24.54 -14.43
CA ALA E 118 76.03 -24.81 -15.44
C ALA E 118 75.43 -24.75 -16.84
N THR E 119 76.19 -24.21 -17.79
CA THR E 119 75.68 -24.03 -19.14
C THR E 119 75.82 -25.33 -19.92
N PRO E 120 74.78 -25.77 -20.65
CA PRO E 120 74.94 -26.89 -21.56
C PRO E 120 76.09 -26.67 -22.53
N GLY E 121 76.85 -27.74 -22.78
CA GLY E 121 78.04 -27.67 -23.59
C GLY E 121 79.33 -27.57 -22.80
N THR E 122 79.27 -27.07 -21.58
CA THR E 122 80.45 -27.00 -20.74
C THR E 122 80.92 -28.41 -20.41
N ARG E 123 82.24 -28.55 -20.25
CA ARG E 123 82.86 -29.86 -20.09
C ARG E 123 83.56 -29.94 -18.75
N PHE E 124 83.52 -31.12 -18.14
CA PHE E 124 84.19 -31.38 -16.87
C PHE E 124 85.22 -32.48 -17.07
N PRO E 125 86.50 -32.21 -16.76
CA PRO E 125 87.53 -33.24 -16.99
C PRO E 125 87.36 -34.39 -16.02
N LEU E 126 87.63 -35.59 -16.52
CA LEU E 126 87.62 -36.78 -15.70
C LEU E 126 88.99 -37.44 -15.84
N GLU E 127 89.51 -37.98 -14.74
CA GLU E 127 90.76 -38.70 -14.83
C GLU E 127 90.61 -39.94 -15.69
N SER E 128 91.50 -40.06 -16.67
CA SER E 128 91.42 -41.14 -17.64
C SER E 128 91.69 -42.48 -16.97
N ALA E 129 91.14 -43.54 -17.57
CA ALA E 129 91.43 -44.89 -17.15
C ALA E 129 92.77 -45.32 -17.74
N PHE E 130 93.37 -46.34 -17.14
CA PHE E 130 94.69 -46.80 -17.56
C PHE E 130 94.64 -48.27 -17.92
N ASP E 131 95.23 -48.61 -19.06
CA ASP E 131 95.37 -49.98 -19.52
C ASP E 131 96.85 -50.25 -19.73
N PRO E 132 97.47 -51.16 -18.98
CA PRO E 132 98.94 -51.31 -19.08
C PRO E 132 99.42 -51.90 -20.40
N ASP E 133 98.54 -52.52 -21.18
CA ASP E 133 98.93 -53.00 -22.49
C ASP E 133 99.29 -51.83 -23.41
N VAL E 134 99.86 -52.15 -24.56
CA VAL E 134 100.35 -51.16 -25.51
C VAL E 134 99.64 -51.33 -26.85
N GLY E 135 99.80 -50.32 -27.71
CA GLY E 135 99.25 -50.36 -29.05
C GLY E 135 97.76 -50.59 -29.03
N THR E 136 97.29 -51.43 -29.96
CA THR E 136 95.86 -51.68 -30.09
C THR E 136 95.26 -52.28 -28.84
N ASN E 137 96.07 -52.92 -27.99
CA ASN E 137 95.58 -53.54 -26.77
C ASN E 137 95.45 -52.57 -25.61
N SER E 138 95.85 -51.32 -25.79
CA SER E 138 95.76 -50.32 -24.72
C SER E 138 94.39 -49.66 -24.74
N LEU E 139 94.22 -48.64 -23.90
CA LEU E 139 92.92 -48.00 -23.76
C LEU E 139 92.46 -47.45 -25.10
N ARG E 140 91.17 -47.67 -25.41
CA ARG E 140 90.62 -47.32 -26.71
C ARG E 140 89.50 -46.30 -26.62
N ASP E 141 88.51 -46.49 -25.76
CA ASP E 141 87.39 -45.55 -25.74
C ASP E 141 86.63 -45.67 -24.43
N TYR E 142 85.84 -44.63 -24.13
CA TYR E 142 85.00 -44.57 -22.95
C TYR E 142 83.53 -44.55 -23.35
N GLU E 143 82.66 -45.02 -22.43
CA GLU E 143 81.22 -44.96 -22.61
C GLU E 143 80.54 -44.71 -21.28
N ILE E 144 79.36 -44.07 -21.35
CA ILE E 144 78.54 -43.76 -20.18
C ILE E 144 77.14 -44.30 -20.42
N THR E 145 76.46 -44.65 -19.32
CA THR E 145 75.05 -45.01 -19.36
C THR E 145 74.28 -44.04 -20.25
N PRO E 146 73.49 -44.52 -21.21
CA PRO E 146 72.67 -43.59 -21.99
C PRO E 146 71.79 -42.74 -21.10
N ASN E 147 71.79 -41.43 -21.36
CA ASN E 147 71.01 -40.49 -20.57
C ASN E 147 70.81 -39.22 -21.38
N SER E 148 69.94 -38.36 -20.87
CA SER E 148 69.58 -37.12 -21.55
C SER E 148 70.41 -35.93 -21.11
N TYR E 149 71.18 -36.05 -20.02
CA TYR E 149 71.85 -34.92 -19.41
C TYR E 149 73.32 -34.81 -19.75
N PHE E 150 74.02 -35.93 -19.94
CA PHE E 150 75.45 -35.91 -20.13
C PHE E 150 75.83 -36.81 -21.30
N SER E 151 76.78 -36.32 -22.10
CA SER E 151 77.45 -37.14 -23.10
C SER E 151 78.94 -37.19 -22.77
N LEU E 152 79.68 -37.98 -23.55
CA LEU E 152 81.11 -38.18 -23.32
C LEU E 152 81.89 -37.55 -24.46
N ASP E 153 83.01 -36.91 -24.12
CA ASP E 153 83.90 -36.34 -25.11
C ASP E 153 85.28 -36.95 -24.93
N VAL E 154 85.79 -37.56 -26.00
CA VAL E 154 87.07 -38.23 -26.01
C VAL E 154 88.04 -37.48 -26.92
N GLN E 155 89.31 -37.41 -26.51
CA GLN E 155 90.35 -36.82 -27.32
C GLN E 155 91.64 -37.60 -27.14
N THR E 156 92.54 -37.42 -28.11
CA THR E 156 93.81 -38.11 -28.18
C THR E 156 94.93 -37.09 -28.26
N GLN E 157 95.99 -37.29 -27.47
CA GLN E 157 97.15 -36.40 -27.44
C GLN E 157 98.40 -37.12 -27.95
N GLY E 158 98.24 -38.25 -28.62
CA GLY E 158 99.37 -39.05 -29.05
C GLY E 158 99.98 -39.80 -27.88
N ASP E 159 100.95 -40.65 -28.22
CA ASP E 159 101.68 -41.42 -27.22
C ASP E 159 100.72 -42.26 -26.37
N GLY E 160 99.67 -42.78 -27.00
CA GLY E 160 98.78 -43.70 -26.31
C GLY E 160 98.03 -43.08 -25.15
N ASN E 161 97.68 -41.80 -25.26
CA ASN E 161 97.02 -41.06 -24.19
C ASN E 161 95.66 -40.62 -24.66
N ARG E 162 94.66 -40.73 -23.78
CA ARG E 162 93.28 -40.41 -24.11
C ARG E 162 92.64 -39.70 -22.94
N PHE E 163 91.87 -38.67 -23.25
CA PHE E 163 91.25 -37.85 -22.21
C PHE E 163 89.75 -37.82 -22.47
N ALA E 164 88.97 -38.04 -21.41
CA ALA E 164 87.52 -38.06 -21.47
C ALA E 164 86.95 -37.02 -20.53
N GLU E 165 85.87 -36.36 -20.94
CA GLU E 165 85.22 -35.40 -20.07
C GLU E 165 83.72 -35.45 -20.28
N LEU E 166 82.98 -35.17 -19.21
CA LEU E 166 81.53 -35.07 -19.35
C LEU E 166 81.16 -33.78 -20.06
N VAL E 167 80.19 -33.88 -20.96
CA VAL E 167 79.65 -32.73 -21.66
C VAL E 167 78.20 -32.59 -21.25
N LEU E 168 77.86 -31.47 -20.61
CA LEU E 168 76.49 -31.21 -20.22
C LEU E 168 75.64 -30.97 -21.46
N GLU E 169 74.59 -31.77 -21.63
CA GLU E 169 73.76 -31.70 -22.82
C GLU E 169 72.48 -30.90 -22.60
N LYS E 170 72.03 -30.74 -21.35
CA LYS E 170 70.81 -30.00 -21.07
C LYS E 170 70.89 -29.49 -19.64
N PRO E 171 70.25 -28.37 -19.32
CA PRO E 171 70.42 -27.78 -17.99
C PRO E 171 70.00 -28.73 -16.87
N LEU E 172 70.70 -28.63 -15.75
CA LEU E 172 70.32 -29.36 -14.56
C LEU E 172 69.41 -28.51 -13.69
N ASP E 173 68.62 -29.18 -12.85
CA ASP E 173 67.70 -28.52 -11.94
C ASP E 173 67.72 -29.33 -10.64
N ARG E 174 68.43 -28.81 -9.64
CA ARG E 174 68.56 -29.52 -8.37
C ARG E 174 67.20 -29.73 -7.72
N GLU E 175 66.29 -28.76 -7.86
CA GLU E 175 64.99 -28.88 -7.21
C GLU E 175 64.18 -30.05 -7.74
N GLN E 176 64.52 -30.56 -8.92
CA GLN E 176 63.88 -31.75 -9.47
C GLN E 176 64.69 -33.02 -9.25
N GLN E 177 66.02 -32.93 -9.24
CA GLN E 177 66.87 -34.10 -9.04
C GLN E 177 68.24 -33.60 -8.60
N ALA E 178 68.62 -33.93 -7.37
CA ALA E 178 69.86 -33.41 -6.80
C ALA E 178 71.06 -34.32 -7.06
N VAL E 179 70.83 -35.57 -7.46
CA VAL E 179 71.91 -36.52 -7.69
C VAL E 179 71.55 -37.37 -8.91
N HIS E 180 72.50 -37.52 -9.82
CA HIS E 180 72.38 -38.45 -10.94
C HIS E 180 73.41 -39.56 -10.76
N ARG E 181 73.01 -40.80 -11.06
CA ARG E 181 73.91 -41.94 -10.98
C ARG E 181 73.98 -42.62 -12.33
N TYR E 182 75.20 -42.81 -12.83
CA TYR E 182 75.42 -43.47 -14.11
C TYR E 182 76.59 -44.42 -13.96
N VAL E 183 76.72 -45.32 -14.92
CA VAL E 183 77.82 -46.28 -14.98
C VAL E 183 78.80 -45.83 -16.05
N LEU E 184 80.08 -45.87 -15.72
CA LEU E 184 81.16 -45.47 -16.61
C LEU E 184 82.00 -46.69 -16.96
N THR E 185 82.26 -46.87 -18.25
CA THR E 185 83.03 -48.01 -18.73
C THR E 185 84.13 -47.54 -19.67
N ALA E 186 85.23 -48.30 -19.68
CA ALA E 186 86.37 -48.02 -20.53
C ALA E 186 86.82 -49.31 -21.19
N VAL E 187 87.03 -49.28 -22.51
CA VAL E 187 87.39 -50.47 -23.26
C VAL E 187 88.68 -50.24 -24.02
N ASP E 188 89.47 -51.31 -24.14
CA ASP E 188 90.67 -51.34 -24.97
C ASP E 188 90.31 -51.84 -26.38
N GLY E 189 91.32 -52.15 -27.18
CA GLY E 189 91.09 -52.46 -28.58
C GLY E 189 91.54 -53.85 -29.01
N GLY E 190 91.20 -54.87 -28.25
CA GLY E 190 91.45 -56.24 -28.67
C GLY E 190 90.28 -56.83 -29.43
N GLY E 191 90.15 -56.47 -30.70
CA GLY E 191 89.03 -56.91 -31.51
C GLY E 191 89.43 -57.34 -32.90
N PRO E 208 97.49 -65.21 -31.73
CA PRO E 208 96.11 -65.69 -31.72
C PRO E 208 95.11 -64.56 -31.44
N PRO E 209 93.83 -64.78 -31.76
CA PRO E 209 92.83 -63.71 -31.62
C PRO E 209 92.75 -63.16 -30.21
N GLN E 210 92.74 -61.83 -30.10
CA GLN E 210 92.60 -61.13 -28.83
C GLN E 210 91.16 -60.70 -28.62
N GLN E 211 90.72 -60.77 -27.37
CA GLN E 211 89.38 -60.33 -26.98
C GLN E 211 89.46 -58.99 -26.26
N GLN E 212 88.37 -58.22 -26.36
CA GLN E 212 88.29 -56.89 -25.76
C GLN E 212 87.99 -56.99 -24.27
N ARG E 213 88.73 -56.24 -23.46
CA ARG E 213 88.54 -56.21 -22.02
C ARG E 213 88.01 -54.83 -21.61
N THR E 214 87.35 -54.81 -20.45
CA THR E 214 86.61 -53.62 -20.02
C THR E 214 86.80 -53.36 -18.53
N GLY E 215 86.88 -52.07 -18.18
CA GLY E 215 86.93 -51.62 -16.80
C GLY E 215 85.77 -50.70 -16.48
N THR E 216 85.41 -50.57 -15.22
CA THR E 216 84.17 -49.90 -14.83
C THR E 216 84.40 -49.02 -13.60
N ALA E 217 83.59 -47.96 -13.51
CA ALA E 217 83.57 -47.08 -12.35
C ALA E 217 82.19 -46.46 -12.25
N LEU E 218 81.68 -46.32 -11.02
CA LEU E 218 80.41 -45.65 -10.80
C LEU E 218 80.61 -44.14 -10.85
N LEU E 219 79.60 -43.45 -11.36
CA LEU E 219 79.66 -42.00 -11.55
C LEU E 219 78.48 -41.37 -10.82
N THR E 220 78.79 -40.48 -9.88
CA THR E 220 77.79 -39.75 -9.10
C THR E 220 77.92 -38.27 -9.42
N ILE E 221 76.83 -37.67 -9.87
CA ILE E 221 76.75 -36.24 -10.17
C ILE E 221 75.93 -35.60 -9.07
N ARG E 222 76.57 -34.77 -8.24
CA ARG E 222 75.88 -33.99 -7.24
C ARG E 222 75.62 -32.60 -7.82
N VAL E 223 74.35 -32.22 -7.89
CA VAL E 223 73.95 -30.95 -8.48
C VAL E 223 73.94 -29.89 -7.38
N LEU E 224 74.76 -28.87 -7.53
CA LEU E 224 74.87 -27.82 -6.53
C LEU E 224 73.79 -26.77 -6.76
N ASP E 225 73.20 -26.31 -5.65
CA ASP E 225 72.06 -25.41 -5.73
C ASP E 225 72.48 -24.02 -6.16
N SER E 226 71.58 -23.36 -6.90
CA SER E 226 71.69 -21.95 -7.19
C SER E 226 70.37 -21.29 -6.86
N ASN E 227 70.44 -20.02 -6.46
CA ASN E 227 69.26 -19.26 -6.04
C ASN E 227 68.47 -18.83 -7.28
N ASP E 228 67.80 -19.82 -7.88
CA ASP E 228 67.06 -19.62 -9.12
C ASP E 228 65.55 -19.72 -8.92
N ASN E 229 65.08 -19.75 -7.67
CA ASN E 229 63.65 -19.74 -7.37
C ASN E 229 63.32 -18.55 -6.49
N VAL E 230 62.23 -17.86 -6.85
CA VAL E 230 61.76 -16.70 -6.10
C VAL E 230 60.66 -17.15 -5.15
N PRO E 231 60.59 -16.63 -3.93
CA PRO E 231 59.45 -16.96 -3.06
C PRO E 231 58.14 -16.66 -3.79
N ALA E 232 57.13 -17.46 -3.51
CA ALA E 232 55.88 -17.42 -4.27
C ALA E 232 54.69 -17.43 -3.32
N PHE E 233 53.85 -16.42 -3.42
CA PHE E 233 52.56 -16.41 -2.75
C PHE E 233 51.54 -17.08 -3.66
N ASP E 234 50.66 -17.88 -3.07
CA ASP E 234 49.62 -18.53 -3.87
C ASP E 234 48.64 -17.51 -4.44
N GLN E 235 48.57 -16.31 -3.86
CA GLN E 235 47.73 -15.24 -4.37
C GLN E 235 48.48 -13.92 -4.41
N PRO E 236 48.09 -13.01 -5.31
CA PRO E 236 48.70 -11.67 -5.29
C PRO E 236 48.05 -10.75 -4.28
N VAL E 237 46.79 -11.02 -3.91
CA VAL E 237 46.06 -10.21 -2.95
C VAL E 237 45.28 -11.15 -2.05
N TYR E 238 45.32 -10.90 -0.75
CA TYR E 238 44.49 -11.63 0.22
C TYR E 238 43.53 -10.65 0.87
N THR E 239 42.28 -11.06 1.02
CA THR E 239 41.26 -10.23 1.65
C THR E 239 40.82 -10.87 2.95
N VAL E 240 40.84 -10.09 4.03
CA VAL E 240 40.49 -10.57 5.36
C VAL E 240 39.51 -9.60 5.99
N SER E 241 38.53 -10.15 6.71
CA SER E 241 37.53 -9.36 7.43
C SER E 241 37.64 -9.64 8.92
N LEU E 242 37.67 -8.59 9.72
CA LEU E 242 37.80 -8.69 11.17
C LEU E 242 36.87 -7.69 11.82
N PRO E 243 36.37 -7.99 13.02
CA PRO E 243 35.57 -6.99 13.76
C PRO E 243 36.46 -5.92 14.35
N GLU E 244 35.97 -4.67 14.28
CA GLU E 244 36.70 -3.59 14.92
C GLU E 244 36.92 -3.94 16.39
N ASN E 245 37.92 -3.33 17.02
CA ASN E 245 38.32 -3.64 18.38
C ASN E 245 38.82 -5.07 18.52
N SER E 246 39.08 -5.76 17.42
CA SER E 246 39.73 -7.06 17.51
C SER E 246 41.01 -6.91 18.32
N PRO E 247 41.23 -7.73 19.34
CA PRO E 247 42.33 -7.46 20.27
C PRO E 247 43.68 -7.62 19.60
N PRO E 248 44.66 -6.79 19.95
CA PRO E 248 46.01 -7.01 19.43
C PRO E 248 46.43 -8.46 19.65
N GLY E 249 47.25 -8.96 18.74
CA GLY E 249 47.58 -10.36 18.72
C GLY E 249 46.59 -11.23 17.97
N THR E 250 45.41 -10.70 17.65
CA THR E 250 44.47 -11.44 16.82
C THR E 250 45.10 -11.73 15.46
N LEU E 251 44.90 -12.94 14.97
CA LEU E 251 45.50 -13.32 13.70
C LEU E 251 44.80 -12.60 12.56
N VAL E 252 45.59 -11.89 11.74
CA VAL E 252 45.06 -11.29 10.52
C VAL E 252 45.15 -12.33 9.43
N ILE E 253 46.36 -12.82 9.15
CA ILE E 253 46.53 -13.86 8.16
C ILE E 253 47.88 -14.52 8.38
N GLN E 254 47.96 -15.81 8.09
CA GLN E 254 49.20 -16.57 8.18
C GLN E 254 49.73 -16.79 6.77
N LEU E 255 50.66 -15.93 6.36
CA LEU E 255 51.23 -16.04 5.04
C LEU E 255 52.14 -17.25 4.94
N ASN E 256 52.20 -17.81 3.74
CA ASN E 256 53.09 -18.93 3.45
C ASN E 256 53.58 -18.77 2.02
N ALA E 257 54.76 -18.18 1.87
CA ALA E 257 55.42 -18.11 0.57
C ALA E 257 56.35 -19.31 0.46
N THR E 258 56.46 -19.85 -0.74
CA THR E 258 57.23 -21.07 -0.98
C THR E 258 58.44 -20.78 -1.85
N ASP E 259 59.56 -21.38 -1.46
CA ASP E 259 60.84 -21.21 -2.16
C ASP E 259 61.54 -22.55 -2.09
N PRO E 260 61.44 -23.38 -3.13
CA PRO E 260 61.96 -24.75 -3.05
C PRO E 260 63.47 -24.87 -3.04
N ASP E 261 64.21 -23.74 -3.05
CA ASP E 261 65.67 -23.80 -3.07
C ASP E 261 66.22 -24.44 -1.79
N GLU E 262 67.55 -24.53 -1.71
CA GLU E 262 68.25 -25.18 -0.61
C GLU E 262 68.92 -24.14 0.27
N GLY E 263 68.99 -24.44 1.56
CA GLY E 263 69.70 -23.59 2.49
C GLY E 263 69.10 -22.19 2.54
N GLN E 264 69.98 -21.20 2.71
CA GLN E 264 69.54 -19.82 2.76
C GLN E 264 68.79 -19.41 1.50
N ASN E 265 69.12 -20.02 0.36
CA ASN E 265 68.37 -19.73 -0.86
C ASN E 265 66.88 -20.03 -0.70
N GLY E 266 66.52 -20.93 0.23
CA GLY E 266 65.14 -21.32 0.41
C GLY E 266 64.52 -20.83 1.70
N GLU E 267 65.31 -20.17 2.55
CA GLU E 267 64.79 -19.59 3.78
C GLU E 267 64.24 -18.20 3.48
N VAL E 268 62.99 -17.97 3.86
CA VAL E 268 62.26 -16.77 3.49
C VAL E 268 62.05 -15.89 4.70
N VAL E 269 62.24 -14.59 4.54
CA VAL E 269 61.94 -13.60 5.57
C VAL E 269 60.89 -12.65 5.01
N TYR E 270 59.91 -12.31 5.85
CA TYR E 270 58.79 -11.47 5.49
C TYR E 270 58.97 -10.08 6.10
N SER E 271 58.48 -9.06 5.38
CA SER E 271 58.61 -7.69 5.85
C SER E 271 57.55 -6.83 5.19
N PHE E 272 57.39 -5.62 5.74
CA PHE E 272 56.45 -4.65 5.20
C PHE E 272 57.01 -4.00 3.94
N SER E 273 56.16 -3.81 2.94
CA SER E 273 56.56 -3.12 1.72
C SER E 273 56.61 -1.61 1.94
N SER E 274 57.17 -0.91 0.95
CA SER E 274 57.34 0.54 1.04
C SER E 274 56.02 1.28 0.95
N HIS E 275 55.03 0.71 0.26
CA HIS E 275 53.80 1.44 -0.04
C HIS E 275 53.00 1.76 1.22
N ILE E 276 52.98 0.84 2.18
CA ILE E 276 51.98 0.87 3.25
C ILE E 276 52.03 2.21 3.98
N SER E 277 50.85 2.73 4.32
CA SER E 277 50.79 3.96 5.10
C SER E 277 51.42 3.73 6.48
N PRO E 278 52.04 4.77 7.06
CA PRO E 278 52.67 4.59 8.39
C PRO E 278 51.71 4.20 9.51
N ARG E 279 50.42 4.56 9.40
CA ARG E 279 49.47 4.17 10.44
C ARG E 279 49.24 2.66 10.46
N ALA E 280 49.12 2.05 9.28
CA ALA E 280 48.92 0.61 9.22
C ALA E 280 50.10 -0.15 9.82
N ARG E 281 51.31 0.37 9.68
CA ARG E 281 52.45 -0.26 10.35
C ARG E 281 52.28 -0.22 11.86
N GLU E 282 51.59 0.81 12.38
CA GLU E 282 51.30 0.84 13.81
C GLU E 282 50.25 -0.19 14.17
N LEU E 283 49.23 -0.35 13.32
CA LEU E 283 48.09 -1.20 13.68
C LEU E 283 48.36 -2.68 13.49
N PHE E 284 49.44 -3.06 12.82
CA PHE E 284 49.70 -4.46 12.52
C PHE E 284 51.15 -4.80 12.80
N GLY E 285 51.38 -6.05 13.19
CA GLY E 285 52.71 -6.57 13.39
C GLY E 285 52.90 -7.84 12.60
N LEU E 286 54.06 -7.95 11.97
CA LEU E 286 54.38 -9.07 11.09
C LEU E 286 55.67 -9.71 11.58
N SER E 287 55.61 -10.99 11.93
CA SER E 287 56.78 -11.67 12.43
C SER E 287 57.67 -12.08 11.25
N PRO E 288 58.96 -11.71 11.26
CA PRO E 288 59.75 -11.82 10.03
C PRO E 288 59.89 -13.23 9.49
N ARG E 289 60.01 -14.23 10.37
CA ARG E 289 60.34 -15.58 9.93
C ARG E 289 59.10 -16.37 9.51
N THR E 290 58.02 -16.28 10.28
CA THR E 290 56.84 -17.12 10.04
C THR E 290 55.86 -16.50 9.06
N GLY E 291 55.94 -15.20 8.81
CA GLY E 291 54.95 -14.56 7.97
C GLY E 291 53.61 -14.36 8.63
N ARG E 292 53.56 -14.38 9.96
CA ARG E 292 52.31 -14.26 10.70
C ARG E 292 51.96 -12.78 10.82
N LEU E 293 50.89 -12.35 10.15
CA LEU E 293 50.39 -10.99 10.25
C LEU E 293 49.27 -10.94 11.27
N GLU E 294 49.43 -10.07 12.27
CA GLU E 294 48.51 -9.94 13.39
C GLU E 294 48.23 -8.47 13.62
N VAL E 295 47.17 -8.22 14.38
CA VAL E 295 46.85 -6.85 14.79
C VAL E 295 47.74 -6.46 15.96
N SER E 296 48.25 -5.23 15.93
CA SER E 296 49.05 -4.70 17.01
C SER E 296 48.55 -3.36 17.50
N GLY E 297 47.42 -2.87 16.99
CA GLY E 297 46.84 -1.63 17.44
C GLY E 297 45.32 -1.76 17.47
N GLU E 298 44.66 -0.66 17.81
CA GLU E 298 43.21 -0.65 17.89
C GLU E 298 42.61 -0.40 16.51
N LEU E 299 41.79 -1.32 16.04
CA LEU E 299 41.04 -1.17 14.80
C LEU E 299 39.74 -0.46 15.11
N ASP E 300 39.58 0.75 14.59
CA ASP E 300 38.39 1.57 14.79
C ASP E 300 37.68 1.69 13.45
N TYR E 301 36.59 0.94 13.29
CA TYR E 301 35.79 1.04 12.06
C TYR E 301 35.48 2.50 11.75
N GLU E 302 35.12 3.28 12.78
CA GLU E 302 34.80 4.68 12.57
C GLU E 302 36.01 5.47 12.08
N GLU E 303 37.22 5.02 12.40
CA GLU E 303 38.41 5.66 11.85
C GLU E 303 38.57 5.33 10.37
N SER E 304 38.47 4.05 10.02
CA SER E 304 38.57 3.61 8.64
C SER E 304 38.05 2.19 8.53
N PRO E 305 37.21 1.88 7.53
CA PRO E 305 36.65 0.52 7.44
C PRO E 305 37.55 -0.48 6.75
N VAL E 306 38.66 -0.05 6.14
CA VAL E 306 39.51 -0.96 5.40
C VAL E 306 40.96 -0.51 5.53
N TYR E 307 41.86 -1.48 5.49
CA TYR E 307 43.29 -1.26 5.48
C TYR E 307 43.89 -2.15 4.39
N GLN E 308 44.97 -1.69 3.78
CA GLN E 308 45.69 -2.51 2.80
C GLN E 308 47.15 -2.60 3.23
N VAL E 309 47.65 -3.81 3.34
CA VAL E 309 48.98 -4.09 3.84
C VAL E 309 49.81 -4.61 2.68
N TYR E 310 50.92 -3.96 2.41
CA TYR E 310 51.80 -4.37 1.32
C TYR E 310 52.98 -5.11 1.92
N VAL E 311 53.11 -6.39 1.54
CA VAL E 311 54.11 -7.28 2.10
C VAL E 311 55.09 -7.65 1.01
N GLN E 312 56.35 -7.82 1.41
CA GLN E 312 57.35 -8.43 0.56
C GLN E 312 57.99 -9.58 1.32
N ALA E 313 58.29 -10.65 0.60
CA ALA E 313 59.03 -11.79 1.12
C ALA E 313 60.29 -11.95 0.31
N LYS E 314 61.36 -12.42 0.95
CA LYS E 314 62.64 -12.47 0.26
C LYS E 314 63.48 -13.56 0.92
N ASP E 315 64.14 -14.38 0.11
CA ASP E 315 64.99 -15.39 0.71
C ASP E 315 66.33 -14.77 1.11
N LEU E 316 67.14 -15.54 1.82
CA LEU E 316 68.35 -15.04 2.44
C LEU E 316 69.61 -15.36 1.63
N GLY E 317 69.44 -15.82 0.39
CA GLY E 317 70.57 -16.16 -0.46
C GLY E 317 71.04 -15.00 -1.31
N PRO E 318 72.12 -15.22 -2.06
CA PRO E 318 72.61 -14.17 -2.97
C PRO E 318 71.72 -14.02 -4.19
N ASN E 319 71.70 -12.81 -4.73
CA ASN E 319 70.88 -12.48 -5.90
C ASN E 319 69.40 -12.66 -5.64
N ALA E 320 68.99 -12.64 -4.36
CA ALA E 320 67.61 -12.86 -4.00
C ALA E 320 66.70 -11.82 -4.67
N VAL E 321 65.55 -12.27 -5.12
CA VAL E 321 64.55 -11.43 -5.77
C VAL E 321 63.34 -11.35 -4.84
N PRO E 322 62.89 -10.16 -4.44
CA PRO E 322 61.72 -10.09 -3.55
C PRO E 322 60.42 -10.39 -4.30
N ALA E 323 59.51 -11.05 -3.59
CA ALA E 323 58.14 -11.23 -4.04
C ALA E 323 57.24 -10.33 -3.19
N HIS E 324 56.05 -10.03 -3.71
CA HIS E 324 55.16 -9.09 -3.06
C HIS E 324 53.73 -9.61 -3.07
N CYS E 325 52.98 -9.23 -2.05
CA CYS E 325 51.54 -9.48 -2.01
C CYS E 325 50.88 -8.35 -1.24
N LYS E 326 49.55 -8.32 -1.32
CA LYS E 326 48.75 -7.25 -0.73
C LYS E 326 47.60 -7.87 0.04
N VAL E 327 47.45 -7.49 1.30
CA VAL E 327 46.41 -8.00 2.18
C VAL E 327 45.35 -6.92 2.34
N LEU E 328 44.11 -7.24 1.98
CA LEU E 328 43.00 -6.31 2.12
C LEU E 328 42.24 -6.68 3.39
N VAL E 329 42.36 -5.84 4.41
CA VAL E 329 41.82 -6.09 5.74
C VAL E 329 40.58 -5.22 5.88
N ARG E 330 39.41 -5.81 5.69
CA ARG E 330 38.16 -5.07 5.82
C ARG E 330 37.66 -5.15 7.26
N VAL E 331 37.38 -4.00 7.84
CA VAL E 331 36.92 -3.92 9.23
C VAL E 331 35.41 -4.03 9.25
N LEU E 332 34.88 -4.72 10.25
CA LEU E 332 33.45 -4.88 10.44
C LEU E 332 32.99 -4.00 11.59
N ASP E 333 31.95 -3.22 11.35
CA ASP E 333 31.50 -2.26 12.35
C ASP E 333 30.83 -2.99 13.52
N ALA E 334 31.18 -2.57 14.73
CA ALA E 334 30.52 -3.04 15.93
C ALA E 334 29.84 -1.86 16.61
N ASN E 335 28.94 -2.16 17.54
CA ASN E 335 28.22 -1.12 18.27
C ASN E 335 29.04 -0.78 19.51
N ASP E 336 30.03 0.08 19.31
CA ASP E 336 30.95 0.47 20.37
C ASP E 336 30.89 1.97 20.65
N ASN E 337 29.82 2.63 20.21
CA ASN E 337 29.61 4.06 20.49
C ASN E 337 28.17 4.26 20.92
N ALA E 338 27.99 4.91 22.06
CA ALA E 338 26.65 5.20 22.55
C ALA E 338 26.15 6.53 21.97
N PRO E 339 24.85 6.69 21.80
CA PRO E 339 24.34 7.96 21.24
C PRO E 339 24.69 9.12 22.16
N GLU E 340 24.89 10.28 21.54
CA GLU E 340 25.20 11.52 22.26
C GLU E 340 24.04 12.47 22.10
N ILE E 341 23.52 12.96 23.22
CA ILE E 341 22.38 13.87 23.24
C ILE E 341 22.90 15.29 23.41
N SER E 342 22.30 16.23 22.67
CA SER E 342 22.74 17.62 22.69
C SER E 342 21.51 18.52 22.61
N PHE E 343 21.24 19.25 23.68
CA PHE E 343 20.16 20.23 23.68
C PHE E 343 20.64 21.53 23.03
N SER E 344 19.83 22.08 22.14
CA SER E 344 20.18 23.32 21.48
C SER E 344 19.71 24.54 22.27
N THR E 345 18.48 24.50 22.79
CA THR E 345 17.95 25.59 23.59
C THR E 345 16.75 25.08 24.38
N VAL E 346 16.57 25.65 25.57
CA VAL E 346 15.49 25.30 26.48
C VAL E 346 14.90 26.57 27.09
N LYS E 347 13.58 26.69 27.08
CA LYS E 347 12.90 27.74 27.82
C LYS E 347 12.86 27.36 29.30
N GLU E 348 13.40 28.22 30.15
CA GLU E 348 13.32 27.99 31.59
C GLU E 348 11.88 28.08 32.09
N ALA E 349 11.09 28.97 31.50
CA ALA E 349 9.72 29.18 31.95
C ALA E 349 8.74 28.85 30.84
N VAL E 350 7.58 28.33 31.24
CA VAL E 350 6.45 28.10 30.35
C VAL E 350 5.21 28.68 31.03
N SER E 351 4.40 29.40 30.26
CA SER E 351 3.21 30.01 30.83
C SER E 351 2.24 28.94 31.33
N GLU E 352 1.47 29.29 32.38
CA GLU E 352 0.48 28.37 32.91
C GLU E 352 -0.46 27.89 31.81
N GLY E 353 -1.09 28.81 31.10
CA GLY E 353 -2.07 28.46 30.11
C GLY E 353 -1.45 28.28 28.73
N ALA E 354 -0.32 27.58 28.66
CA ALA E 354 0.30 27.31 27.38
C ALA E 354 -0.47 26.20 26.70
N ALA E 355 -1.08 26.51 25.57
CA ALA E 355 -1.91 25.54 24.89
C ALA E 355 -1.05 24.39 24.39
N PRO E 356 -1.65 23.22 24.14
CA PRO E 356 -0.89 22.12 23.56
C PRO E 356 -0.06 22.60 22.37
N GLY E 357 1.11 22.01 22.21
CA GLY E 357 1.97 22.31 21.09
C GLY E 357 2.99 23.42 21.35
N THR E 358 2.93 24.09 22.50
CA THR E 358 3.91 25.13 22.79
C THR E 358 5.28 24.49 22.94
N VAL E 359 6.25 24.97 22.16
CA VAL E 359 7.57 24.37 22.18
C VAL E 359 8.26 24.70 23.50
N VAL E 360 8.94 23.69 24.05
CA VAL E 360 9.62 23.82 25.34
C VAL E 360 11.12 23.65 25.13
N ALA E 361 11.51 22.82 24.16
CA ALA E 361 12.96 22.64 23.99
C ALA E 361 13.26 22.10 22.60
N LEU E 362 14.53 22.19 22.22
CA LEU E 362 15.02 21.54 21.01
C LEU E 362 16.30 20.79 21.33
N PHE E 363 16.56 19.72 20.57
CA PHE E 363 17.81 18.98 20.73
C PHE E 363 18.08 18.15 19.49
N SER E 364 19.28 17.58 19.46
CA SER E 364 19.71 16.71 18.38
C SER E 364 20.48 15.54 18.99
N VAL E 365 20.62 14.48 18.21
CA VAL E 365 21.32 13.27 18.65
C VAL E 365 22.29 12.84 17.58
N THR E 366 23.40 12.25 18.02
CA THR E 366 24.42 11.74 17.11
C THR E 366 24.91 10.39 17.63
N ASP E 367 25.47 9.59 16.72
CA ASP E 367 26.02 8.28 17.08
C ASP E 367 27.18 8.02 16.13
N ARG E 368 28.40 8.00 16.66
CA ARG E 368 29.58 7.86 15.82
C ARG E 368 29.56 6.59 14.98
N ASP E 369 28.76 5.60 15.34
CA ASP E 369 28.72 4.34 14.62
C ASP E 369 28.09 4.54 13.24
N SER E 370 27.87 3.41 12.55
CA SER E 370 27.30 3.41 11.21
C SER E 370 26.23 2.33 11.12
N GLU E 371 25.40 2.44 10.10
CA GLU E 371 24.32 1.46 9.86
C GLU E 371 23.45 1.38 11.12
N GLU E 372 22.93 0.19 11.42
CA GLU E 372 22.03 0.03 12.57
C GLU E 372 22.70 0.51 13.86
N ASN E 373 24.01 0.28 13.99
CA ASN E 373 24.71 0.68 15.20
C ASN E 373 24.72 2.19 15.40
N GLY E 374 24.54 2.96 14.34
CA GLY E 374 24.46 4.41 14.44
C GLY E 374 23.08 5.00 14.27
N GLN E 375 22.04 4.17 14.17
CA GLN E 375 20.66 4.64 14.10
C GLN E 375 20.09 4.80 15.51
N VAL E 376 19.50 5.96 15.79
CA VAL E 376 19.05 6.31 17.13
C VAL E 376 17.55 6.59 17.10
N GLN E 377 16.83 5.97 18.04
CA GLN E 377 15.44 6.30 18.34
C GLN E 377 15.36 6.90 19.73
N CYS E 378 14.38 7.79 19.94
CA CYS E 378 14.26 8.51 21.20
C CYS E 378 12.89 8.31 21.81
N GLU E 379 12.84 8.39 23.15
CA GLU E 379 11.61 8.27 23.91
C GLU E 379 11.69 9.24 25.09
N LEU E 380 10.54 9.82 25.44
CA LEU E 380 10.45 10.67 26.62
C LEU E 380 9.90 9.85 27.77
N LEU E 381 10.69 9.71 28.83
CA LEU E 381 10.31 8.88 29.96
C LEU E 381 9.24 9.54 30.81
N GLY E 382 8.36 8.72 31.36
CA GLY E 382 7.34 9.19 32.27
C GLY E 382 6.03 9.48 31.56
N ASP E 383 4.95 9.43 32.34
CA ASP E 383 3.63 9.85 31.87
C ASP E 383 3.52 11.34 32.18
N VAL E 384 3.77 12.17 31.17
CA VAL E 384 3.71 13.61 31.35
C VAL E 384 2.94 14.23 30.19
N PRO E 385 2.41 15.43 30.38
CA PRO E 385 1.62 16.08 29.33
C PRO E 385 2.42 16.55 28.14
N PHE E 386 3.71 16.24 28.07
CA PHE E 386 4.56 16.65 26.96
C PHE E 386 4.70 15.58 25.89
N ARG E 387 5.16 16.02 24.70
CA ARG E 387 5.32 15.14 23.54
C ARG E 387 6.57 15.54 22.77
N LEU E 388 7.10 14.58 22.01
CA LEU E 388 8.28 14.77 21.18
C LEU E 388 7.88 14.89 19.72
N LYS E 389 8.48 15.85 19.02
CA LYS E 389 8.16 16.15 17.62
C LYS E 389 9.47 16.28 16.84
N SER E 390 9.60 15.53 15.74
CA SER E 390 10.85 15.49 14.98
C SER E 390 10.63 16.13 13.61
N SER E 391 11.24 17.30 13.39
CA SER E 391 11.16 17.95 12.09
C SER E 391 12.19 17.36 11.12
N PHE E 392 13.44 17.28 11.56
CA PHE E 392 14.58 16.85 10.76
C PHE E 392 15.07 15.49 11.24
N LYS E 393 15.97 14.89 10.48
CA LYS E 393 16.61 13.66 10.91
C LYS E 393 17.47 13.93 12.15
N ASN E 394 17.29 13.10 13.18
CA ASN E 394 17.99 13.26 14.45
C ASN E 394 17.81 14.63 15.10
N TYR E 395 16.76 15.37 14.73
CA TYR E 395 16.44 16.63 15.39
C TYR E 395 15.05 16.52 16.00
N TYR E 396 14.95 16.90 17.27
CA TYR E 396 13.72 16.73 18.05
C TYR E 396 13.37 18.01 18.80
N THR E 397 12.09 18.11 19.12
CA THR E 397 11.52 19.22 19.86
C THR E 397 10.65 18.65 20.97
N ILE E 398 10.63 19.33 22.10
CA ILE E 398 9.75 18.97 23.22
C ILE E 398 8.67 20.03 23.32
N VAL E 399 7.43 19.59 23.13
CA VAL E 399 6.25 20.45 23.09
C VAL E 399 5.27 20.00 24.17
N THR E 400 4.28 20.86 24.44
CA THR E 400 3.18 20.54 25.34
C THR E 400 2.11 19.76 24.58
N GLU E 401 1.28 19.05 25.35
CA GLU E 401 0.23 18.20 24.80
C GLU E 401 -1.14 18.40 25.43
N ALA E 402 -1.21 18.67 26.74
CA ALA E 402 -2.49 18.75 27.45
C ALA E 402 -2.45 19.88 28.47
N PRO E 403 -3.51 20.09 29.26
CA PRO E 403 -3.42 21.08 30.34
C PRO E 403 -2.42 20.63 31.38
N LEU E 404 -1.60 21.57 31.86
CA LEU E 404 -0.56 21.23 32.81
C LEU E 404 -1.16 20.72 34.10
N ASP E 405 -0.67 19.56 34.57
CA ASP E 405 -1.18 18.97 35.80
C ASP E 405 -0.86 19.86 37.00
N ARG E 406 0.41 20.22 37.17
CA ARG E 406 0.83 21.14 38.22
C ARG E 406 0.65 22.58 37.76
N GLU E 407 0.80 23.52 38.70
CA GLU E 407 0.54 24.91 38.38
C GLU E 407 1.47 25.84 39.17
N ALA E 408 1.52 27.09 38.69
CA ALA E 408 2.25 28.22 39.30
C ALA E 408 3.72 27.85 39.48
N GLY E 409 4.29 28.02 40.67
CA GLY E 409 5.73 27.94 40.82
C GLY E 409 6.29 26.58 40.42
N ASP E 410 5.51 25.53 40.62
CA ASP E 410 6.02 24.18 40.45
C ASP E 410 6.59 23.98 39.05
N SER E 411 7.70 23.27 38.99
CA SER E 411 8.37 22.94 37.73
C SER E 411 8.24 21.47 37.41
N TYR E 412 8.41 21.15 36.12
CA TYR E 412 8.52 19.78 35.64
C TYR E 412 9.96 19.49 35.23
N THR E 413 10.39 18.26 35.46
CA THR E 413 11.74 17.82 35.13
C THR E 413 11.64 16.70 34.10
N LEU E 414 12.08 16.99 32.87
CA LEU E 414 11.90 16.07 31.76
C LEU E 414 13.23 15.43 31.39
N THR E 415 13.23 14.10 31.27
CA THR E 415 14.41 13.35 30.85
C THR E 415 14.09 12.61 29.57
N VAL E 416 14.96 12.74 28.58
CA VAL E 416 14.82 12.07 27.30
C VAL E 416 15.88 10.98 27.21
N VAL E 417 15.50 9.85 26.62
CA VAL E 417 16.38 8.70 26.47
C VAL E 417 16.56 8.42 24.97
N ALA E 418 17.81 8.43 24.53
CA ALA E 418 18.19 8.11 23.16
C ALA E 418 18.85 6.74 23.13
N ARG E 419 18.42 5.90 22.20
CA ARG E 419 18.77 4.48 22.19
C ARG E 419 19.10 4.07 20.76
N ASP E 420 20.27 3.48 20.56
CA ASP E 420 20.65 3.07 19.21
C ASP E 420 20.19 1.64 18.93
N ARG E 421 20.33 1.22 17.68
CA ARG E 421 19.77 -0.04 17.19
C ARG E 421 20.85 -1.08 16.94
N GLY E 422 21.82 -1.17 17.84
CA GLY E 422 22.83 -2.21 17.78
C GLY E 422 22.47 -3.40 18.66
N GLU E 423 23.35 -4.40 18.63
CA GLU E 423 23.19 -5.59 19.46
C GLU E 423 24.52 -5.93 20.13
N PRO E 424 24.62 -5.69 21.45
CA PRO E 424 23.62 -5.15 22.36
C PRO E 424 23.30 -3.69 22.11
N ALA E 425 22.09 -3.27 22.44
CA ALA E 425 21.73 -1.86 22.29
C ALA E 425 22.41 -1.03 23.36
N LEU E 426 22.56 0.26 23.07
CA LEU E 426 23.14 1.22 24.00
C LEU E 426 22.21 2.42 24.11
N SER E 427 22.14 3.00 25.29
CA SER E 427 21.23 4.10 25.53
C SER E 427 21.89 5.14 26.42
N THR E 428 21.39 6.37 26.29
CA THR E 428 21.89 7.52 27.02
C THR E 428 20.67 8.36 27.40
N SER E 429 20.81 9.16 28.43
CA SER E 429 19.72 10.02 28.88
C SER E 429 20.22 11.43 29.11
N LYS E 430 19.29 12.38 29.12
CA LYS E 430 19.62 13.75 29.48
C LYS E 430 18.37 14.43 29.99
N SER E 431 18.53 15.24 31.03
CA SER E 431 17.41 15.86 31.72
C SER E 431 17.49 17.38 31.64
N ILE E 432 16.31 18.00 31.74
CA ILE E 432 16.17 19.45 31.74
C ILE E 432 15.09 19.84 32.73
N GLN E 433 15.24 21.04 33.31
CA GLN E 433 14.28 21.59 34.24
C GLN E 433 13.48 22.68 33.55
N VAL E 434 12.17 22.57 33.62
CA VAL E 434 11.21 23.49 33.02
C VAL E 434 10.26 23.90 34.14
N GLN E 435 9.65 25.08 34.00
CA GLN E 435 8.87 25.62 35.10
C GLN E 435 7.72 26.48 34.61
N VAL E 436 6.64 26.46 35.38
CA VAL E 436 5.38 27.12 35.01
C VAL E 436 5.40 28.57 35.49
N SER E 437 5.07 29.49 34.60
CA SER E 437 4.90 30.89 34.93
C SER E 437 3.54 31.37 34.42
N ASP E 438 3.16 32.57 34.83
CA ASP E 438 1.96 33.23 34.32
C ASP E 438 2.34 34.38 33.41
N HIS E 439 1.65 34.50 32.29
CA HIS E 439 1.74 35.68 31.43
C HIS E 439 3.17 36.17 31.21
C1 NAG F . -33.61 11.46 -15.71
C2 NAG F . -34.09 10.88 -17.03
C3 NAG F . -35.62 11.01 -17.16
C4 NAG F . -36.35 10.58 -15.88
C5 NAG F . -35.69 11.18 -14.66
C6 NAG F . -36.28 10.70 -13.35
C7 NAG F . -32.73 10.95 -19.09
C8 NAG F . -32.14 11.84 -20.15
N2 NAG F . -33.44 11.57 -18.13
O3 NAG F . -35.98 10.15 -18.23
O4 NAG F . -37.68 11.08 -15.79
O5 NAG F . -34.30 10.87 -14.65
O6 NAG F . -35.95 9.35 -13.07
O7 NAG F . -32.56 9.74 -19.09
H2 NAG F . -33.85 9.93 -17.06
H3 NAG F . -35.85 11.93 -17.38
H4 NAG F . -36.36 9.61 -15.81
H5 NAG F . -35.79 12.15 -14.70
H81 NAG F . -32.87 12.31 -20.61
H82 NAG F . -31.54 12.50 -19.73
H83 NAG F . -31.64 11.31 -20.78
HN2 NAG F . -33.53 12.47 -18.18
HO3 NAG F . -35.75 10.52 -19.00
C1 NAG F . -38.90 10.43 -16.34
C2 NAG F . -38.92 10.56 -17.92
C3 NAG F . -40.06 9.75 -18.56
C4 NAG F . -40.24 8.39 -17.89
C5 NAG F . -40.31 8.60 -16.40
C6 NAG F . -40.67 7.37 -15.61
C7 NAG F . -40.00 12.73 -17.70
C8 NAG F . -40.02 14.17 -18.11
N2 NAG F . -39.05 11.96 -18.26
O3 NAG F . -39.77 9.57 -19.94
O4 NAG F . -41.38 7.64 -18.31
O5 NAG F . -39.03 9.06 -15.97
O6 NAG F . -40.97 7.69 -14.25
O7 NAG F . -40.81 12.28 -16.91
H2 NAG F . -38.07 10.23 -18.27
H3 NAG F . -40.89 10.25 -18.47
H4 NAG F . -39.44 7.85 -18.08
H5 NAG F . -40.97 9.29 -16.21
H61 NAG F . -41.45 6.94 -16.01
H62 NAG F . -39.92 6.75 -15.62
H81 NAG F . -39.16 14.58 -17.88
H82 NAG F . -40.73 14.64 -17.65
H83 NAG F . -40.15 14.24 -19.07
HN2 NAG F . -38.46 12.35 -18.83
HO3 NAG F . -40.52 9.38 -20.38
HO6 NAG F . -40.64 8.49 -14.06
C1 BMA F . -42.64 8.31 -18.59
C2 BMA F . -43.64 7.16 -18.87
C3 BMA F . -44.88 7.75 -19.50
C4 BMA F . -45.48 8.84 -18.56
C5 BMA F . -44.40 9.85 -18.09
C6 BMA F . -44.94 10.85 -17.06
O2 BMA F . -44.05 6.58 -17.64
O3 BMA F . -45.83 6.72 -19.84
O4 BMA F . -46.49 9.57 -19.25
O5 BMA F . -43.20 9.15 -17.57
O6 BMA F . -46.00 11.55 -17.76
H2 BMA F . -43.18 6.42 -19.53
H3 BMA F . -44.61 8.24 -20.44
H4 BMA F . -45.89 8.33 -17.67
H5 BMA F . -44.07 10.45 -18.95
H61 BMA F . -45.34 10.27 -16.20
HO2 BMA F . -44.02 5.61 -17.78
HO4 BMA F . -47.17 8.92 -19.47
C1 MAN F . -45.40 6.10 -21.09
C2 MAN F . -46.65 5.77 -22.01
C3 MAN F . -47.32 4.46 -21.62
C4 MAN F . -46.31 3.33 -21.53
C5 MAN F . -45.24 3.68 -20.49
C6 MAN F . -44.16 2.60 -20.42
O2 MAN F . -46.25 5.58 -23.36
O3 MAN F . -48.36 4.10 -22.53
O4 MAN F . -46.95 2.12 -21.16
O5 MAN F . -44.58 4.93 -20.83
O6 MAN F . -44.79 1.34 -20.63
H2 MAN F . -47.37 6.60 -21.92
H3 MAN F . -47.80 4.57 -20.63
H4 MAN F . -45.81 3.23 -22.51
H5 MAN F . -45.72 3.75 -19.50
H61 MAN F . -43.68 2.66 -19.43
H62 MAN F . -43.41 2.82 -21.19
HO2 MAN F . -46.34 6.41 -23.84
HO3 MAN F . -49.15 4.58 -22.22
HO4 MAN F . -47.59 1.94 -21.87
HO6 MAN F . -44.14 0.65 -20.41
C1 MAN F . -47.01 12.28 -17.01
C2 MAN F . -46.30 13.35 -16.04
C3 MAN F . -46.24 12.93 -14.57
C4 MAN F . -47.49 12.20 -14.11
C5 MAN F . -47.74 10.97 -14.97
C6 MAN F . -48.97 10.19 -14.54
O2 MAN F . -47.03 14.58 -16.05
O3 MAN F . -46.03 14.07 -13.74
O4 MAN F . -47.31 11.78 -12.76
O5 MAN F . -47.94 11.36 -16.35
O6 MAN F . -50.11 10.81 -15.12
H1 MAN F . -47.65 12.81 -17.72
H2 MAN F . -45.28 13.51 -16.42
H3 MAN F . -45.38 12.27 -14.43
H4 MAN F . -48.36 12.88 -14.21
H5 MAN F . -46.86 10.31 -14.90
H61 MAN F . -48.86 9.15 -14.88
H62 MAN F . -49.01 10.20 -13.44
HO2 MAN F . -46.62 15.18 -16.68
HO3 MAN F . -45.13 13.96 -13.38
HO4 MAN F . -47.82 12.42 -12.23
HO6 MAN F . -50.88 10.27 -14.90
C1 FUC F . -37.04 8.96 -12.20
C2 FUC F . -37.87 7.84 -12.95
C3 FUC F . -37.47 6.41 -12.57
C4 FUC F . -37.32 6.26 -11.07
C5 FUC F . -36.26 7.21 -10.57
C6 FUC F . -36.09 7.13 -9.05
O2 FUC F . -37.80 8.01 -14.36
O3 FUC F . -38.50 5.51 -12.99
O4 FUC F . -38.56 6.53 -10.43
O5 FUC F . -36.57 8.59 -10.86
H2 FUC F . -38.91 7.97 -12.68
H3 FUC F . -36.51 6.15 -13.06
H4 FUC F . -36.99 5.23 -10.85
H5 FUC F . -35.32 6.94 -11.07
H61 FUC F . -35.78 6.12 -8.76
H62 FUC F . -35.33 7.85 -8.73
H63 FUC F . -37.03 7.37 -8.55
HO2 FUC F . -38.09 8.91 -14.52
HO3 FUC F . -38.19 5.13 -13.82
HO4 FUC F . -38.87 5.66 -10.11
C1 NAG G . -21.04 -17.01 -6.70
C2 NAG G . -22.24 -17.75 -7.27
C3 NAG G . -21.80 -18.77 -8.34
C4 NAG G . -20.84 -18.14 -9.35
C5 NAG G . -19.74 -17.34 -8.65
C6 NAG G . -18.99 -16.49 -9.64
C7 NAG G . -24.35 -18.37 -6.17
C8 NAG G . -24.97 -19.11 -5.03
N2 NAG G . -23.01 -18.40 -6.23
O3 NAG G . -22.95 -19.25 -9.02
O4 NAG G . -20.24 -19.12 -10.19
O5 NAG G . -20.33 -16.43 -7.72
O6 NAG G . -19.95 -15.66 -10.29
O7 NAG G . -25.02 -17.78 -7.01
H2 NAG G . -22.83 -17.09 -7.72
H3 NAG G . -21.35 -19.51 -7.89
H4 NAG G . -21.36 -17.53 -9.90
H5 NAG G . -19.13 -17.94 -8.19
H61 NAG G . -18.53 -17.04 -10.28
H62 NAG G . -18.35 -15.93 -9.16
H81 NAG G . -24.66 -18.73 -4.19
H82 NAG G . -25.94 -19.02 -5.08
H83 NAG G . -24.73 -20.05 -5.08
HN2 NAG G . -22.56 -18.86 -5.58
HO3 NAG G . -22.85 -20.12 -9.18
C1 NAG G . -21.01 -19.43 -11.38
C2 NAG G . -20.18 -19.32 -12.68
C3 NAG G . -21.01 -19.81 -13.89
C4 NAG G . -21.75 -21.12 -13.61
C5 NAG G . -22.46 -21.06 -12.26
C6 NAG G . -23.08 -22.37 -11.86
C7 NAG G . -18.71 -17.53 -13.62
C8 NAG G . -17.89 -18.59 -14.30
N2 NAG G . -19.77 -17.93 -12.89
O3 NAG G . -20.19 -20.05 -15.03
O4 NAG G . -22.71 -21.32 -14.63
O5 NAG G . -21.51 -20.73 -11.24
O6 NAG G . -24.39 -22.20 -11.34
O7 NAG G . -18.44 -16.34 -13.74
H1 NAG G . -21.76 -18.81 -11.43
H2 NAG G . -19.39 -19.88 -12.61
H3 NAG G . -21.67 -19.13 -14.12
H4 NAG G . -21.11 -21.86 -13.61
H5 NAG G . -23.15 -20.38 -12.28
H61 NAG G . -22.52 -22.80 -11.18
H62 NAG G . -23.12 -22.96 -12.64
H81 NAG G . -17.52 -19.19 -13.62
H82 NAG G . -17.16 -18.17 -14.79
H83 NAG G . -18.45 -19.10 -14.91
HN2 NAG G . -20.26 -17.29 -12.48
HO3 NAG G . -20.62 -19.79 -15.75
HO6 NAG G . -24.68 -22.96 -10.99
C1 BMA G . -22.35 -22.33 -15.62
C2 BMA G . -23.23 -22.10 -16.90
C3 BMA G . -22.97 -23.22 -17.92
C4 BMA G . -21.43 -23.38 -18.17
C5 BMA G . -20.65 -23.46 -16.82
C6 BMA G . -19.13 -23.53 -16.95
O2 BMA G . -22.87 -20.88 -17.54
O3 BMA G . -23.68 -23.01 -19.18
O4 BMA G . -21.18 -24.54 -18.93
O5 BMA G . -20.98 -22.34 -15.98
O6 BMA G . -18.61 -24.25 -15.84
H1 BMA G . -22.60 -23.32 -15.18
H2 BMA G . -24.29 -22.10 -16.61
H3 BMA G . -23.33 -24.17 -17.52
H4 BMA G . -21.08 -22.47 -18.70
H5 BMA G . -20.96 -24.39 -16.29
H61 BMA G . -18.73 -22.50 -16.99
H62 BMA G . -18.90 -24.02 -17.91
HO2 BMA G . -23.71 -20.44 -17.75
HO4 BMA G . -21.33 -24.29 -19.86
C1 MAN G . -24.97 -23.69 -19.17
C2 MAN G . -25.42 -24.05 -20.63
C3 MAN G . -25.87 -22.81 -21.42
C4 MAN G . -26.87 -21.97 -20.62
C5 MAN G . -26.32 -21.66 -19.21
C6 MAN G . -27.30 -20.92 -18.33
O2 MAN G . -26.57 -24.91 -20.63
O3 MAN G . -26.45 -23.18 -22.67
O4 MAN G . -27.11 -20.74 -21.30
O5 MAN G . -25.96 -22.88 -18.52
O6 MAN G . -28.62 -21.14 -18.84
H2 MAN G . -24.58 -24.53 -21.15
H3 MAN G . -24.99 -22.19 -21.64
H4 MAN G . -27.80 -22.55 -20.50
H5 MAN G . -25.42 -21.03 -19.32
H61 MAN G . -27.20 -21.30 -17.30
H62 MAN G . -27.03 -19.86 -18.33
HO2 MAN G . -26.30 -25.81 -20.89
HO3 MAN G . -25.76 -23.00 -23.33
HO4 MAN G . -27.91 -20.89 -21.83
HO6 MAN G . -29.23 -21.08 -18.09
C1 MAN G . -17.48 -25.07 -16.22
C2 MAN G . -17.78 -26.55 -15.84
C3 MAN G . -17.71 -26.78 -14.33
C4 MAN G . -16.43 -26.17 -13.72
C5 MAN G . -16.31 -24.70 -14.14
C6 MAN G . -15.03 -24.06 -13.64
O2 MAN G . -16.81 -27.45 -16.40
O3 MAN G . -17.78 -28.17 -14.00
O4 MAN G . -16.49 -26.25 -12.30
O5 MAN G . -16.30 -24.59 -15.58
O6 MAN G . -14.79 -24.49 -12.30
H2 MAN G . -18.79 -26.80 -16.20
H3 MAN G . -18.57 -26.30 -13.86
H4 MAN G . -15.57 -26.72 -14.12
H5 MAN G . -17.15 -24.13 -13.73
H61 MAN G . -14.19 -24.36 -14.31
H62 MAN G . -15.14 -22.98 -13.70
HO2 MAN G . -17.25 -28.03 -17.03
HO3 MAN G . -18.72 -28.34 -13.79
HO4 MAN G . -16.54 -27.21 -12.10
HO6 MAN G . -13.99 -24.04 -11.99
C1 FUC G . -19.43 -15.07 -11.48
C2 FUC G . -20.69 -14.55 -12.21
C3 FUC G . -20.65 -13.06 -12.46
C4 FUC G . -19.29 -12.69 -12.98
C5 FUC G . -18.23 -12.92 -11.90
C6 FUC G . -16.81 -13.06 -12.45
O2 FUC G . -21.89 -14.90 -11.49
O3 FUC G . -21.62 -12.70 -13.45
O4 FUC G . -18.99 -13.44 -14.14
O5 FUC G . -18.46 -14.11 -11.10
H2 FUC G . -20.75 -15.05 -13.18
H3 FUC G . -20.84 -12.53 -11.51
H4 FUC G . -19.29 -11.61 -13.22
H5 FUC G . -18.27 -12.06 -11.23
H61 FUC G . -16.53 -12.14 -12.98
H62 FUC G . -16.12 -13.24 -11.64
H63 FUC G . -16.76 -13.89 -13.16
HO2 FUC G . -22.52 -15.17 -12.16
HO3 FUC G . -22.15 -12.00 -13.05
HO4 FUC G . -18.86 -12.78 -14.84
C1 NAG H . -34.85 51.52 10.70
C2 NAG H . -34.54 52.83 9.98
C3 NAG H . -33.06 52.89 9.59
C4 NAG H . -32.15 52.50 10.75
C5 NAG H . -32.65 51.24 11.46
C6 NAG H . -31.92 50.95 12.76
C7 NAG H . -36.28 53.96 8.65
C8 NAG H . -37.05 53.96 7.36
N2 NAG H . -35.38 52.99 8.80
O3 NAG H . -32.74 54.21 9.16
O4 NAG H . -30.84 52.22 10.26
O5 NAG H . -34.03 51.39 11.80
O6 NAG H . -30.56 50.59 12.55
O7 NAG H . -36.49 54.80 9.53
H2 NAG H . -34.72 53.57 10.60
H3 NAG H . -32.91 52.27 8.85
H4 NAG H . -32.11 53.24 11.39
H5 NAG H . -32.55 50.48 10.87
H61 NAG H . -31.96 51.74 13.33
H62 NAG H . -32.38 50.21 13.21
H81 NAG H . -36.43 54.05 6.62
H82 NAG H . -37.67 54.70 7.35
H83 NAG H . -37.53 53.12 7.27
HN2 NAG H . -35.27 52.39 8.12
HO3 NAG H . -33.04 54.33 8.33
C1 NAG H . -29.97 53.36 10.14
C2 NAG H . -29.18 53.55 11.44
C3 NAG H . -28.13 54.65 11.28
C4 NAG H . -27.28 54.44 10.03
C5 NAG H . -28.19 54.26 8.82
C6 NAG H . -27.46 53.97 7.54
C7 NAG H . -30.05 54.89 13.36
C8 NAG H . -31.11 54.96 14.41
N2 NAG H . -30.09 53.83 12.55
O3 NAG H . -27.32 54.67 12.44
O4 NAG H . -26.47 55.59 9.81
O5 NAG H . -29.08 53.15 9.05
O6 NAG H . -26.38 53.07 7.74
O7 NAG H . -29.19 55.77 13.25
H1 NAG H . -30.50 54.16 9.97
H2 NAG H . -28.71 52.73 11.63
H3 NAG H . -28.59 55.52 11.20
H4 NAG H . -26.72 53.66 10.14
H5 NAG H . -28.72 55.07 8.70
H61 NAG H . -27.12 54.81 7.17
H62 NAG H . -28.08 53.58 6.90
H81 NAG H . -31.00 55.76 14.95
H82 NAG H . -31.05 54.17 14.99
H83 NAG H . -31.99 54.97 13.98
HN2 NAG H . -30.77 53.23 12.69
HO3 NAG H . -26.79 53.96 12.44
HO6 NAG H . -26.05 52.81 6.95
C1 BMA H . -25.02 55.51 10.01
C2 BMA H . -24.63 56.29 11.33
C3 BMA H . -23.09 56.37 11.44
C4 BMA H . -22.42 54.95 11.23
C5 BMA H . -23.04 54.22 9.99
C6 BMA H . -22.55 52.77 9.75
O2 BMA H . -25.09 55.61 12.48
O3 BMA H . -22.65 56.98 12.72
O4 BMA H . -21.04 55.12 11.01
O5 BMA H . -24.48 54.19 10.11
O6 BMA H . -23.03 52.39 8.43
H2 BMA H . -25.05 57.30 11.28
H3 BMA H . -22.71 57.03 10.67
H4 BMA H . -22.62 54.34 12.12
H5 BMA H . -22.78 54.79 9.09
H61 BMA H . -21.46 52.76 9.82
H62 BMA H . -22.97 52.14 10.55
HO2 BMA H . -25.59 56.26 12.99
HO4 BMA H . -20.62 55.05 11.89
C1 MAN H . -23.23 58.29 12.92
C2 MAN H . -22.13 59.34 13.38
C3 MAN H . -21.80 59.24 14.87
C4 MAN H . -23.08 59.27 15.72
C5 MAN H . -24.04 58.16 15.28
C6 MAN H . -25.36 58.25 16.01
O2 MAN H . -22.58 60.70 13.22
O3 MAN H . -20.94 60.29 15.29
O4 MAN H . -22.73 59.07 17.10
O5 MAN H . -24.34 58.25 13.84
O6 MAN H . -25.11 58.42 17.40
H2 MAN H . -21.22 59.17 12.80
H3 MAN H . -21.27 58.30 15.06
H4 MAN H . -23.57 60.24 15.58
H5 MAN H . -23.59 57.18 15.50
H61 MAN H . -25.93 59.09 15.59
H62 MAN H . -25.92 57.32 15.81
HO2 MAN H . -22.30 61.02 12.35
HO3 MAN H . -20.03 59.91 15.29
HO4 MAN H . -22.58 59.95 17.45
HO6 MAN H . -25.95 58.31 17.87
C1 MAN H . -21.99 52.09 7.46
C2 MAN H . -21.06 53.33 7.22
C3 MAN H . -21.76 54.44 6.44
C4 MAN H . -22.44 53.90 5.17
C5 MAN H . -23.32 52.68 5.47
C6 MAN H . -23.82 52.04 4.18
O2 MAN H . -19.93 52.99 6.44
O3 MAN H . -20.87 55.48 6.10
O4 MAN H . -23.25 54.92 4.61
O5 MAN H . -22.58 51.67 6.23
O6 MAN H . -22.90 51.02 3.81
H1 MAN H . -21.40 51.23 7.79
H2 MAN H . -20.75 53.73 8.20
H3 MAN H . -22.54 54.88 7.07
H4 MAN H . -21.64 53.59 4.46
H5 MAN H . -24.19 53.01 6.05
H61 MAN H . -23.90 52.81 3.40
H62 MAN H . -24.82 51.63 4.38
HO2 MAN H . -19.16 52.89 7.02
HO3 MAN H . -21.04 56.18 6.76
HO4 MAN H . -22.64 55.59 4.28
HO6 MAN H . -23.02 50.85 2.86
C1 FUC H . -30.05 49.63 13.52
C2 FUC H . -29.66 50.40 14.83
C3 FUC H . -30.79 50.34 15.86
C4 FUC H . -31.03 48.89 16.30
C5 FUC H . -30.90 47.91 15.11
C6 FUC H . -29.59 47.10 15.12
O2 FUC H . -29.25 51.73 14.58
O3 FUC H . -30.43 51.08 17.02
O4 FUC H . -30.12 48.52 17.32
O5 FUC H . -30.98 48.58 13.79
H2 FUC H . -28.80 49.88 15.26
H3 FUC H . -31.72 50.74 15.41
H4 FUC H . -32.07 48.81 16.67
H5 FUC H . -31.76 47.22 15.17
H61 FUC H . -28.73 47.78 15.09
H62 FUC H . -29.56 46.43 14.25
H63 FUC H . -29.54 46.50 16.03
HO2 FUC H . -28.32 51.68 14.33
HO3 FUC H . -30.80 51.96 16.90
HO4 FUC H . -30.67 48.24 18.06
C1 NAG I . 22.88 -21.87 13.26
C2 NAG I . 23.35 -22.50 14.56
C3 NAG I . 22.44 -22.06 15.70
C4 NAG I . 22.21 -20.55 15.70
C5 NAG I . 21.93 -20.00 14.30
C6 NAG I . 22.02 -18.48 14.25
C7 NAG I . 24.53 -24.65 14.56
C8 NAG I . 24.40 -26.14 14.43
N2 NAG I . 23.39 -23.95 14.46
O3 NAG I . 23.07 -22.44 16.92
O4 NAG I . 21.00 -20.32 16.42
O5 NAG I . 22.90 -20.48 13.37
O6 NAG I . 23.37 -18.04 14.23
O7 NAG I . 25.61 -24.10 14.74
H2 NAG I . 24.25 -22.17 14.74
H3 NAG I . 21.59 -22.52 15.63
H4 NAG I . 22.95 -20.08 16.12
H5 NAG I . 21.04 -20.28 14.02
H61 NAG I . 21.57 -18.12 15.03
H62 NAG I . 21.56 -18.17 13.44
H81 NAG I . 24.02 -26.36 13.57
H82 NAG I . 23.82 -26.47 15.14
H83 NAG I . 25.28 -26.55 14.52
HN2 NAG I . 22.61 -24.40 14.33
HO3 NAG I . 22.47 -22.50 17.57
C1 NAG I . 21.06 -19.37 17.49
C2 NAG I . 21.25 -20.24 18.75
C3 NAG I . 22.50 -19.82 19.56
C4 NAG I . 22.66 -18.31 19.70
C5 NAG I . 22.10 -17.58 18.48
C6 NAG I . 22.91 -16.36 18.08
C7 NAG I . 19.43 -21.32 20.03
C8 NAG I . 20.03 -22.64 19.63
N2 NAG I . 20.06 -20.23 19.59
O3 NAG I . 23.66 -20.36 18.92
O4 NAG I . 21.99 -17.79 20.84
O5 NAG I . 22.12 -18.47 17.37
O6 NAG I . 24.30 -16.63 18.05
O7 NAG I . 18.42 -21.25 20.72
H2 NAG I . 21.40 -21.15 18.45
H3 NAG I . 22.44 -20.22 20.45
H4 NAG I . 23.61 -18.11 19.77
H5 NAG I . 21.19 -17.31 18.66
H61 NAG I . 22.62 -16.07 17.20
H62 NAG I . 22.74 -15.65 18.73
H81 NAG I . 19.49 -23.37 20.00
H82 NAG I . 20.05 -22.71 18.66
H83 NAG I . 20.93 -22.71 19.98
HN2 NAG I . 19.71 -19.41 19.81
HO3 NAG I . 24.36 -20.25 19.45
HO6 NAG I . 24.75 -15.87 18.03
C1 BMA I . 22.19 -18.53 22.05
C2 BMA I . 22.88 -17.67 23.11
C3 BMA I . 23.12 -18.53 24.35
C4 BMA I . 21.82 -19.25 24.82
C5 BMA I . 20.90 -19.75 23.64
C6 BMA I . 19.44 -19.76 24.04
O2 BMA I . 22.04 -16.60 23.52
O3 BMA I . 23.66 -17.73 25.41
O4 BMA I . 22.16 -20.36 25.63
O5 BMA I . 20.93 -18.88 22.53
O6 BMA I . 19.09 -18.40 24.29
H2 BMA I . 23.83 -17.29 22.71
H3 BMA I . 23.87 -19.30 24.13
H4 BMA I . 21.23 -18.51 25.40
H5 BMA I . 21.19 -20.77 23.35
HO2 BMA I . 22.62 -15.84 23.66
HO4 BMA I . 21.63 -20.28 26.43
C1 MAN I . 25.11 -17.84 25.45
C2 MAN I . 25.59 -17.81 26.94
C3 MAN I . 25.41 -16.42 27.55
C4 MAN I . 26.09 -15.35 26.67
C5 MAN I . 25.58 -15.44 25.22
C6 MAN I . 26.35 -14.52 24.28
O2 MAN I . 26.98 -18.10 27.05
O3 MAN I . 25.92 -16.35 28.87
O4 MAN I . 25.80 -14.07 27.19
O5 MAN I . 25.72 -16.79 24.70
O6 MAN I . 26.97 -13.50 25.06
H2 MAN I . 24.99 -18.54 27.51
H3 MAN I . 24.35 -16.19 27.61
H4 MAN I . 27.17 -15.55 26.66
H5 MAN I . 24.52 -15.13 25.20
H61 MAN I . 25.65 -14.10 23.55
H62 MAN I . 27.09 -15.14 23.75
HO2 MAN I . 27.12 -19.05 26.99
HO3 MAN I . 25.23 -16.72 29.44
HO4 MAN I . 26.44 -13.92 27.90
HO6 MAN I . 27.25 -12.81 24.46
C1 MAN I . 17.76 -18.07 23.80
C2 MAN I . 17.85 -17.70 22.27
C3 MAN I . 17.88 -16.19 22.09
C4 MAN I . 16.65 -15.50 22.71
C5 MAN I . 16.18 -16.19 24.02
C6 MAN I . 14.93 -17.06 23.87
O2 MAN I . 16.69 -18.16 21.55
O3 MAN I . 17.97 -15.84 20.71
O4 MAN I . 16.96 -14.15 23.00
O5 MAN I . 17.24 -17.02 24.59
O6 MAN I . 13.94 -16.30 23.18
H1 MAN I . 17.08 -18.92 23.96
H2 MAN I . 18.76 -18.14 21.86
H3 MAN I . 18.77 -15.80 22.58
H4 MAN I . 15.81 -15.57 21.98
H5 MAN I . 15.93 -15.40 24.74
H61 MAN I . 15.20 -17.97 23.31
H62 MAN I . 14.60 -17.36 24.87
HO2 MAN I . 16.85 -19.06 21.24
HO3 MAN I . 18.88 -16.07 20.45
HO4 MAN I . 16.79 -13.67 22.17
HO6 MAN I . 13.24 -16.92 22.91
C1 FUC I . 23.52 -16.64 14.59
C2 FUC I . 24.99 -16.27 14.23
C3 FUC I . 25.33 -14.80 14.54
C4 FUC I . 24.11 -13.87 14.41
C5 FUC I . 23.01 -14.49 13.51
C6 FUC I . 21.75 -13.62 13.51
O2 FUC I . 25.30 -16.59 12.89
O3 FUC I . 25.81 -14.69 15.89
O4 FUC I . 23.58 -13.57 15.69
O5 FUC I . 22.59 -15.82 13.91
H2 FUC I . 25.64 -16.89 14.85
H3 FUC I . 26.11 -14.47 13.84
H4 FUC I . 24.45 -12.94 13.92
H5 FUC I . 23.43 -14.54 12.49
H61 FUC I . 21.97 -12.62 13.12
H62 FUC I . 21.36 -13.54 14.52
H63 FUC I . 20.98 -14.08 12.87
HO2 FUC I . 25.99 -17.28 12.92
HO3 FUC I . 26.73 -14.42 15.82
HO4 FUC I . 23.84 -12.65 15.86
C1 NAG J . 53.83 -23.72 3.58
C2 NAG J . 53.78 -24.41 4.95
C3 NAG J . 54.71 -25.62 4.97
C4 NAG J . 54.55 -26.49 3.73
C5 NAG J . 54.49 -25.68 2.44
C6 NAG J . 54.08 -26.55 1.28
C7 NAG J . 54.07 -23.85 7.31
C8 NAG J . 54.51 -22.80 8.30
N2 NAG J . 54.12 -23.49 6.03
O3 NAG J . 54.41 -26.41 6.11
O4 NAG J . 55.64 -27.40 3.65
O5 NAG J . 53.51 -24.65 2.56
O6 NAG J . 53.57 -25.83 0.17
O7 NAG J . 53.69 -24.95 7.67
H2 NAG J . 52.86 -24.73 5.10
H3 NAG J . 55.64 -25.31 5.03
H4 NAG J . 53.72 -27.00 3.82
H5 NAG J . 55.36 -25.29 2.26
H61 NAG J . 54.85 -27.06 0.98
H62 NAG J . 53.39 -27.18 1.59
H81 NAG J . 53.94 -22.01 8.21
H82 NAG J . 54.43 -23.16 9.20
H83 NAG J . 55.43 -22.56 8.12
HN2 NAG J . 54.43 -22.66 5.81
HO3 NAG J . 53.61 -26.78 6.01
C1 NAG J . 54.97 -28.64 3.89
C2 NAG J . 55.90 -29.82 3.72
C3 NAG J . 55.10 -31.08 3.93
C4 NAG J . 54.49 -31.09 5.33
C5 NAG J . 53.75 -29.78 5.65
C6 NAG J . 53.50 -29.61 7.13
C7 NAG J . 55.94 -29.93 1.25
C8 NAG J . 56.83 -29.93 0.05
N2 NAG J . 56.57 -29.83 2.44
O3 NAG J . 55.91 -32.24 3.76
O4 NAG J . 53.56 -32.16 5.40
O5 NAG J . 54.49 -28.62 5.25
O6 NAG J . 54.70 -29.70 7.88
O7 NAG J . 54.73 -30.03 1.16
H2 NAG J . 56.58 -29.77 4.42
H3 NAG J . 54.37 -31.11 3.27
H4 NAG J . 55.19 -31.23 5.99
H5 NAG J . 52.89 -29.78 5.19
H61 NAG J . 53.10 -28.73 7.29
H62 NAG J . 52.88 -30.29 7.44
H81 NAG J . 57.45 -30.69 0.08
H82 NAG J . 57.34 -29.10 0.01
H83 NAG J . 56.28 -30.01 -0.76
HN2 NAG J . 57.48 -29.76 2.43
HO3 NAG J . 55.52 -32.79 3.18
HO6 NAG J . 54.52 -29.97 8.71
C1 BMA J . 54.01 -33.27 6.21
C2 BMA J . 53.08 -34.49 5.93
C3 BMA J . 53.47 -35.58 6.92
C4 BMA J . 54.96 -35.95 6.72
C5 BMA J . 55.87 -34.69 6.83
C6 BMA J . 57.35 -34.97 6.48
O2 BMA J . 53.32 -35.02 4.64
O3 BMA J . 52.64 -36.80 6.86
O4 BMA J . 55.34 -36.90 7.69
O5 BMA J . 55.38 -33.64 5.94
O6 BMA J . 57.55 -34.94 5.06
H2 BMA J . 52.04 -34.19 6.06
H3 BMA J . 53.36 -35.20 7.95
H4 BMA J . 55.06 -36.35 5.70
H5 BMA J . 55.84 -34.31 7.86
HO2 BMA J . 52.72 -34.56 4.05
HO4 BMA J . 55.40 -37.75 7.21
C1 MAN J . 51.32 -36.77 7.48
C2 MAN J . 51.35 -36.52 9.02
C3 MAN J . 52.09 -37.65 9.72
C4 MAN J . 51.49 -39.02 9.36
C5 MAN J . 51.30 -39.19 7.83
C6 MAN J . 50.46 -40.42 7.48
O2 MAN J . 50.04 -36.55 9.57
O3 MAN J . 52.06 -37.48 11.13
O4 MAN J . 52.38 -40.05 9.82
O5 MAN J . 50.66 -38.01 7.24
O6 MAN J . 49.35 -40.49 8.38
H2 MAN J . 51.86 -35.56 9.21
H3 MAN J . 53.15 -37.64 9.42
H4 MAN J . 50.51 -39.11 9.84
H5 MAN J . 52.29 -39.33 7.38
H61 MAN J . 51.09 -41.31 7.56
H62 MAN J . 50.14 -40.32 6.44
HO2 MAN J . 49.71 -35.64 9.64
HO3 MAN J . 52.88 -37.00 11.35
HO4 MAN J . 52.19 -40.13 10.76
HO6 MAN J . 48.88 -41.32 8.20
C1 MAN J . 58.75 -34.17 4.78
C2 MAN J . 58.63 -33.58 3.30
C3 MAN J . 59.08 -34.57 2.22
C4 MAN J . 60.37 -35.26 2.59
C5 MAN J . 60.19 -35.95 3.93
C6 MAN J . 61.42 -36.75 4.35
O2 MAN J . 59.44 -32.41 3.14
O3 MAN J . 59.20 -33.91 0.96
O4 MAN J . 60.70 -36.22 1.60
O5 MAN J . 59.93 -34.97 4.95
O6 MAN J . 62.54 -36.27 3.62
H1 MAN J . 58.86 -33.37 5.50
H2 MAN J . 57.58 -33.34 3.14
H3 MAN J . 58.30 -35.33 2.10
H4 MAN J . 61.17 -34.50 2.69
H5 MAN J . 59.34 -36.65 3.87
H61 MAN J . 61.23 -37.81 4.16
H62 MAN J . 61.55 -36.61 5.43
HO2 MAN J . 58.99 -31.66 3.55
HO3 MAN J . 58.29 -33.79 0.64
HO4 MAN J . 61.02 -35.71 0.84
HO6 MAN J . 63.34 -36.48 4.11
C1 FUC J . 53.14 -26.88 -0.71
C2 FUC J . 51.62 -26.68 -1.00
C3 FUC J . 51.25 -27.16 -2.40
C4 FUC J . 52.13 -28.35 -2.81
C5 FUC J . 53.60 -27.91 -2.90
C6 FUC J . 54.58 -29.07 -2.74
O2 FUC J . 51.22 -25.34 -0.79
O3 FUC J . 49.90 -27.61 -2.42
O4 FUC J . 51.98 -29.41 -1.88
O5 FUC J . 53.94 -26.91 -1.90
H2 FUC J . 51.07 -27.29 -0.28
H3 FUC J . 51.40 -26.34 -3.12
H4 FUC J . 51.83 -28.68 -3.82
H5 FUC J . 53.72 -27.44 -3.88
H61 FUC J . 54.42 -29.81 -3.55
H62 FUC J . 54.44 -29.55 -1.77
H63 FUC J . 55.62 -28.70 -2.81
HO2 FUC J . 50.40 -25.38 -0.28
HO3 FUC J . 49.45 -27.07 -3.09
HO4 FUC J . 51.29 -29.98 -2.26
CA CA K . -84.42 42.40 8.86
CA CA L . -81.74 41.25 11.68
CA CA M . -76.75 36.70 11.69
CA CA N . -40.04 20.34 -0.95
CA CA O . -39.29 22.77 -4.03
CA CA P . -33.27 22.06 -6.81
CA CA Q . -2.50 2.50 -27.28
CA CA R . -2.45 -1.98 -26.73
CA CA S . 1.39 -6.22 -29.64
C1 MAN T . -74.95 26.80 9.89
C2 MAN T . -75.52 26.60 11.30
C3 MAN T . -74.70 25.55 12.07
C4 MAN T . -74.53 24.27 11.25
C5 MAN T . -73.91 24.60 9.88
C6 MAN T . -73.81 23.37 9.00
O2 MAN T . -76.85 26.09 11.25
O3 MAN T . -75.29 25.25 13.33
O4 MAN T . -73.68 23.36 11.94
O5 MAN T . -74.73 25.58 9.20
O6 MAN T . -73.16 23.74 7.79
H1 MAN T . -75.69 27.33 9.26
H2 MAN T . -75.48 27.56 11.83
H3 MAN T . -73.71 25.96 12.28
H4 MAN T . -75.53 23.82 11.08
H5 MAN T . -72.90 25.00 10.03
H61 MAN T . -74.82 22.99 8.81
H62 MAN T . -73.24 22.60 9.54
HO2 MAN T . -77.03 25.59 12.06
HO3 MAN T . -74.59 24.84 13.85
HO4 MAN T . -74.20 23.06 12.70
HO6 MAN T . -73.24 22.99 7.17
C1 MAN U . -72.11 27.16 3.05
C2 MAN U . -73.07 26.91 4.21
C3 MAN U . -72.70 25.63 4.95
C4 MAN U . -72.56 24.45 3.97
C5 MAN U . -71.57 24.81 2.85
C6 MAN U . -71.50 23.74 1.77
O2 MAN U . -74.41 26.70 3.74
O3 MAN U . -73.63 25.31 5.97
O4 MAN U . -72.09 23.31 4.66
O5 MAN U . -72.00 26.03 2.21
O6 MAN U . -70.40 22.89 2.05
H1 MAN U . -72.51 27.94 2.39
H2 MAN U . -73.03 27.77 4.89
H3 MAN U . -71.73 25.78 5.45
H4 MAN U . -73.55 24.26 3.52
H5 MAN U . -70.57 24.94 3.28
H61 MAN U . -71.38 24.24 0.79
H62 MAN U . -72.45 23.20 1.76
HO2 MAN U . -74.85 26.07 4.33
HO3 MAN U . -73.96 24.43 5.75
HO4 MAN U . -72.32 22.55 4.09
HO6 MAN U . -70.46 22.13 1.46
CA CA V . 30.80 -47.33 -29.60
CA CA W . 31.31 -43.52 -28.78
CA CA X . 27.16 -38.32 -27.82
CA CA Y . -2.65 -16.37 -7.97
CA CA Z . -3.65 -19.00 -5.25
CA CA AA . -7.53 -16.95 -0.53
CA CA BA . -44.10 -1.37 13.86
CA CA CA . -46.21 1.13 11.18
CA CA DA . -52.11 3.68 12.05
C1 MAN EA . 19.32 -33.57 -32.49
C2 MAN EA . 20.52 -32.91 -33.20
C3 MAN EA . 20.45 -31.39 -33.04
C4 MAN EA . 19.06 -30.86 -33.43
C5 MAN EA . 17.97 -31.58 -32.63
C6 MAN EA . 16.57 -31.16 -33.05
O2 MAN EA . 20.47 -33.15 -34.61
O3 MAN EA . 21.45 -30.73 -33.79
O4 MAN EA . 18.99 -29.46 -33.16
O5 MAN EA . 18.08 -32.99 -32.84
O6 MAN EA . 15.63 -31.83 -32.21
H1 MAN EA . 19.23 -34.62 -32.82
H2 MAN EA . 21.44 -33.29 -32.76
H3 MAN EA . 20.62 -31.14 -31.99
H4 MAN EA . 18.90 -31.06 -34.50
H5 MAN EA . 18.09 -31.34 -31.57
H61 MAN EA . 16.42 -31.43 -34.11
H62 MAN EA . 16.50 -30.08 -32.96
HO2 MAN EA . 20.83 -32.36 -35.06
HO3 MAN EA . 21.20 -29.79 -33.81
HO4 MAN EA . 19.24 -29.03 -34.00
HO6 MAN EA . 14.78 -31.84 -32.67
C1 MAN FA . 13.67 -36.28 -28.65
C2 MAN FA . 14.80 -35.98 -29.65
C3 MAN FA . 14.62 -34.57 -30.22
C4 MAN FA . 13.20 -34.38 -30.77
C5 MAN FA . 12.17 -34.73 -29.67
C6 MAN FA . 10.74 -34.68 -30.17
O2 MAN FA . 14.72 -36.86 -30.78
O3 MAN FA . 15.58 -34.30 -31.24
O4 MAN FA . 13.02 -33.03 -31.16
O5 MAN FA . 12.40 -36.06 -29.19
O6 MAN FA . 10.20 -33.40 -29.87
H1 MAN FA . 13.67 -37.35 -28.40
H2 MAN FA . 15.76 -36.07 -29.15
H3 MAN FA . 14.79 -33.84 -29.43
H4 MAN FA . 13.05 -35.07 -31.62
H5 MAN FA . 12.26 -34.00 -28.85
H61 MAN FA . 10.17 -35.49 -29.69
H62 MAN FA . 10.76 -34.87 -31.26
HO2 MAN FA . 15.22 -36.47 -31.52
HO3 MAN FA . 15.07 -33.91 -31.97
HO4 MAN FA . 12.41 -33.06 -31.92
HO6 MAN FA . 9.57 -33.17 -30.56
CA CA GA . 14.91 14.91 -7.89
CA CA HA . 12.35 12.84 -5.70
CA CA IA . 7.67 14.84 -1.33
CA CA JA . -28.81 34.17 8.51
CA CA KA . -29.50 35.79 4.80
CA CA LA . -35.44 38.78 4.19
CA CA MA . -65.98 65.54 13.82
CA CA NA . -65.74 66.91 17.82
CA CA OA . -69.79 71.63 20.19
C1 MAN PA . 5.74 20.61 7.08
C2 MAN PA . 6.28 19.39 7.87
C3 MAN PA . 5.22 18.83 8.83
C4 MAN PA . 4.61 19.94 9.69
C5 MAN PA . 4.06 21.06 8.79
C6 MAN PA . 3.54 22.23 9.59
O2 MAN PA . 7.38 19.76 8.72
O3 MAN PA . 5.74 17.80 9.66
O4 MAN PA . 3.55 19.41 10.48
O5 MAN PA . 5.12 21.56 7.93
O6 MAN PA . 3.00 23.19 8.69
H1 MAN PA . 6.57 21.16 6.62
H2 MAN PA . 6.59 18.62 7.16
H3 MAN PA . 4.41 18.37 8.23
H4 MAN PA . 5.40 20.36 10.33
H5 MAN PA . 3.24 20.66 8.18
H61 MAN PA . 4.37 22.66 10.18
H62 MAN PA . 2.78 21.86 10.30
HO2 MAN PA . 7.56 19.04 9.34
HO3 MAN PA . 4.98 17.48 10.18
HO4 MAN PA . 3.97 19.05 11.26
HO6 MAN PA . 3.48 24.01 8.81
C1 MAN QA . 3.10 26.40 3.88
C2 MAN QA . 4.06 25.38 4.54
C3 MAN QA . 3.63 25.10 5.97
C4 MAN QA . 3.44 26.40 6.75
C5 MAN QA . 2.47 27.34 5.99
C6 MAN QA . 2.34 28.71 6.63
O2 MAN QA . 5.39 25.91 4.64
O3 MAN QA . 4.55 24.25 6.65
O4 MAN QA . 2.92 26.13 8.04
O5 MAN QA . 2.95 27.55 4.64
O6 MAN QA . 1.20 28.69 7.48
H1 MAN QA . 3.53 26.76 2.94
H2 MAN QA . 4.05 24.45 3.96
H3 MAN QA . 2.67 24.56 5.96
H4 MAN QA . 4.43 26.91 6.82
H5 MAN QA . 1.48 26.88 5.97
H61 MAN QA . 2.25 29.46 5.84
H62 MAN QA . 3.27 28.90 7.19
HO2 MAN QA . 5.87 25.43 5.33
HO3 MAN QA . 4.92 24.80 7.37
HO4 MAN QA . 3.01 26.96 8.53
HO6 MAN QA . 1.07 29.60 7.79
CA CA RA . -26.94 14.35 32.07
CA CA SA . -25.78 15.27 28.29
CA CA TA . -20.10 14.19 24.99
CA CA UA . 8.77 -11.31 7.60
CA CA VA . 7.31 -14.93 8.83
CA CA WA . 10.30 -20.43 6.41
CA CA XA . 41.95 -46.34 -1.75
CA CA YA . 45.79 -44.34 -1.61
CA CA ZA . 51.48 -47.52 -2.22
C1 MAN AB . -9.94 15.21 25.66
C2 MAN AB . -10.23 16.63 25.13
C3 MAN AB . -9.37 16.93 23.91
C4 MAN AB . -7.89 16.61 24.18
C5 MAN AB . -7.74 15.16 24.66
C6 MAN AB . -6.31 14.83 25.05
O2 MAN AB . -9.88 17.63 26.09
O3 MAN AB . -9.51 18.28 23.48
O4 MAN AB . -7.13 16.79 23.00
O5 MAN AB . -8.57 14.96 25.83
O6 MAN AB . -6.26 13.45 25.41
H1 MAN AB . -10.36 15.10 26.68
H2 MAN AB . -11.29 16.70 24.86
H3 MAN AB . -9.70 16.29 23.08
H4 MAN AB . -7.54 17.29 24.99
H5 MAN AB . -8.05 14.49 23.86
H61 MAN AB . -6.01 15.48 25.88
H62 MAN AB . -5.67 15.05 24.19
HO2 MAN AB . -9.71 18.46 25.65
HO3 MAN AB . -9.13 18.31 22.59
HO4 MAN AB . -7.17 17.74 22.81
HO6 MAN AB . -5.56 13.35 26.07
C1 MAN BB . -7.99 8.81 27.85
C2 MAN BB . -8.37 10.30 27.85
C3 MAN BB . -7.25 11.12 27.22
C4 MAN BB . -5.91 10.79 27.88
C5 MAN BB . -5.64 9.28 27.84
C6 MAN BB . -4.40 8.87 28.59
O2 MAN BB . -8.51 10.81 29.17
O3 MAN BB . -7.51 12.52 27.29
O4 MAN BB . -4.86 11.47 27.21
O5 MAN BB . -6.75 8.57 28.44
O6 MAN BB . -3.32 8.80 27.67
H1 MAN BB . -8.70 8.25 28.48
H2 MAN BB . -9.30 10.43 27.27
H3 MAN BB . -7.17 10.86 26.15
H4 MAN BB . -5.96 11.11 28.94
H5 MAN BB . -5.52 8.97 26.79
H61 MAN BB . -4.58 7.91 29.09
H62 MAN BB . -4.21 9.63 29.36
HO2 MAN BB . -8.17 11.71 29.21
HO3 MAN BB . -6.72 12.89 27.73
HO4 MAN BB . -4.07 11.36 27.76
HO6 MAN BB . -2.64 8.21 28.05
CA CA CB . 101.77 -59.45 -18.87
CA CA DB . 100.21 -57.11 -21.74
CA CA EB . 94.26 -54.05 -22.46
CA CA FB . 66.33 -24.99 -10.27
CA CA GB . 67.81 -23.90 -6.92
CA CA HB . 65.20 -18.84 -3.53
CA CA IB . 35.13 2.13 17.08
CA CA JB . 31.25 1.06 15.72
CA CA KB . 25.83 3.25 18.52
C1 MAN LB . 84.01 -54.88 -22.20
C2 MAN LB . 84.16 -55.41 -23.65
C3 MAN LB . 83.48 -54.46 -24.65
C4 MAN LB . 82.05 -54.13 -24.21
C5 MAN LB . 82.05 -53.57 -22.78
C6 MAN LB . 80.65 -53.32 -22.26
O2 MAN LB . 83.50 -56.66 -23.82
O3 MAN LB . 83.48 -55.01 -25.97
O4 MAN LB . 81.48 -53.17 -25.10
O5 MAN LB . 82.68 -54.52 -21.88
O6 MAN LB . 80.77 -52.72 -20.97
H1 MAN LB . 84.24 -55.69 -21.49
H2 MAN LB . 85.23 -55.49 -23.89
H3 MAN LB . 84.05 -53.52 -24.69
H4 MAN LB . 81.46 -55.08 -24.21
H5 MAN LB . 82.60 -52.62 -22.77
H61 MAN LB . 80.11 -54.28 -22.22
H62 MAN LB . 80.14 -52.65 -22.97
HO2 MAN LB . 83.35 -56.82 -24.76
HO3 MAN LB . 83.05 -54.33 -26.52
HO4 MAN LB . 80.96 -53.69 -25.73
HO6 MAN LB . 80.37 -53.34 -20.33
C1 MAN MB . 82.65 -53.13 -15.29
C2 MAN MB . 83.02 -54.06 -16.47
C3 MAN MB . 82.03 -53.87 -17.60
C4 MAN MB . 80.58 -54.05 -17.10
C5 MAN MB . 80.33 -53.08 -15.92
C6 MAN MB . 78.97 -53.29 -15.28
O2 MAN MB . 82.94 -55.43 -16.10
O3 MAN MB . 82.28 -54.79 -18.67
O4 MAN MB . 79.68 -53.76 -18.15
O5 MAN MB . 81.32 -53.30 -14.89
O6 MAN MB . 78.06 -52.36 -15.86
H1 MAN MB . 83.23 -53.42 -14.40
H2 MAN MB . 84.04 -53.80 -16.81
H3 MAN MB . 82.13 -52.87 -18.02
H4 MAN MB . 80.46 -55.08 -16.73
H5 MAN MB . 80.39 -52.05 -16.28
H61 MAN MB . 79.07 -53.14 -14.19
H62 MAN MB . 78.67 -54.33 -15.46
HO2 MAN MB . 82.84 -55.97 -16.89
HO3 MAN MB . 81.41 -55.18 -18.89
HO4 MAN MB . 78.89 -54.31 -17.97
HO6 MAN MB . 77.17 -52.62 -15.59
#